data_2LLI
#
_entry.id   2LLI
#
loop_
_entity.id
_entity.type
_entity.pdbx_description
1 polymer 'Protein AIR2'
2 non-polymer 'ZINC ION'
#
_entity_poly.entity_id   1
_entity_poly.type   'polypeptide(L)'
_entity_poly.pdbx_seq_one_letter_code
;KEAAPKCNNCSQRGHLKKDCPHIICSYCGATDDHYSRHCPKAIQCSKCDEVGHYRSQCPHKWKKVQCTLCKSKKHSKERC
PSIWRAYILVDDNEKAKPKVLPFHTIYCYNCGGKGHFGDDCKEK
;
_entity_poly.pdbx_strand_id   A
#
loop_
_chem_comp.id
_chem_comp.type
_chem_comp.name
_chem_comp.formula
ZN non-polymer 'ZINC ION' 'Zn 2'
#
# COMPACT_ATOMS: atom_id res chain seq x y z
N LYS A 1 -9.36 -11.71 7.80
CA LYS A 1 -9.06 -10.28 7.49
C LYS A 1 -8.79 -9.49 8.77
N GLU A 2 -9.80 -9.27 9.61
CA GLU A 2 -9.67 -8.73 11.00
C GLU A 2 -8.97 -7.35 11.10
N ALA A 3 -9.05 -6.52 10.06
CA ALA A 3 -8.30 -5.27 9.96
C ALA A 3 -8.97 -4.10 10.69
N ALA A 4 -8.36 -3.63 11.78
CA ALA A 4 -8.68 -2.36 12.43
C ALA A 4 -8.28 -1.12 11.58
N PRO A 5 -7.03 -1.00 11.06
CA PRO A 5 -6.60 0.17 10.30
C PRO A 5 -7.11 0.22 8.85
N LYS A 6 -7.15 -0.95 8.19
CA LYS A 6 -7.38 -1.25 6.76
C LYS A 6 -6.56 -0.48 5.70
N CYS A 7 -6.35 0.84 5.83
CA CYS A 7 -5.49 1.68 4.97
C CYS A 7 -5.07 2.98 5.68
N ASN A 8 -4.00 3.65 5.21
CA ASN A 8 -3.61 4.97 5.73
C ASN A 8 -4.58 6.10 5.31
N ASN A 9 -5.24 5.98 4.15
CA ASN A 9 -6.12 7.00 3.58
C ASN A 9 -7.09 6.48 2.49
N CYS A 10 -6.68 5.51 1.66
CA CYS A 10 -7.43 5.08 0.46
C CYS A 10 -8.66 4.20 0.77
N SER A 11 -8.68 3.56 1.93
CA SER A 11 -9.81 2.80 2.52
C SER A 11 -10.39 1.61 1.74
N GLN A 12 -9.72 1.14 0.67
CA GLN A 12 -10.24 0.07 -0.21
C GLN A 12 -9.25 -1.05 -0.55
N ARG A 13 -7.99 -0.97 -0.09
CA ARG A 13 -6.87 -1.89 -0.46
C ARG A 13 -6.20 -2.49 0.78
N GLY A 14 -5.49 -3.60 0.60
CA GLY A 14 -4.91 -4.40 1.70
C GLY A 14 -3.79 -3.71 2.50
N HIS A 15 -3.17 -2.67 1.93
CA HIS A 15 -2.08 -1.92 2.59
C HIS A 15 -2.58 -0.96 3.69
N LEU A 16 -2.61 -1.44 4.94
CA LEU A 16 -2.86 -0.68 6.18
C LEU A 16 -1.86 0.47 6.41
N LYS A 17 -2.02 1.22 7.51
CA LYS A 17 -1.32 2.49 7.83
C LYS A 17 0.17 2.51 7.45
N LYS A 18 0.97 1.64 8.08
CA LYS A 18 2.42 1.47 7.83
C LYS A 18 2.78 0.65 6.58
N ASP A 19 1.80 -0.03 5.99
CA ASP A 19 1.97 -0.80 4.75
C ASP A 19 1.92 0.11 3.50
N CYS A 20 1.05 1.14 3.52
CA CYS A 20 0.78 2.03 2.40
C CYS A 20 2.02 2.81 1.86
N PRO A 21 2.97 3.26 2.69
CA PRO A 21 4.21 3.90 2.21
C PRO A 21 5.19 2.95 1.52
N HIS A 22 5.04 1.63 1.70
CA HIS A 22 5.88 0.58 1.13
C HIS A 22 5.27 0.01 -0.17
N ILE A 23 6.12 -0.46 -1.09
CA ILE A 23 5.71 -0.98 -2.41
C ILE A 23 5.35 -2.48 -2.31
N ILE A 24 4.37 -2.76 -1.45
CA ILE A 24 3.80 -4.07 -1.15
C ILE A 24 2.68 -4.37 -2.15
N CYS A 25 2.65 -5.57 -2.72
CA CYS A 25 1.63 -5.97 -3.69
C CYS A 25 0.22 -5.94 -3.06
N SER A 26 -0.80 -5.52 -3.81
CA SER A 26 -2.08 -5.01 -3.29
C SER A 26 -2.82 -5.88 -2.27
N TYR A 27 -2.67 -7.20 -2.34
CA TYR A 27 -3.23 -8.12 -1.33
C TYR A 27 -2.34 -9.32 -0.98
N CYS A 28 -1.06 -9.33 -1.40
CA CYS A 28 -0.15 -10.45 -1.11
C CYS A 28 0.13 -10.62 0.38
N GLY A 29 0.47 -9.52 1.07
CA GLY A 29 1.28 -9.59 2.28
C GLY A 29 1.31 -8.33 3.14
N ALA A 30 2.03 -8.43 4.26
CA ALA A 30 2.35 -7.33 5.17
C ALA A 30 3.85 -7.02 5.11
N THR A 31 4.22 -5.74 5.11
CA THR A 31 5.60 -5.23 5.11
C THR A 31 6.45 -5.75 6.29
N ASP A 32 5.81 -6.23 7.36
CA ASP A 32 6.49 -6.89 8.49
C ASP A 32 7.16 -8.24 8.12
N ASP A 33 6.78 -8.87 7.01
CA ASP A 33 7.25 -10.19 6.56
C ASP A 33 7.52 -10.30 5.03
N HIS A 34 6.73 -9.61 4.22
CA HIS A 34 6.75 -9.67 2.76
C HIS A 34 8.05 -9.08 2.18
N TYR A 35 8.75 -9.87 1.37
CA TYR A 35 10.07 -9.55 0.80
C TYR A 35 10.30 -10.36 -0.50
N SER A 36 11.34 -10.03 -1.26
CA SER A 36 11.72 -10.67 -2.54
C SER A 36 12.09 -12.14 -2.45
N ARG A 37 12.32 -12.67 -1.24
CA ARG A 37 12.49 -14.10 -0.92
C ARG A 37 11.30 -14.71 -0.14
N HIS A 38 10.25 -13.94 0.11
CA HIS A 38 9.11 -14.32 0.98
C HIS A 38 7.71 -13.95 0.43
N CYS A 39 7.63 -13.36 -0.77
CA CYS A 39 6.42 -13.05 -1.52
C CYS A 39 5.30 -14.13 -1.44
N PRO A 40 5.56 -15.44 -1.70
CA PRO A 40 4.55 -16.50 -1.61
C PRO A 40 4.18 -16.97 -0.19
N LYS A 41 4.89 -16.51 0.86
CA LYS A 41 4.74 -16.93 2.26
C LYS A 41 3.96 -15.94 3.14
N ALA A 42 3.40 -14.90 2.52
CA ALA A 42 2.73 -13.78 3.19
C ALA A 42 1.23 -14.05 3.48
N ILE A 43 0.40 -12.99 3.55
CA ILE A 43 -1.00 -13.03 4.02
C ILE A 43 -1.88 -14.04 3.26
N GLN A 44 -1.75 -14.17 1.93
CA GLN A 44 -2.57 -15.06 1.09
C GLN A 44 -1.79 -16.16 0.34
N CYS A 45 -2.48 -17.26 0.04
CA CYS A 45 -1.91 -18.46 -0.58
C CYS A 45 -1.79 -18.38 -2.11
N SER A 46 -2.74 -17.71 -2.77
CA SER A 46 -2.89 -17.68 -4.22
C SER A 46 -3.71 -16.45 -4.67
N LYS A 47 -4.36 -16.50 -5.86
CA LYS A 47 -5.28 -15.51 -6.40
C LYS A 47 -6.54 -15.31 -5.54
N CYS A 48 -6.92 -16.32 -4.76
CA CYS A 48 -7.98 -16.25 -3.76
C CYS A 48 -7.46 -15.81 -2.37
N ASP A 49 -8.36 -15.24 -1.55
CA ASP A 49 -8.02 -14.50 -0.34
C ASP A 49 -7.55 -15.36 0.85
N GLU A 50 -6.46 -14.91 1.49
CA GLU A 50 -5.80 -15.45 2.69
C GLU A 50 -5.25 -16.90 2.61
N VAL A 51 -4.15 -17.19 3.33
CA VAL A 51 -3.73 -18.56 3.69
C VAL A 51 -4.66 -19.15 4.75
N GLY A 52 -5.46 -18.29 5.40
CA GLY A 52 -6.30 -18.54 6.56
C GLY A 52 -7.58 -19.37 6.33
N HIS A 53 -7.65 -20.12 5.23
CA HIS A 53 -8.76 -21.03 4.94
C HIS A 53 -8.27 -22.32 4.23
N TYR A 54 -9.07 -23.39 4.38
CA TYR A 54 -8.83 -24.76 3.89
C TYR A 54 -7.56 -25.46 4.41
N ARG A 55 -7.67 -26.74 4.75
CA ARG A 55 -6.59 -27.55 5.37
C ARG A 55 -5.33 -27.58 4.49
N SER A 56 -4.17 -27.68 5.15
CA SER A 56 -2.84 -27.48 4.52
C SER A 56 -2.66 -26.11 3.86
N GLN A 57 -3.31 -25.09 4.43
CA GLN A 57 -3.25 -23.69 4.03
C GLN A 57 -3.61 -23.44 2.54
N CYS A 58 -4.69 -24.09 2.09
CA CYS A 58 -5.20 -24.10 0.70
C CYS A 58 -4.10 -24.45 -0.35
N PRO A 59 -3.70 -25.72 -0.47
CA PRO A 59 -2.69 -26.18 -1.44
C PRO A 59 -3.21 -26.13 -2.90
N HIS A 60 -2.29 -26.16 -3.86
CA HIS A 60 -2.62 -26.25 -5.29
C HIS A 60 -3.26 -27.61 -5.64
N LYS A 61 -4.28 -27.60 -6.52
CA LYS A 61 -5.02 -28.80 -6.97
C LYS A 61 -4.51 -29.28 -8.33
N TRP A 62 -3.74 -30.37 -8.32
CA TRP A 62 -3.36 -31.12 -9.52
C TRP A 62 -4.56 -31.88 -10.12
N LYS A 63 -4.47 -32.29 -11.40
CA LYS A 63 -5.55 -32.98 -12.14
C LYS A 63 -5.71 -34.48 -11.79
N LYS A 64 -5.00 -34.96 -10.75
CA LYS A 64 -4.97 -36.35 -10.23
C LYS A 64 -4.40 -37.38 -11.23
N VAL A 65 -4.15 -38.60 -10.73
CA VAL A 65 -3.61 -39.74 -11.50
C VAL A 65 -4.73 -40.51 -12.20
N GLN A 66 -4.43 -41.09 -13.38
CA GLN A 66 -5.38 -41.87 -14.17
C GLN A 66 -5.72 -43.21 -13.49
N CYS A 67 -4.73 -43.84 -12.83
CA CYS A 67 -4.95 -44.93 -11.91
C CYS A 67 -5.49 -44.46 -10.55
N THR A 68 -6.15 -45.40 -9.90
CA THR A 68 -7.09 -45.24 -8.79
C THR A 68 -6.53 -45.82 -7.48
N LEU A 69 -5.49 -46.64 -7.59
CA LEU A 69 -4.69 -47.17 -6.47
C LEU A 69 -3.49 -46.26 -6.13
N CYS A 70 -3.06 -45.43 -7.10
CA CYS A 70 -1.76 -44.74 -7.09
C CYS A 70 -1.83 -43.27 -6.63
N LYS A 71 -3.01 -42.66 -6.72
CA LYS A 71 -3.44 -41.34 -6.19
C LYS A 71 -2.66 -40.07 -6.64
N SER A 72 -1.35 -40.00 -6.46
CA SER A 72 -0.57 -38.75 -6.48
C SER A 72 0.40 -38.62 -7.66
N LYS A 73 0.21 -37.53 -8.43
CA LYS A 73 1.06 -36.93 -9.49
C LYS A 73 1.48 -37.80 -10.70
N LYS A 74 2.04 -38.99 -10.48
CA LYS A 74 2.85 -39.73 -11.47
C LYS A 74 2.04 -40.51 -12.53
N HIS A 75 2.66 -40.65 -13.70
CA HIS A 75 2.42 -41.65 -14.77
C HIS A 75 0.99 -41.78 -15.36
N SER A 76 0.89 -42.67 -16.36
CA SER A 76 -0.33 -43.04 -17.11
C SER A 76 -0.38 -44.55 -17.38
N LYS A 77 -1.51 -45.06 -17.87
CA LYS A 77 -1.74 -46.51 -18.11
C LYS A 77 -0.70 -47.15 -19.04
N GLU A 78 -0.15 -46.40 -20.01
CA GLU A 78 0.90 -46.88 -20.91
C GLU A 78 2.29 -47.00 -20.25
N ARG A 79 2.51 -46.33 -19.11
CA ARG A 79 3.72 -46.42 -18.27
C ARG A 79 3.51 -47.29 -17.01
N CYS A 80 2.27 -47.56 -16.63
CA CYS A 80 1.88 -48.44 -15.52
C CYS A 80 1.13 -49.71 -16.00
N PRO A 81 1.84 -50.82 -16.31
CA PRO A 81 1.24 -52.11 -16.63
C PRO A 81 0.38 -52.74 -15.52
N SER A 82 0.54 -52.29 -14.27
CA SER A 82 -0.07 -52.82 -13.04
C SER A 82 -1.59 -52.56 -12.86
N ILE A 83 -2.35 -52.57 -13.96
CA ILE A 83 -3.81 -52.47 -14.02
C ILE A 83 -4.35 -53.48 -15.03
N TRP A 84 -5.45 -54.18 -14.70
CA TRP A 84 -5.92 -55.35 -15.46
C TRP A 84 -6.50 -55.04 -16.86
N ARG A 85 -6.65 -53.75 -17.20
CA ARG A 85 -7.00 -53.27 -18.55
C ARG A 85 -5.79 -53.18 -19.50
N ALA A 86 -4.56 -53.22 -18.99
CA ALA A 86 -3.32 -53.23 -19.77
C ALA A 86 -2.95 -54.65 -20.25
N TYR A 87 -2.14 -54.73 -21.32
CA TYR A 87 -1.68 -55.99 -21.90
C TYR A 87 -0.56 -56.65 -21.07
N ILE A 88 -0.54 -57.98 -21.04
CA ILE A 88 0.50 -58.79 -20.37
C ILE A 88 1.66 -59.15 -21.30
N LEU A 89 2.84 -59.42 -20.72
CA LEU A 89 4.09 -59.73 -21.44
C LEU A 89 4.34 -61.25 -21.59
N VAL A 90 3.26 -62.05 -21.60
CA VAL A 90 3.27 -63.52 -21.69
C VAL A 90 2.19 -64.03 -22.66
N ASP A 91 2.36 -65.27 -23.14
CA ASP A 91 1.44 -65.98 -24.05
C ASP A 91 1.10 -65.26 -25.38
N ASP A 92 1.99 -64.37 -25.83
CA ASP A 92 1.95 -63.72 -27.14
C ASP A 92 2.40 -64.66 -28.28
N ASN A 93 1.92 -64.40 -29.51
CA ASN A 93 2.12 -65.29 -30.65
C ASN A 93 3.60 -65.33 -31.11
N GLU A 94 4.12 -66.55 -31.35
CA GLU A 94 5.52 -66.84 -31.71
C GLU A 94 5.61 -68.10 -32.59
N LYS A 95 6.74 -68.28 -33.29
CA LYS A 95 7.07 -69.48 -34.09
C LYS A 95 7.10 -70.77 -33.26
N ALA A 96 6.90 -71.91 -33.94
CA ALA A 96 6.83 -73.25 -33.34
C ALA A 96 7.52 -74.32 -34.21
N LYS A 97 7.58 -75.55 -33.70
CA LYS A 97 8.08 -76.78 -34.37
C LYS A 97 9.39 -76.63 -35.17
N PRO A 98 10.52 -76.22 -34.55
CA PRO A 98 11.80 -76.00 -35.22
C PRO A 98 12.55 -77.32 -35.53
N LYS A 99 12.00 -78.07 -36.50
CA LYS A 99 12.48 -79.37 -37.02
C LYS A 99 12.39 -79.40 -38.56
N VAL A 100 13.13 -80.34 -39.17
CA VAL A 100 13.12 -80.58 -40.63
C VAL A 100 11.75 -81.08 -41.13
N LEU A 101 11.40 -80.74 -42.38
CA LEU A 101 10.11 -81.10 -42.99
C LEU A 101 10.12 -82.50 -43.63
N PRO A 102 8.96 -83.16 -43.81
CA PRO A 102 8.84 -84.45 -44.51
C PRO A 102 9.28 -84.42 -45.98
N PHE A 103 9.59 -85.59 -46.54
CA PHE A 103 9.98 -85.77 -47.94
C PHE A 103 8.77 -85.79 -48.90
N HIS A 104 8.98 -85.41 -50.17
CA HIS A 104 7.94 -85.34 -51.21
C HIS A 104 7.76 -86.70 -51.92
N THR A 105 6.55 -86.95 -52.45
CA THR A 105 6.22 -88.18 -53.18
C THR A 105 6.56 -88.10 -54.67
N ILE A 106 7.14 -89.17 -55.22
CA ILE A 106 7.74 -89.21 -56.56
C ILE A 106 7.59 -90.59 -57.27
N TYR A 107 6.74 -91.47 -56.74
CA TYR A 107 6.88 -92.93 -56.88
C TYR A 107 6.07 -93.54 -58.06
N CYS A 108 6.25 -92.95 -59.24
CA CYS A 108 5.88 -93.41 -60.60
C CYS A 108 4.50 -94.08 -60.82
N TYR A 109 3.47 -93.68 -60.05
CA TYR A 109 2.10 -94.21 -60.05
C TYR A 109 1.98 -95.71 -59.68
N ASN A 110 3.09 -96.33 -59.29
CA ASN A 110 3.19 -97.75 -58.91
C ASN A 110 3.35 -97.94 -57.39
N CYS A 111 3.89 -96.93 -56.69
CA CYS A 111 4.12 -96.91 -55.24
C CYS A 111 3.92 -95.52 -54.59
N GLY A 112 3.23 -94.58 -55.25
CA GLY A 112 2.89 -93.25 -54.72
C GLY A 112 2.48 -92.25 -55.82
N GLY A 113 3.01 -91.03 -55.78
CA GLY A 113 2.90 -89.99 -56.82
C GLY A 113 3.65 -90.36 -58.11
N LYS A 114 3.99 -89.39 -58.97
CA LYS A 114 4.66 -89.63 -60.28
C LYS A 114 6.12 -89.15 -60.30
N GLY A 115 6.96 -89.81 -61.10
CA GLY A 115 8.40 -89.51 -61.19
C GLY A 115 9.29 -90.66 -61.65
N HIS A 116 10.01 -91.29 -60.71
CA HIS A 116 11.27 -91.99 -60.95
C HIS A 116 11.20 -93.31 -61.73
N PHE A 117 12.29 -93.62 -62.45
CA PHE A 117 12.65 -94.93 -63.03
C PHE A 117 11.53 -95.69 -63.78
N GLY A 118 10.55 -94.98 -64.36
CA GLY A 118 9.33 -95.55 -64.95
C GLY A 118 9.54 -96.57 -66.08
N ASP A 119 10.74 -96.61 -66.66
CA ASP A 119 11.17 -97.59 -67.66
C ASP A 119 11.22 -99.04 -67.14
N ASP A 120 11.56 -99.24 -65.86
CA ASP A 120 11.83 -100.55 -65.24
C ASP A 120 11.23 -100.73 -63.83
N CYS A 121 10.93 -99.64 -63.11
CA CYS A 121 10.23 -99.63 -61.83
C CYS A 121 8.70 -99.78 -62.03
N LYS A 122 8.32 -100.86 -62.72
CA LYS A 122 6.98 -101.21 -63.22
C LYS A 122 6.79 -102.72 -63.26
N GLU A 123 5.57 -103.19 -63.01
CA GLU A 123 5.19 -104.61 -63.08
C GLU A 123 4.03 -104.89 -64.05
N LYS A 124 3.02 -104.02 -64.08
CA LYS A 124 1.74 -104.18 -64.79
C LYS A 124 1.10 -102.84 -65.17
ZN ZN B . 8.56 -96.77 -58.06
ZN ZN C . -0.64 -46.81 -11.68
ZN ZN D . -7.08 -20.09 -1.17
ZN ZN E . 3.88 -10.04 -3.58
ZN ZN F . -3.40 3.22 0.15
N LYS A 1 -4.13 -9.48 10.24
CA LYS A 1 -5.19 -10.40 9.74
C LYS A 1 -6.48 -9.64 9.41
N GLU A 2 -7.16 -9.07 10.41
CA GLU A 2 -8.36 -8.23 10.21
C GLU A 2 -8.02 -6.75 10.00
N ALA A 3 -8.85 -6.01 9.26
CA ALA A 3 -8.63 -4.61 8.93
C ALA A 3 -9.10 -3.64 10.04
N ALA A 4 -8.50 -3.74 11.24
CA ALA A 4 -8.59 -2.71 12.28
C ALA A 4 -8.18 -1.32 11.76
N PRO A 5 -6.99 -1.14 11.14
CA PRO A 5 -6.61 0.13 10.52
C PRO A 5 -7.31 0.39 9.19
N LYS A 6 -7.37 -0.63 8.31
CA LYS A 6 -7.39 -0.49 6.84
C LYS A 6 -6.39 0.59 6.32
N CYS A 7 -6.48 1.03 5.07
CA CYS A 7 -5.60 2.07 4.52
C CYS A 7 -5.61 3.40 5.31
N ASN A 8 -4.51 4.16 5.19
CA ASN A 8 -4.24 5.39 5.95
C ASN A 8 -5.26 6.53 5.74
N ASN A 9 -5.62 6.74 4.47
CA ASN A 9 -6.46 7.84 3.94
C ASN A 9 -7.08 7.41 2.60
N CYS A 10 -6.33 6.62 1.82
CA CYS A 10 -6.85 5.67 0.82
C CYS A 10 -7.83 4.66 1.47
N SER A 11 -8.56 3.88 0.65
CA SER A 11 -9.60 2.95 1.10
C SER A 11 -9.53 1.57 0.44
N GLN A 12 -8.58 0.77 0.92
CA GLN A 12 -8.53 -0.69 0.73
C GLN A 12 -8.23 -1.39 2.08
N ARG A 13 -8.54 -2.69 2.15
CA ARG A 13 -8.30 -3.55 3.33
C ARG A 13 -6.83 -4.00 3.45
N GLY A 14 -6.14 -4.19 2.32
CA GLY A 14 -4.69 -4.38 2.24
C GLY A 14 -3.89 -3.09 2.49
N HIS A 15 -2.56 -3.16 2.39
CA HIS A 15 -1.56 -2.10 2.65
C HIS A 15 -2.06 -0.96 3.55
N LEU A 16 -2.34 -1.33 4.80
CA LEU A 16 -2.93 -0.49 5.85
C LEU A 16 -2.06 0.72 6.25
N LYS A 17 -2.50 1.53 7.22
CA LYS A 17 -1.90 2.81 7.69
C LYS A 17 -0.39 2.96 7.38
N LYS A 18 0.45 2.18 8.06
CA LYS A 18 1.93 2.18 7.96
C LYS A 18 2.51 1.49 6.72
N ASP A 19 1.71 0.70 6.00
CA ASP A 19 2.07 -0.01 4.76
C ASP A 19 1.69 0.78 3.49
N CYS A 20 0.68 1.66 3.54
CA CYS A 20 0.14 2.38 2.39
C CYS A 20 1.17 3.21 1.60
N PRO A 21 2.04 4.02 2.25
CA PRO A 21 3.07 4.81 1.55
C PRO A 21 4.43 4.11 1.43
N HIS A 22 4.59 2.93 2.04
CA HIS A 22 5.90 2.32 2.33
C HIS A 22 6.51 1.55 1.13
N ILE A 23 7.84 1.37 1.16
CA ILE A 23 8.64 0.73 0.10
C ILE A 23 9.41 -0.47 0.68
N ILE A 24 9.37 -1.61 -0.03
CA ILE A 24 10.01 -2.88 0.35
C ILE A 24 11.04 -3.28 -0.71
N CYS A 25 12.03 -2.40 -0.94
CA CYS A 25 13.13 -2.58 -1.92
C CYS A 25 12.63 -2.98 -3.33
N SER A 26 11.66 -2.24 -3.86
CA SER A 26 10.97 -2.55 -5.13
C SER A 26 10.31 -3.93 -5.15
N TYR A 27 9.61 -4.24 -4.05
CA TYR A 27 8.91 -5.49 -3.78
C TYR A 27 9.84 -6.73 -3.83
N CYS A 28 10.91 -6.72 -3.04
CA CYS A 28 11.80 -7.87 -2.87
C CYS A 28 11.15 -9.01 -2.06
N GLY A 29 10.26 -8.68 -1.13
CA GLY A 29 9.74 -9.61 -0.13
C GLY A 29 8.68 -9.05 0.81
N ALA A 30 8.51 -9.72 1.95
CA ALA A 30 7.66 -9.27 3.05
C ALA A 30 8.31 -8.13 3.86
N THR A 31 7.58 -7.54 4.82
CA THR A 31 8.05 -6.40 5.65
C THR A 31 8.32 -6.76 7.13
N ASP A 32 7.78 -7.87 7.65
CA ASP A 32 7.95 -8.27 9.06
C ASP A 32 9.07 -9.30 9.30
N ASP A 33 9.23 -10.27 8.39
CA ASP A 33 10.38 -11.19 8.34
C ASP A 33 11.56 -10.60 7.54
N HIS A 34 11.50 -9.31 7.23
CA HIS A 34 12.42 -8.56 6.39
C HIS A 34 13.79 -8.33 7.06
N TYR A 35 14.88 -8.73 6.37
CA TYR A 35 16.25 -8.44 6.76
C TYR A 35 17.18 -8.37 5.53
N SER A 36 18.24 -7.58 5.62
CA SER A 36 19.15 -7.23 4.51
C SER A 36 19.86 -8.43 3.89
N ARG A 37 20.09 -9.49 4.67
CA ARG A 37 20.65 -10.77 4.22
C ARG A 37 19.65 -11.63 3.43
N HIS A 38 18.36 -11.52 3.73
CA HIS A 38 17.30 -12.41 3.21
C HIS A 38 16.48 -11.81 2.06
N CYS A 39 16.36 -10.47 2.01
CA CYS A 39 15.57 -9.63 1.10
C CYS A 39 14.82 -10.33 -0.06
N PRO A 40 15.46 -10.78 -1.17
CA PRO A 40 14.77 -11.31 -2.35
C PRO A 40 14.21 -12.74 -2.22
N LYS A 41 14.60 -13.50 -1.18
CA LYS A 41 14.31 -14.93 -0.98
C LYS A 41 13.03 -15.16 -0.14
N ALA A 42 12.04 -14.27 -0.28
CA ALA A 42 10.92 -14.14 0.66
C ALA A 42 9.54 -14.58 0.14
N ILE A 43 9.23 -14.31 -1.15
CA ILE A 43 7.86 -14.45 -1.70
C ILE A 43 7.85 -15.30 -2.97
N GLN A 44 6.99 -16.31 -2.96
CA GLN A 44 6.73 -17.26 -4.05
C GLN A 44 5.24 -17.62 -4.10
N CYS A 45 4.76 -18.09 -5.25
CA CYS A 45 3.40 -18.61 -5.41
C CYS A 45 3.27 -20.01 -4.80
N SER A 46 2.12 -20.31 -4.19
CA SER A 46 1.83 -21.59 -3.53
C SER A 46 1.88 -22.81 -4.47
N LYS A 47 1.43 -22.67 -5.72
CA LYS A 47 1.40 -23.72 -6.76
C LYS A 47 2.18 -23.36 -8.05
N CYS A 48 2.66 -22.12 -8.20
CA CYS A 48 3.45 -21.66 -9.36
C CYS A 48 4.89 -21.22 -9.00
N ASP A 49 5.32 -21.44 -7.75
CA ASP A 49 6.71 -21.36 -7.24
C ASP A 49 7.45 -20.01 -7.31
N GLU A 50 6.85 -18.92 -7.80
CA GLU A 50 7.47 -17.56 -7.83
C GLU A 50 6.45 -16.45 -7.54
N VAL A 51 6.89 -15.35 -6.92
CA VAL A 51 6.28 -14.00 -6.77
C VAL A 51 4.85 -13.82 -6.21
N GLY A 52 4.04 -14.86 -6.02
CA GLY A 52 2.73 -14.81 -5.35
C GLY A 52 1.54 -15.19 -6.24
N HIS A 53 0.30 -15.12 -5.73
CA HIS A 53 -0.90 -15.65 -6.41
C HIS A 53 -1.98 -14.61 -6.76
N TYR A 54 -1.80 -13.32 -6.44
CA TYR A 54 -2.71 -12.24 -6.89
C TYR A 54 -2.36 -11.77 -8.32
N ARG A 55 -3.34 -11.23 -9.08
CA ARG A 55 -3.24 -10.97 -10.53
C ARG A 55 -2.14 -10.00 -10.97
N SER A 56 -1.70 -9.09 -10.10
CA SER A 56 -0.60 -8.16 -10.40
C SER A 56 0.81 -8.78 -10.23
N GLN A 57 0.92 -9.96 -9.62
CA GLN A 57 2.19 -10.60 -9.25
C GLN A 57 2.32 -12.09 -9.64
N CYS A 58 1.23 -12.81 -9.89
CA CYS A 58 1.24 -14.22 -10.28
C CYS A 58 1.82 -14.42 -11.71
N PRO A 59 2.69 -15.43 -11.94
CA PRO A 59 3.23 -15.72 -13.28
C PRO A 59 2.14 -16.00 -14.33
N HIS A 60 2.30 -15.44 -15.52
CA HIS A 60 1.37 -15.58 -16.66
C HIS A 60 1.82 -16.71 -17.61
N LYS A 61 0.86 -17.41 -18.24
CA LYS A 61 1.11 -18.52 -19.19
C LYS A 61 0.56 -18.33 -20.62
N TRP A 62 -0.15 -17.23 -20.89
CA TRP A 62 -0.62 -16.88 -22.25
C TRP A 62 0.27 -15.78 -22.87
N LYS A 63 0.30 -15.72 -24.21
CA LYS A 63 1.41 -15.10 -24.97
C LYS A 63 1.14 -13.67 -25.46
N LYS A 64 -0.07 -13.13 -25.25
CA LYS A 64 -0.46 -11.73 -25.51
C LYS A 64 -0.91 -11.01 -24.23
N VAL A 65 -0.75 -9.68 -24.21
CA VAL A 65 -0.90 -8.82 -23.01
C VAL A 65 -1.90 -7.68 -23.19
N GLN A 66 -2.93 -7.88 -24.03
CA GLN A 66 -4.04 -6.95 -24.33
C GLN A 66 -3.63 -5.60 -24.95
N CYS A 67 -2.36 -5.41 -25.31
CA CYS A 67 -1.85 -4.23 -26.04
C CYS A 67 -1.92 -4.37 -27.57
N THR A 68 -2.43 -5.50 -28.07
CA THR A 68 -2.43 -6.01 -29.46
C THR A 68 -1.07 -6.18 -30.15
N LEU A 69 -0.12 -5.24 -30.01
CA LEU A 69 1.23 -5.29 -30.58
C LEU A 69 2.35 -5.68 -29.58
N CYS A 70 1.98 -6.10 -28.36
CA CYS A 70 2.93 -6.65 -27.37
C CYS A 70 2.69 -8.14 -27.10
N LYS A 71 3.78 -8.86 -26.81
CA LYS A 71 3.80 -10.25 -26.36
C LYS A 71 4.15 -10.32 -24.85
N SER A 72 4.18 -11.53 -24.30
CA SER A 72 4.65 -11.81 -22.94
C SER A 72 6.14 -11.55 -22.72
N LYS A 73 6.98 -11.70 -23.77
CA LYS A 73 8.41 -11.32 -23.78
C LYS A 73 8.62 -9.82 -24.03
N LYS A 74 9.80 -9.33 -23.65
CA LYS A 74 10.34 -7.96 -23.87
C LYS A 74 9.41 -6.80 -23.48
N HIS A 75 8.56 -7.01 -22.47
CA HIS A 75 7.53 -6.05 -22.06
C HIS A 75 7.85 -5.40 -20.70
N SER A 76 7.98 -4.07 -20.69
CA SER A 76 8.27 -3.25 -19.51
C SER A 76 7.54 -1.91 -19.54
N LYS A 77 7.03 -1.47 -18.39
CA LYS A 77 6.11 -0.32 -18.27
C LYS A 77 6.73 0.99 -18.75
N GLU A 78 8.02 1.20 -18.45
CA GLU A 78 8.77 2.40 -18.85
C GLU A 78 9.30 2.34 -20.31
N ARG A 79 9.21 1.19 -20.98
CA ARG A 79 9.70 0.94 -22.34
C ARG A 79 8.58 0.80 -23.38
N CYS A 80 7.37 0.41 -22.98
CA CYS A 80 6.21 0.23 -23.85
C CYS A 80 5.93 1.42 -24.80
N PRO A 81 5.90 2.69 -24.35
CA PRO A 81 5.76 3.84 -25.26
C PRO A 81 7.04 4.20 -26.01
N SER A 82 8.20 3.92 -25.42
CA SER A 82 9.54 4.32 -25.90
C SER A 82 10.21 3.33 -26.86
N ILE A 83 9.49 2.28 -27.26
CA ILE A 83 10.01 1.14 -28.02
C ILE A 83 10.36 1.47 -29.49
N TRP A 84 9.80 2.55 -30.05
CA TRP A 84 9.86 2.88 -31.47
C TRP A 84 10.67 4.15 -31.79
N ARG A 85 11.22 4.22 -33.01
CA ARG A 85 12.25 5.20 -33.43
C ARG A 85 11.75 6.23 -34.45
N ALA A 86 10.55 6.06 -35.02
CA ALA A 86 9.99 6.89 -36.09
C ALA A 86 8.83 7.81 -35.63
N TYR A 87 8.55 8.84 -36.43
CA TYR A 87 7.43 9.76 -36.31
C TYR A 87 6.95 10.21 -37.71
N ILE A 88 5.70 10.69 -37.82
CA ILE A 88 5.06 11.07 -39.08
C ILE A 88 4.44 12.48 -39.02
N LEU A 89 4.65 13.26 -40.09
CA LEU A 89 4.16 14.63 -40.25
C LEU A 89 2.84 14.67 -41.03
N VAL A 90 2.10 15.77 -40.90
CA VAL A 90 0.84 16.05 -41.62
C VAL A 90 0.91 17.38 -42.38
N ASP A 91 0.37 17.39 -43.60
CA ASP A 91 0.39 18.54 -44.52
C ASP A 91 -0.86 18.53 -45.43
N ASP A 92 -1.59 19.65 -45.49
CA ASP A 92 -2.72 19.85 -46.42
C ASP A 92 -2.27 20.29 -47.84
N ASN A 93 -0.99 20.67 -47.97
CA ASN A 93 -0.27 21.05 -49.20
C ASN A 93 -0.84 22.26 -49.96
N GLU A 94 -1.73 23.04 -49.31
CA GLU A 94 -2.33 24.28 -49.83
C GLU A 94 -2.39 25.37 -48.76
N LYS A 95 -2.36 26.64 -49.20
CA LYS A 95 -2.40 27.85 -48.35
C LYS A 95 -3.36 28.94 -48.83
N ALA A 96 -4.13 28.68 -49.91
CA ALA A 96 -5.08 29.62 -50.50
C ALA A 96 -6.55 29.18 -50.27
N LYS A 97 -7.48 30.14 -50.29
CA LYS A 97 -8.92 29.91 -50.17
C LYS A 97 -9.56 29.44 -51.50
N PRO A 98 -10.77 28.84 -51.48
CA PRO A 98 -11.54 28.53 -52.68
C PRO A 98 -11.92 29.75 -53.53
N LYS A 99 -12.31 29.51 -54.78
CA LYS A 99 -12.83 30.49 -55.75
C LYS A 99 -14.26 30.13 -56.19
N VAL A 100 -15.03 31.14 -56.62
CA VAL A 100 -16.44 31.02 -57.01
C VAL A 100 -16.67 31.64 -58.40
N LEU A 101 -17.47 30.95 -59.22
CA LEU A 101 -17.88 31.39 -60.57
C LEU A 101 -19.42 31.38 -60.79
N PRO A 102 -20.18 30.32 -60.44
CA PRO A 102 -21.64 30.32 -60.57
C PRO A 102 -22.32 31.19 -59.50
N PHE A 103 -23.58 31.56 -59.75
CA PHE A 103 -24.41 32.39 -58.86
C PHE A 103 -25.87 31.93 -58.87
N HIS A 104 -26.59 32.12 -57.74
CA HIS A 104 -27.96 31.62 -57.53
C HIS A 104 -28.93 32.64 -56.88
N THR A 105 -28.54 33.92 -56.81
CA THR A 105 -29.40 35.05 -56.38
C THR A 105 -30.04 34.84 -55.00
N ILE A 106 -29.18 34.63 -54.00
CA ILE A 106 -29.56 34.33 -52.62
C ILE A 106 -28.73 35.13 -51.60
N TYR A 107 -29.39 35.65 -50.57
CA TYR A 107 -28.84 36.40 -49.44
C TYR A 107 -29.76 36.32 -48.22
N CYS A 108 -29.26 36.59 -47.01
CA CYS A 108 -30.07 36.74 -45.80
C CYS A 108 -30.52 38.20 -45.62
N TYR A 109 -31.77 38.40 -45.19
CA TYR A 109 -32.44 39.70 -45.19
C TYR A 109 -31.90 40.70 -44.15
N ASN A 110 -31.50 40.22 -42.96
CA ASN A 110 -31.21 41.07 -41.80
C ASN A 110 -29.71 41.32 -41.57
N CYS A 111 -28.86 40.32 -41.88
CA CYS A 111 -27.49 40.25 -41.37
C CYS A 111 -26.43 40.83 -42.32
N GLY A 112 -26.78 41.12 -43.57
CA GLY A 112 -25.85 41.48 -44.66
C GLY A 112 -25.08 40.28 -45.25
N GLY A 113 -24.97 39.17 -44.50
CA GLY A 113 -24.46 37.88 -44.97
C GLY A 113 -25.45 37.10 -45.85
N LYS A 114 -25.00 35.94 -46.35
CA LYS A 114 -25.70 35.11 -47.33
C LYS A 114 -25.53 33.61 -47.04
N GLY A 115 -26.54 32.80 -47.35
CA GLY A 115 -26.40 31.33 -47.48
C GLY A 115 -26.10 30.53 -46.20
N HIS A 116 -26.17 31.14 -45.00
CA HIS A 116 -25.93 30.46 -43.73
C HIS A 116 -27.18 29.71 -43.22
N PHE A 117 -27.28 29.50 -41.90
CA PHE A 117 -28.49 29.05 -41.17
C PHE A 117 -29.68 30.04 -41.20
N GLY A 118 -29.74 30.88 -42.25
CA GLY A 118 -30.84 31.76 -42.67
C GLY A 118 -32.23 31.13 -42.61
N ASP A 119 -32.31 29.80 -42.80
CA ASP A 119 -33.53 28.99 -42.71
C ASP A 119 -34.21 29.03 -41.32
N ASP A 120 -33.41 29.04 -40.24
CA ASP A 120 -33.87 29.15 -38.85
C ASP A 120 -33.66 30.56 -38.27
N CYS A 121 -32.75 31.34 -38.86
CA CYS A 121 -32.53 32.77 -38.63
C CYS A 121 -33.63 33.62 -39.33
N LYS A 122 -34.90 33.27 -39.07
CA LYS A 122 -36.07 33.61 -39.90
C LYS A 122 -36.96 34.71 -39.31
N GLU A 123 -37.02 34.84 -37.99
CA GLU A 123 -37.98 35.71 -37.27
C GLU A 123 -37.32 36.50 -36.11
N LYS A 124 -37.94 37.62 -35.73
CA LYS A 124 -37.52 38.50 -34.61
C LYS A 124 -38.23 38.13 -33.29
ZN ZN B . -29.09 35.85 -40.67
ZN ZN C . 2.34 -2.77 -23.95
ZN ZN D . -0.41 -19.24 -9.46
ZN ZN E . 14.61 -5.51 1.24
ZN ZN F . -3.92 2.23 -0.17
N LYS A 1 -3.57 -11.11 9.26
CA LYS A 1 -4.82 -11.93 9.23
C LYS A 1 -6.03 -11.08 8.85
N GLU A 2 -6.62 -10.33 9.80
CA GLU A 2 -7.81 -9.48 9.63
C GLU A 2 -7.52 -8.03 10.03
N ALA A 3 -8.23 -7.07 9.42
CA ALA A 3 -7.88 -5.66 9.47
C ALA A 3 -8.42 -4.93 10.72
N ALA A 4 -7.51 -4.51 11.60
CA ALA A 4 -7.74 -3.40 12.54
C ALA A 4 -7.53 -2.02 11.87
N PRO A 5 -6.37 -1.73 11.22
CA PRO A 5 -6.12 -0.42 10.62
C PRO A 5 -6.85 -0.18 9.28
N LYS A 6 -6.77 -1.15 8.36
CA LYS A 6 -6.78 -0.94 6.89
C LYS A 6 -5.92 0.27 6.45
N CYS A 7 -6.06 0.78 5.22
CA CYS A 7 -5.26 1.91 4.70
C CYS A 7 -5.30 3.16 5.60
N ASN A 8 -4.19 3.91 5.61
CA ASN A 8 -4.10 5.21 6.31
C ASN A 8 -5.12 6.23 5.78
N ASN A 9 -5.32 6.25 4.45
CA ASN A 9 -6.09 7.28 3.75
C ASN A 9 -7.06 6.75 2.68
N CYS A 10 -6.61 5.86 1.78
CA CYS A 10 -7.33 5.48 0.56
C CYS A 10 -8.15 4.17 0.64
N SER A 11 -8.42 3.69 1.86
CA SER A 11 -9.44 2.67 2.19
C SER A 11 -9.41 1.35 1.40
N GLN A 12 -8.29 0.65 1.49
CA GLN A 12 -8.14 -0.75 1.09
C GLN A 12 -7.47 -1.61 2.18
N ARG A 13 -7.57 -2.94 2.08
CA ARG A 13 -6.95 -3.94 2.96
C ARG A 13 -5.59 -4.42 2.44
N GLY A 14 -4.73 -4.91 3.33
CA GLY A 14 -3.46 -5.58 3.01
C GLY A 14 -2.25 -4.68 2.81
N HIS A 15 -2.44 -3.38 2.55
CA HIS A 15 -1.40 -2.36 2.53
C HIS A 15 -1.78 -1.19 3.46
N LEU A 16 -2.04 -1.56 4.71
CA LEU A 16 -2.55 -0.74 5.80
C LEU A 16 -1.64 0.44 6.20
N LYS A 17 -2.04 1.24 7.21
CA LYS A 17 -1.39 2.44 7.76
C LYS A 17 0.09 2.65 7.34
N LYS A 18 1.01 1.82 7.87
CA LYS A 18 2.47 1.87 7.63
C LYS A 18 2.95 1.31 6.29
N ASP A 19 2.15 0.47 5.65
CA ASP A 19 2.36 -0.12 4.31
C ASP A 19 1.66 0.69 3.19
N CYS A 20 0.92 1.75 3.53
CA CYS A 20 0.25 2.68 2.61
C CYS A 20 1.20 3.44 1.66
N PRO A 21 2.40 3.95 2.07
CA PRO A 21 3.39 4.51 1.14
C PRO A 21 4.06 3.43 0.27
N HIS A 22 4.72 3.84 -0.82
CA HIS A 22 5.36 2.92 -1.79
C HIS A 22 6.64 2.24 -1.23
N ILE A 23 6.79 0.93 -1.49
CA ILE A 23 7.84 0.09 -0.87
C ILE A 23 8.50 -0.96 -1.80
N ILE A 24 8.22 -0.97 -3.11
CA ILE A 24 8.85 -1.90 -4.08
C ILE A 24 10.39 -1.75 -4.13
N CYS A 25 11.10 -2.87 -4.39
CA CYS A 25 12.57 -2.87 -4.42
C CYS A 25 13.16 -2.19 -5.66
N SER A 26 12.92 -2.77 -6.85
CA SER A 26 13.46 -2.28 -8.14
C SER A 26 12.51 -2.57 -9.31
N TYR A 27 12.25 -3.86 -9.56
CA TYR A 27 11.41 -4.37 -10.64
C TYR A 27 10.67 -5.65 -10.19
N CYS A 28 9.88 -5.51 -9.12
CA CYS A 28 9.06 -6.56 -8.52
C CYS A 28 7.82 -5.97 -7.82
N GLY A 29 6.88 -6.83 -7.44
CA GLY A 29 5.57 -6.48 -6.85
C GLY A 29 4.79 -5.46 -7.68
N ALA A 30 3.94 -4.71 -7.00
CA ALA A 30 3.33 -3.47 -7.49
C ALA A 30 3.56 -2.35 -6.47
N THR A 31 3.73 -1.12 -6.92
CA THR A 31 3.92 0.03 -6.02
C THR A 31 2.74 0.25 -5.06
N ASP A 32 1.55 -0.23 -5.44
CA ASP A 32 0.32 -0.21 -4.64
C ASP A 32 0.09 -1.49 -3.81
N ASP A 33 0.85 -2.56 -4.04
CA ASP A 33 0.74 -3.86 -3.36
C ASP A 33 2.06 -4.66 -3.41
N HIS A 34 2.83 -4.63 -2.33
CA HIS A 34 4.15 -5.26 -2.23
C HIS A 34 4.50 -5.72 -0.80
N TYR A 35 5.18 -6.85 -0.73
CA TYR A 35 5.69 -7.53 0.47
C TYR A 35 6.71 -8.60 0.03
N SER A 36 7.44 -9.21 0.95
CA SER A 36 8.43 -10.28 0.68
C SER A 36 7.86 -11.50 -0.05
N ARG A 37 6.58 -11.83 0.19
CA ARG A 37 5.81 -12.86 -0.54
C ARG A 37 4.93 -12.30 -1.67
N HIS A 38 4.98 -10.99 -1.93
CA HIS A 38 4.31 -10.31 -3.05
C HIS A 38 5.29 -9.65 -4.06
N CYS A 39 6.61 -9.76 -3.84
CA CYS A 39 7.65 -9.68 -4.87
C CYS A 39 7.21 -10.34 -6.21
N PRO A 40 6.71 -11.60 -6.22
CA PRO A 40 6.21 -12.29 -7.43
C PRO A 40 4.75 -11.97 -7.85
N LYS A 41 4.19 -10.80 -7.47
CA LYS A 41 2.80 -10.42 -7.80
C LYS A 41 2.64 -9.99 -9.26
N ALA A 42 2.91 -8.73 -9.58
CA ALA A 42 2.55 -8.13 -10.88
C ALA A 42 3.65 -8.21 -11.95
N ILE A 43 4.88 -8.56 -11.55
CA ILE A 43 6.10 -8.49 -12.36
C ILE A 43 6.94 -9.73 -12.03
N GLN A 44 7.08 -10.64 -13.00
CA GLN A 44 7.45 -12.05 -12.82
C GLN A 44 6.65 -12.80 -11.72
N CYS A 45 6.88 -14.11 -11.62
CA CYS A 45 6.24 -15.04 -10.71
C CYS A 45 7.28 -16.04 -10.19
N SER A 46 7.06 -16.58 -8.99
CA SER A 46 7.87 -17.63 -8.37
C SER A 46 7.66 -19.01 -9.03
N LYS A 47 6.45 -19.27 -9.54
CA LYS A 47 6.05 -20.51 -10.25
C LYS A 47 6.04 -20.34 -11.77
N CYS A 48 5.69 -19.15 -12.27
CA CYS A 48 5.44 -18.90 -13.70
C CYS A 48 6.58 -18.15 -14.43
N ASP A 49 7.66 -17.76 -13.73
CA ASP A 49 8.74 -16.90 -14.24
C ASP A 49 8.25 -15.51 -14.71
N GLU A 50 8.99 -14.84 -15.60
CA GLU A 50 8.97 -13.46 -16.13
C GLU A 50 7.62 -12.76 -16.51
N VAL A 51 6.46 -13.35 -16.20
CA VAL A 51 5.15 -13.03 -16.81
C VAL A 51 4.24 -12.14 -15.96
N GLY A 52 4.26 -12.30 -14.62
CA GLY A 52 3.36 -11.60 -13.69
C GLY A 52 1.89 -12.08 -13.74
N HIS A 53 1.10 -11.71 -12.73
CA HIS A 53 -0.31 -12.10 -12.58
C HIS A 53 -1.30 -11.15 -13.29
N TYR A 54 -0.88 -10.49 -14.37
CA TYR A 54 -1.77 -9.71 -15.24
C TYR A 54 -2.80 -10.60 -15.97
N ARG A 55 -3.95 -10.02 -16.34
CA ARG A 55 -5.15 -10.69 -16.89
C ARG A 55 -4.89 -11.51 -18.16
N SER A 56 -3.84 -11.19 -18.92
CA SER A 56 -3.45 -11.91 -20.15
C SER A 56 -2.24 -12.83 -19.99
N GLN A 57 -1.73 -12.97 -18.77
CA GLN A 57 -0.55 -13.76 -18.41
C GLN A 57 -0.89 -14.87 -17.41
N CYS A 58 -1.79 -14.60 -16.45
CA CYS A 58 -2.42 -15.57 -15.54
C CYS A 58 -3.96 -15.40 -15.54
N PRO A 59 -4.74 -16.42 -15.12
CA PRO A 59 -6.19 -16.31 -14.98
C PRO A 59 -6.62 -15.23 -13.96
N HIS A 60 -7.72 -14.54 -14.25
CA HIS A 60 -8.23 -13.44 -13.41
C HIS A 60 -9.12 -13.93 -12.23
N LYS A 61 -9.93 -14.96 -12.46
CA LYS A 61 -10.78 -15.66 -11.48
C LYS A 61 -10.83 -17.17 -11.77
N TRP A 62 -11.17 -17.96 -10.76
CA TRP A 62 -11.11 -19.44 -10.80
C TRP A 62 -12.44 -20.15 -10.48
N LYS A 63 -13.52 -19.39 -10.28
CA LYS A 63 -14.84 -19.87 -9.83
C LYS A 63 -15.98 -19.08 -10.49
N LYS A 64 -17.08 -19.76 -10.86
CA LYS A 64 -18.25 -19.15 -11.54
C LYS A 64 -19.15 -18.35 -10.59
N VAL A 65 -19.35 -18.86 -9.38
CA VAL A 65 -20.08 -18.24 -8.26
C VAL A 65 -19.40 -18.67 -6.95
N GLN A 66 -19.13 -17.72 -6.05
CA GLN A 66 -18.39 -18.00 -4.80
C GLN A 66 -19.18 -18.93 -3.87
N CYS A 67 -20.50 -18.85 -3.92
CA CYS A 67 -21.41 -19.73 -3.18
C CYS A 67 -21.49 -21.14 -3.77
N THR A 68 -22.14 -22.00 -3.00
CA THR A 68 -22.12 -23.47 -3.05
C THR A 68 -23.53 -24.05 -2.94
N LEU A 69 -24.46 -23.28 -2.34
CA LEU A 69 -25.90 -23.49 -2.37
C LEU A 69 -26.51 -23.02 -3.71
N CYS A 70 -25.84 -22.09 -4.41
CA CYS A 70 -26.40 -21.29 -5.49
C CYS A 70 -25.95 -21.75 -6.89
N LYS A 71 -26.77 -21.44 -7.91
CA LYS A 71 -26.40 -21.49 -9.33
C LYS A 71 -25.64 -20.21 -9.72
N SER A 72 -24.97 -20.23 -10.86
CA SER A 72 -24.18 -19.15 -11.48
C SER A 72 -25.01 -18.00 -12.08
N LYS A 73 -26.06 -17.59 -11.36
CA LYS A 73 -26.99 -16.50 -11.68
C LYS A 73 -26.61 -15.22 -10.92
N LYS A 74 -27.13 -14.06 -11.36
CA LYS A 74 -26.89 -12.74 -10.75
C LYS A 74 -27.22 -12.69 -9.25
N HIS A 75 -26.46 -11.91 -8.50
CA HIS A 75 -26.62 -11.68 -7.05
C HIS A 75 -26.53 -10.18 -6.71
N SER A 76 -27.04 -9.82 -5.54
CA SER A 76 -26.77 -8.54 -4.88
C SER A 76 -25.71 -8.65 -3.78
N LYS A 77 -24.89 -7.60 -3.61
CA LYS A 77 -23.79 -7.54 -2.63
C LYS A 77 -24.26 -7.65 -1.17
N GLU A 78 -25.38 -7.00 -0.82
CA GLU A 78 -25.94 -7.00 0.55
C GLU A 78 -27.04 -8.05 0.78
N ARG A 79 -27.66 -8.57 -0.29
CA ARG A 79 -28.90 -9.38 -0.24
C ARG A 79 -28.81 -10.76 -0.92
N CYS A 80 -27.66 -11.08 -1.53
CA CYS A 80 -27.32 -12.36 -2.15
C CYS A 80 -28.39 -12.91 -3.14
N PRO A 81 -29.30 -13.87 -2.83
CA PRO A 81 -30.34 -14.28 -3.80
C PRO A 81 -31.33 -13.17 -4.19
N SER A 82 -31.60 -12.25 -3.27
CA SER A 82 -32.54 -11.14 -3.45
C SER A 82 -31.89 -9.92 -4.07
N ILE A 83 -32.68 -9.13 -4.80
CA ILE A 83 -32.23 -8.00 -5.63
C ILE A 83 -33.30 -6.90 -5.70
N TRP A 84 -32.89 -5.67 -6.00
CA TRP A 84 -33.81 -4.53 -6.14
C TRP A 84 -34.72 -4.65 -7.38
N ARG A 85 -36.03 -4.42 -7.17
CA ARG A 85 -37.08 -4.48 -8.21
C ARG A 85 -38.10 -3.32 -8.11
N ALA A 86 -37.90 -2.37 -7.20
CA ALA A 86 -38.92 -1.35 -6.85
C ALA A 86 -38.83 -0.06 -7.69
N TYR A 87 -39.96 0.64 -7.80
CA TYR A 87 -40.13 1.92 -8.51
C TYR A 87 -41.26 2.76 -7.87
N ILE A 88 -41.25 4.09 -8.12
CA ILE A 88 -42.16 5.08 -7.53
C ILE A 88 -42.76 6.04 -8.58
N LEU A 89 -43.99 6.52 -8.34
CA LEU A 89 -44.78 7.31 -9.30
C LEU A 89 -44.30 8.77 -9.45
N VAL A 90 -43.69 9.35 -8.40
CA VAL A 90 -43.05 10.69 -8.37
C VAL A 90 -43.93 11.82 -8.98
N ASP A 91 -45.25 11.76 -8.75
CA ASP A 91 -46.29 12.67 -9.27
C ASP A 91 -46.31 12.85 -10.82
N ASP A 92 -45.77 11.88 -11.56
CA ASP A 92 -45.65 11.91 -13.03
C ASP A 92 -46.93 11.43 -13.77
N ASN A 93 -47.11 11.88 -15.02
CA ASN A 93 -48.21 11.51 -15.90
C ASN A 93 -47.69 11.12 -17.32
N GLU A 94 -48.17 10.01 -17.86
CA GLU A 94 -47.77 9.45 -19.16
C GLU A 94 -48.42 10.17 -20.36
N LYS A 95 -49.64 10.71 -20.20
CA LYS A 95 -50.47 11.26 -21.27
C LYS A 95 -50.61 12.79 -21.24
N ALA A 96 -50.94 13.37 -22.40
CA ALA A 96 -51.15 14.80 -22.62
C ALA A 96 -52.25 15.05 -23.68
N LYS A 97 -52.83 16.26 -23.70
CA LYS A 97 -53.86 16.67 -24.66
C LYS A 97 -53.27 16.85 -26.07
N PRO A 98 -53.90 16.34 -27.15
CA PRO A 98 -53.41 16.52 -28.52
C PRO A 98 -53.49 17.97 -29.05
N LYS A 99 -54.43 18.76 -28.53
CA LYS A 99 -54.78 20.13 -28.96
C LYS A 99 -55.32 20.98 -27.82
N VAL A 100 -55.30 22.31 -28.00
CA VAL A 100 -55.89 23.29 -27.05
C VAL A 100 -57.37 23.60 -27.32
N LEU A 101 -57.94 23.06 -28.41
CA LEU A 101 -59.34 23.29 -28.81
C LEU A 101 -60.28 22.22 -28.20
N PRO A 102 -61.56 22.56 -27.90
CA PRO A 102 -62.59 21.59 -27.47
C PRO A 102 -62.94 20.52 -28.53
N PHE A 103 -63.79 19.56 -28.14
CA PHE A 103 -64.36 18.53 -29.02
C PHE A 103 -65.87 18.72 -29.33
N HIS A 104 -66.55 19.64 -28.61
CA HIS A 104 -68.00 19.90 -28.71
C HIS A 104 -68.37 21.02 -29.72
N THR A 105 -67.43 21.37 -30.60
CA THR A 105 -67.44 22.56 -31.47
C THR A 105 -68.47 22.54 -32.60
N ILE A 106 -69.08 21.38 -32.89
CA ILE A 106 -70.12 21.20 -33.93
C ILE A 106 -71.54 21.02 -33.35
N TYR A 107 -71.71 21.16 -32.04
CA TYR A 107 -72.96 20.91 -31.31
C TYR A 107 -73.51 22.15 -30.58
N CYS A 108 -74.82 22.13 -30.37
CA CYS A 108 -75.62 23.12 -29.66
C CYS A 108 -75.58 22.90 -28.12
N TYR A 109 -75.86 23.94 -27.33
CA TYR A 109 -75.88 23.91 -25.86
C TYR A 109 -77.03 24.73 -25.21
N ASN A 110 -77.59 25.73 -25.92
CA ASN A 110 -78.70 26.59 -25.50
C ASN A 110 -79.96 26.38 -26.39
N CYS A 111 -81.10 26.99 -26.03
CA CYS A 111 -82.36 27.10 -26.79
C CYS A 111 -83.00 25.81 -27.36
N GLY A 112 -82.54 24.62 -26.94
CA GLY A 112 -83.04 23.31 -27.37
C GLY A 112 -82.07 22.17 -27.05
N GLY A 113 -82.30 21.00 -27.65
CA GLY A 113 -81.39 19.85 -27.58
C GLY A 113 -80.11 20.05 -28.40
N LYS A 114 -78.99 19.43 -27.95
CA LYS A 114 -77.64 19.67 -28.50
C LYS A 114 -77.44 19.28 -29.98
N GLY A 115 -78.35 18.50 -30.56
CA GLY A 115 -78.27 18.06 -31.95
C GLY A 115 -78.69 19.09 -33.01
N HIS A 116 -79.49 20.11 -32.68
CA HIS A 116 -80.21 20.87 -33.71
C HIS A 116 -79.37 21.92 -34.45
N PHE A 117 -79.52 21.92 -35.78
CA PHE A 117 -79.06 22.89 -36.79
C PHE A 117 -77.73 23.63 -36.51
N GLY A 118 -76.76 22.97 -35.89
CA GLY A 118 -75.52 23.57 -35.37
C GLY A 118 -74.65 24.28 -36.42
N ASP A 119 -74.88 23.98 -37.71
CA ASP A 119 -74.27 24.64 -38.87
C ASP A 119 -74.64 26.14 -39.01
N ASP A 120 -75.88 26.50 -38.64
CA ASP A 120 -76.49 27.82 -38.87
C ASP A 120 -77.15 28.43 -37.62
N CYS A 121 -77.34 27.65 -36.55
CA CYS A 121 -77.92 28.09 -35.28
C CYS A 121 -77.07 29.21 -34.64
N LYS A 122 -77.73 30.29 -34.20
CA LYS A 122 -77.12 31.62 -33.95
C LYS A 122 -76.54 31.83 -32.54
N GLU A 123 -76.55 30.81 -31.70
CA GLU A 123 -75.96 30.87 -30.34
C GLU A 123 -74.43 30.99 -30.33
N LYS A 124 -73.87 31.50 -29.22
CA LYS A 124 -72.43 31.79 -29.05
C LYS A 124 -71.53 30.54 -29.05
ZN ZN B . -79.95 26.00 -30.51
ZN ZN C . -25.34 -16.86 -3.27
ZN ZN D . 1.66 -16.48 -12.08
ZN ZN E . 10.67 -6.80 -3.41
ZN ZN F . -3.19 2.69 0.60
N LYS A 1 -14.06 -8.26 11.53
CA LYS A 1 -13.12 -7.46 10.70
C LYS A 1 -11.72 -8.09 10.72
N GLU A 2 -10.96 -7.96 9.63
CA GLU A 2 -9.61 -8.54 9.47
C GLU A 2 -8.47 -7.58 9.89
N ALA A 3 -8.76 -6.28 10.01
CA ALA A 3 -7.81 -5.25 10.43
C ALA A 3 -8.50 -4.09 11.16
N ALA A 4 -7.86 -3.54 12.19
CA ALA A 4 -8.19 -2.24 12.79
C ALA A 4 -7.90 -1.04 11.85
N PRO A 5 -6.69 -0.91 11.26
CA PRO A 5 -6.33 0.26 10.43
C PRO A 5 -6.95 0.27 9.03
N LYS A 6 -7.04 -0.89 8.36
CA LYS A 6 -7.41 -1.12 6.94
C LYS A 6 -6.53 -0.41 5.88
N CYS A 7 -6.41 0.91 5.91
CA CYS A 7 -5.60 1.75 5.03
C CYS A 7 -5.23 3.10 5.70
N ASN A 8 -4.17 3.78 5.22
CA ASN A 8 -3.79 5.11 5.73
C ASN A 8 -4.74 6.24 5.28
N ASN A 9 -5.36 6.10 4.11
CA ASN A 9 -6.17 7.13 3.45
C ASN A 9 -7.11 6.55 2.36
N CYS A 10 -6.62 5.61 1.55
CA CYS A 10 -7.29 5.14 0.32
C CYS A 10 -8.51 4.22 0.56
N SER A 11 -8.69 3.73 1.80
CA SER A 11 -9.72 2.74 2.18
C SER A 11 -9.73 1.44 1.37
N GLN A 12 -8.58 1.07 0.82
CA GLN A 12 -8.36 -0.18 0.10
C GLN A 12 -7.69 -1.26 0.97
N ARG A 13 -7.81 -2.53 0.54
CA ARG A 13 -7.33 -3.72 1.24
C ARG A 13 -5.81 -3.87 1.25
N GLY A 14 -5.31 -4.70 2.17
CA GLY A 14 -3.90 -5.11 2.27
C GLY A 14 -2.98 -4.06 2.91
N HIS A 15 -2.71 -2.96 2.20
CA HIS A 15 -1.72 -1.96 2.60
C HIS A 15 -2.29 -0.92 3.60
N LEU A 16 -2.39 -1.37 4.85
CA LEU A 16 -2.81 -0.61 6.04
C LEU A 16 -1.88 0.59 6.35
N LYS A 17 -2.17 1.34 7.42
CA LYS A 17 -1.53 2.62 7.79
C LYS A 17 0.00 2.66 7.53
N LYS A 18 0.74 1.79 8.22
CA LYS A 18 2.20 1.62 8.14
C LYS A 18 2.71 0.79 6.94
N ASP A 19 1.81 0.24 6.13
CA ASP A 19 2.11 -0.59 4.95
C ASP A 19 1.84 0.11 3.61
N CYS A 20 1.05 1.19 3.59
CA CYS A 20 0.59 1.86 2.35
C CYS A 20 1.70 2.17 1.32
N PRO A 21 2.86 2.77 1.68
CA PRO A 21 3.93 3.06 0.72
C PRO A 21 4.88 1.87 0.44
N HIS A 22 4.70 0.72 1.09
CA HIS A 22 5.59 -0.43 1.03
C HIS A 22 5.14 -1.47 -0.02
N ILE A 23 6.11 -2.27 -0.50
CA ILE A 23 5.94 -3.26 -1.59
C ILE A 23 6.23 -4.71 -1.17
N ILE A 24 6.39 -4.97 0.13
CA ILE A 24 6.54 -6.33 0.70
C ILE A 24 5.19 -7.03 0.89
N CYS A 25 5.19 -8.35 0.84
CA CYS A 25 4.05 -9.23 1.11
C CYS A 25 4.44 -10.41 2.01
N SER A 26 3.48 -10.93 2.77
CA SER A 26 3.62 -12.11 3.65
C SER A 26 4.81 -12.04 4.64
N TYR A 27 5.33 -10.83 4.92
CA TYR A 27 6.58 -10.55 5.66
C TYR A 27 7.80 -11.37 5.18
N CYS A 28 7.89 -11.66 3.86
CA CYS A 28 8.91 -12.57 3.29
C CYS A 28 10.17 -11.87 2.77
N GLY A 29 10.30 -10.55 2.92
CA GLY A 29 11.43 -9.77 2.41
C GLY A 29 11.65 -8.44 3.12
N ALA A 30 12.82 -7.83 2.86
CA ALA A 30 13.14 -6.48 3.31
C ALA A 30 12.59 -5.43 2.32
N THR A 31 11.97 -4.37 2.83
CA THR A 31 11.32 -3.32 2.02
C THR A 31 12.32 -2.52 1.15
N ASP A 32 13.63 -2.62 1.43
CA ASP A 32 14.71 -1.97 0.65
C ASP A 32 15.18 -2.79 -0.58
N ASP A 33 14.90 -4.10 -0.64
CA ASP A 33 15.41 -5.01 -1.70
C ASP A 33 14.41 -6.07 -2.22
N HIS A 34 13.22 -6.19 -1.63
CA HIS A 34 12.15 -7.08 -2.10
C HIS A 34 11.65 -6.70 -3.50
N TYR A 35 11.34 -7.71 -4.32
CA TYR A 35 10.78 -7.58 -5.67
C TYR A 35 9.63 -8.58 -5.85
N SER A 36 8.41 -8.10 -5.95
CA SER A 36 7.17 -8.90 -5.89
C SER A 36 6.98 -9.91 -7.03
N ARG A 37 7.67 -9.72 -8.15
CA ARG A 37 7.72 -10.66 -9.29
C ARG A 37 8.47 -11.97 -8.96
N HIS A 38 9.39 -11.95 -7.99
CA HIS A 38 10.35 -13.04 -7.76
C HIS A 38 10.48 -13.48 -6.29
N CYS A 39 10.35 -12.55 -5.32
CA CYS A 39 10.70 -12.70 -3.90
C CYS A 39 12.20 -13.01 -3.64
N PRO A 40 12.69 -12.89 -2.38
CA PRO A 40 14.11 -12.64 -2.10
C PRO A 40 14.79 -13.75 -1.26
N LYS A 41 16.03 -13.47 -0.84
CA LYS A 41 16.81 -14.21 0.18
C LYS A 41 17.19 -13.25 1.33
N ALA A 42 16.18 -12.78 2.07
CA ALA A 42 16.26 -11.62 2.97
C ALA A 42 15.82 -11.89 4.41
N ILE A 43 14.80 -12.73 4.60
CA ILE A 43 14.25 -13.16 5.90
C ILE A 43 14.20 -14.71 5.93
N GLN A 44 15.22 -15.29 5.29
CA GLN A 44 15.50 -16.71 5.10
C GLN A 44 17.03 -16.89 5.12
N CYS A 45 17.52 -18.07 5.47
CA CYS A 45 18.92 -18.46 5.29
C CYS A 45 19.27 -18.68 3.80
N SER A 46 20.56 -18.84 3.53
CA SER A 46 21.02 -19.37 2.23
C SER A 46 20.69 -20.85 2.10
N LYS A 47 20.16 -21.23 0.92
CA LYS A 47 19.47 -22.48 0.55
C LYS A 47 18.28 -22.87 1.45
N CYS A 48 17.19 -23.32 0.82
CA CYS A 48 15.81 -23.37 1.36
C CYS A 48 15.26 -22.01 1.89
N ASP A 49 14.03 -22.01 2.39
CA ASP A 49 13.15 -20.84 2.52
C ASP A 49 12.70 -20.53 3.97
N GLU A 50 13.55 -20.82 4.96
CA GLU A 50 13.27 -20.66 6.40
C GLU A 50 14.43 -19.96 7.14
N VAL A 51 14.16 -19.43 8.33
CA VAL A 51 15.10 -18.63 9.15
C VAL A 51 16.27 -19.46 9.70
N GLY A 52 17.50 -18.98 9.50
CA GLY A 52 18.73 -19.58 10.06
C GLY A 52 19.01 -21.03 9.61
N HIS A 53 19.98 -21.69 10.25
CA HIS A 53 20.20 -23.14 10.10
C HIS A 53 20.34 -23.91 11.42
N TYR A 54 20.20 -23.21 12.56
CA TYR A 54 20.17 -23.83 13.89
C TYR A 54 18.87 -24.61 14.13
N ARG A 55 18.90 -25.54 15.08
CA ARG A 55 17.73 -26.36 15.46
C ARG A 55 16.63 -25.47 16.05
N SER A 56 15.37 -25.89 15.88
CA SER A 56 14.15 -25.10 16.18
C SER A 56 13.95 -23.81 15.36
N GLN A 57 14.98 -23.26 14.73
CA GLN A 57 14.87 -22.16 13.74
C GLN A 57 14.60 -22.72 12.33
N CYS A 58 15.37 -23.73 11.93
CA CYS A 58 15.27 -24.46 10.67
C CYS A 58 15.07 -25.98 10.91
N PRO A 59 13.96 -26.40 11.57
CA PRO A 59 13.75 -27.77 12.04
C PRO A 59 13.55 -28.82 10.92
N HIS A 60 13.32 -28.39 9.69
CA HIS A 60 13.13 -29.27 8.52
C HIS A 60 14.43 -29.95 8.06
N LYS A 61 14.32 -31.17 7.50
CA LYS A 61 15.42 -32.14 7.39
C LYS A 61 15.73 -32.65 5.97
N TRP A 62 14.78 -32.52 5.03
CA TRP A 62 14.95 -32.96 3.63
C TRP A 62 15.35 -31.82 2.68
N LYS A 63 15.64 -32.15 1.42
CA LYS A 63 15.97 -31.22 0.33
C LYS A 63 14.78 -30.32 -0.03
N LYS A 64 15.09 -29.17 -0.66
CA LYS A 64 14.16 -28.05 -0.90
C LYS A 64 13.30 -28.14 -2.17
N VAL A 65 12.95 -29.36 -2.60
CA VAL A 65 12.19 -29.59 -3.85
C VAL A 65 10.78 -29.00 -3.76
N GLN A 66 10.50 -27.97 -4.58
CA GLN A 66 9.30 -27.13 -4.49
C GLN A 66 7.99 -27.89 -4.79
N CYS A 67 8.08 -28.98 -5.57
CA CYS A 67 6.97 -29.87 -5.91
C CYS A 67 6.54 -30.84 -4.79
N THR A 68 7.24 -30.84 -3.65
CA THR A 68 7.15 -31.75 -2.49
C THR A 68 7.39 -33.25 -2.72
N LEU A 69 6.84 -33.83 -3.79
CA LEU A 69 6.91 -35.27 -4.13
C LEU A 69 7.88 -35.60 -5.27
N CYS A 70 8.41 -34.59 -5.96
CA CYS A 70 9.22 -34.80 -7.17
C CYS A 70 10.63 -35.34 -6.86
N LYS A 71 11.08 -36.29 -7.68
CA LYS A 71 12.40 -36.97 -7.60
C LYS A 71 12.78 -37.48 -8.99
N SER A 72 14.07 -37.41 -9.35
CA SER A 72 14.61 -37.93 -10.62
C SER A 72 13.96 -37.32 -11.88
N LYS A 73 13.59 -36.04 -11.82
CA LYS A 73 13.05 -35.22 -12.93
C LYS A 73 11.81 -35.83 -13.63
N LYS A 74 10.95 -36.50 -12.85
CA LYS A 74 9.62 -36.97 -13.32
C LYS A 74 8.66 -35.80 -13.54
N HIS A 75 7.70 -35.97 -14.46
CA HIS A 75 6.73 -34.98 -14.96
C HIS A 75 7.29 -33.61 -15.43
N SER A 76 8.62 -33.43 -15.49
CA SER A 76 9.25 -32.09 -15.40
C SER A 76 9.23 -31.26 -16.68
N LYS A 77 9.10 -31.89 -17.86
CA LYS A 77 9.24 -31.21 -19.16
C LYS A 77 8.25 -30.06 -19.31
N GLU A 78 8.79 -28.85 -19.45
CA GLU A 78 8.05 -27.57 -19.52
C GLU A 78 7.11 -27.28 -18.32
N ARG A 79 7.35 -27.94 -17.17
CA ARG A 79 6.69 -27.68 -15.87
C ARG A 79 7.66 -27.18 -14.80
N CYS A 80 8.84 -27.79 -14.71
CA CYS A 80 9.88 -27.50 -13.72
C CYS A 80 11.01 -26.51 -14.11
N PRO A 81 11.28 -26.15 -15.40
CA PRO A 81 12.35 -25.22 -15.76
C PRO A 81 12.35 -23.85 -15.07
N SER A 82 11.21 -23.39 -14.56
CA SER A 82 11.01 -22.08 -13.94
C SER A 82 11.83 -21.80 -12.67
N ILE A 83 12.41 -22.82 -12.05
CA ILE A 83 13.30 -22.71 -10.88
C ILE A 83 14.78 -23.07 -11.20
N TRP A 84 15.11 -23.35 -12.47
CA TRP A 84 16.46 -23.71 -12.94
C TRP A 84 17.17 -22.52 -13.61
N ARG A 85 18.51 -22.52 -13.58
CA ARG A 85 19.39 -21.56 -14.28
C ARG A 85 20.55 -22.29 -14.96
N ALA A 86 20.93 -21.82 -16.16
CA ALA A 86 21.96 -22.42 -17.00
C ALA A 86 23.34 -21.73 -16.93
N TYR A 87 23.42 -20.56 -16.28
CA TYR A 87 24.60 -19.69 -16.27
C TYR A 87 24.98 -19.19 -14.87
N ILE A 88 26.29 -19.05 -14.64
CA ILE A 88 26.89 -18.16 -13.63
C ILE A 88 28.23 -17.65 -14.17
N LEU A 89 28.47 -16.34 -14.03
CA LEU A 89 29.68 -15.65 -14.51
C LEU A 89 30.52 -15.14 -13.34
N VAL A 90 31.83 -15.41 -13.40
CA VAL A 90 32.86 -14.92 -12.44
C VAL A 90 33.79 -13.86 -13.06
N ASP A 91 33.53 -13.46 -14.30
CA ASP A 91 34.30 -12.45 -15.04
C ASP A 91 33.92 -11.01 -14.64
N ASP A 92 34.93 -10.15 -14.47
CA ASP A 92 34.77 -8.74 -14.10
C ASP A 92 35.92 -7.86 -14.65
N ASN A 93 35.66 -6.57 -14.82
CA ASN A 93 36.51 -5.53 -15.42
C ASN A 93 36.86 -5.78 -16.91
N GLU A 94 37.37 -4.74 -17.59
CA GLU A 94 37.69 -4.70 -19.03
C GLU A 94 36.50 -5.09 -19.94
N LYS A 95 35.27 -4.77 -19.48
CA LYS A 95 33.99 -5.18 -20.08
C LYS A 95 33.18 -4.04 -20.71
N ALA A 96 33.65 -2.80 -20.60
CA ALA A 96 32.91 -1.60 -20.99
C ALA A 96 32.68 -1.47 -22.51
N LYS A 97 31.56 -0.84 -22.88
CA LYS A 97 31.15 -0.47 -24.25
C LYS A 97 30.51 0.93 -24.27
N PRO A 98 30.57 1.68 -25.40
CA PRO A 98 29.93 2.99 -25.52
C PRO A 98 28.39 2.91 -25.54
N LYS A 99 27.85 1.79 -26.03
CA LYS A 99 26.43 1.35 -26.07
C LYS A 99 25.40 2.33 -26.67
N VAL A 100 24.16 1.86 -26.78
CA VAL A 100 22.98 2.56 -27.32
C VAL A 100 21.70 2.02 -26.66
N LEU A 101 20.62 2.79 -26.66
CA LEU A 101 19.29 2.37 -26.18
C LEU A 101 18.34 2.15 -27.39
N PRO A 102 17.96 0.89 -27.71
CA PRO A 102 16.97 0.59 -28.76
C PRO A 102 15.51 0.95 -28.39
N PHE A 103 15.24 1.25 -27.12
CA PHE A 103 13.92 1.59 -26.58
C PHE A 103 13.34 2.91 -27.14
N HIS A 104 12.03 3.10 -27.00
CA HIS A 104 11.27 4.26 -27.50
C HIS A 104 11.59 5.59 -26.77
N THR A 105 12.12 5.50 -25.55
CA THR A 105 12.46 6.65 -24.65
C THR A 105 11.27 7.57 -24.40
N ILE A 106 10.13 6.95 -24.10
CA ILE A 106 8.86 7.60 -23.71
C ILE A 106 8.73 7.72 -22.17
N TYR A 107 9.86 7.72 -21.47
CA TYR A 107 9.97 7.81 -20.00
C TYR A 107 10.55 9.17 -19.57
N CYS A 108 10.42 9.53 -18.29
CA CYS A 108 11.04 10.73 -17.72
C CYS A 108 11.66 10.48 -16.34
N TYR A 109 12.88 10.99 -16.14
CA TYR A 109 13.55 11.02 -14.84
C TYR A 109 12.99 12.12 -13.94
N ASN A 110 12.93 11.88 -12.62
CA ASN A 110 12.35 12.72 -11.55
C ASN A 110 10.82 12.96 -11.66
N CYS A 111 10.35 13.43 -12.82
CA CYS A 111 8.98 13.84 -13.09
C CYS A 111 8.00 12.66 -13.13
N GLY A 112 6.84 12.80 -12.47
CA GLY A 112 5.74 11.84 -12.53
C GLY A 112 4.97 11.84 -13.87
N GLY A 113 5.17 12.87 -14.71
CA GLY A 113 4.48 13.05 -16.00
C GLY A 113 4.93 12.12 -17.14
N LYS A 114 6.04 11.38 -16.97
CA LYS A 114 6.56 10.27 -17.80
C LYS A 114 6.51 10.49 -19.33
N GLY A 115 5.38 10.19 -19.96
CA GLY A 115 5.16 10.23 -21.42
C GLY A 115 5.04 11.63 -22.06
N HIS A 116 5.28 12.71 -21.30
CA HIS A 116 5.29 14.09 -21.82
C HIS A 116 6.56 14.41 -22.63
N PHE A 117 6.91 15.69 -22.76
CA PHE A 117 8.19 16.21 -23.30
C PHE A 117 9.46 15.80 -22.51
N GLY A 118 9.39 14.74 -21.70
CA GLY A 118 10.38 14.30 -20.71
C GLY A 118 11.79 14.01 -21.24
N ASP A 119 11.95 13.85 -22.56
CA ASP A 119 13.24 13.72 -23.26
C ASP A 119 14.03 15.05 -23.32
N ASP A 120 13.31 16.16 -23.46
CA ASP A 120 13.82 17.50 -23.79
C ASP A 120 13.55 18.54 -22.69
N CYS A 121 12.64 18.24 -21.76
CA CYS A 121 12.11 19.20 -20.77
C CYS A 121 13.18 19.82 -19.86
N LYS A 122 12.97 21.09 -19.50
CA LYS A 122 13.81 21.84 -18.55
C LYS A 122 13.52 21.44 -17.11
N GLU A 123 14.49 21.66 -16.22
CA GLU A 123 14.39 21.32 -14.79
C GLU A 123 13.58 22.34 -13.94
N LYS A 124 13.22 23.49 -14.52
CA LYS A 124 12.45 24.58 -13.89
C LYS A 124 11.49 25.24 -14.90
ZN ZN B . 9.94 16.11 -17.05
ZN ZN C . 8.47 -31.45 -10.53
ZN ZN D . 17.58 -23.78 5.86
ZN ZN E . 7.00 -11.65 -1.73
ZN ZN F . -3.46 3.03 0.28
N LYS A 1 -14.63 -3.19 14.40
CA LYS A 1 -14.25 -3.12 12.96
C LYS A 1 -13.02 -4.02 12.70
N GLU A 2 -12.82 -4.45 11.45
CA GLU A 2 -11.75 -5.40 11.05
C GLU A 2 -10.32 -4.84 11.17
N ALA A 3 -10.16 -3.51 11.13
CA ALA A 3 -8.86 -2.82 11.22
C ALA A 3 -8.94 -1.56 12.10
N ALA A 4 -7.93 -1.37 12.95
CA ALA A 4 -7.66 -0.08 13.63
C ALA A 4 -7.17 1.01 12.65
N PRO A 5 -6.15 0.78 11.80
CA PRO A 5 -5.64 1.82 10.89
C PRO A 5 -6.50 2.02 9.63
N LYS A 6 -7.08 0.93 9.10
CA LYS A 6 -7.40 0.77 7.67
C LYS A 6 -6.19 1.15 6.77
N CYS A 7 -6.39 1.33 5.47
CA CYS A 7 -5.41 2.01 4.61
C CYS A 7 -5.11 3.45 5.10
N ASN A 8 -3.97 4.04 4.73
CA ASN A 8 -3.68 5.46 4.95
C ASN A 8 -4.63 6.33 4.11
N ASN A 9 -5.74 6.80 4.71
CA ASN A 9 -6.80 7.65 4.14
C ASN A 9 -7.62 7.07 2.95
N CYS A 10 -7.02 6.27 2.06
CA CYS A 10 -7.65 5.80 0.82
C CYS A 10 -8.58 4.57 0.99
N SER A 11 -8.69 4.03 2.22
CA SER A 11 -9.63 3.00 2.72
C SER A 11 -9.82 1.68 1.94
N GLN A 12 -9.14 1.46 0.81
CA GLN A 12 -9.39 0.33 -0.10
C GLN A 12 -8.20 -0.63 -0.27
N ARG A 13 -8.47 -1.91 -0.02
CA ARG A 13 -7.67 -3.14 -0.29
C ARG A 13 -6.20 -3.19 0.15
N GLY A 14 -5.87 -4.19 0.98
CA GLY A 14 -4.49 -4.48 1.40
C GLY A 14 -3.86 -3.39 2.28
N HIS A 15 -2.56 -3.18 2.09
CA HIS A 15 -1.67 -2.18 2.73
C HIS A 15 -2.33 -1.13 3.66
N LEU A 16 -2.30 -1.38 4.97
CA LEU A 16 -2.68 -0.44 6.04
C LEU A 16 -1.82 0.85 6.09
N LYS A 17 -2.05 1.73 7.06
CA LYS A 17 -1.41 3.07 7.21
C LYS A 17 0.08 3.11 6.85
N LYS A 18 0.92 2.44 7.67
CA LYS A 18 2.38 2.32 7.49
C LYS A 18 2.83 1.37 6.37
N ASP A 19 1.89 0.72 5.68
CA ASP A 19 2.13 -0.16 4.53
C ASP A 19 1.89 0.56 3.19
N CYS A 20 0.94 1.51 3.13
CA CYS A 20 0.65 2.36 1.98
C CYS A 20 1.88 3.02 1.30
N PRO A 21 2.93 3.51 2.00
CA PRO A 21 4.08 4.15 1.35
C PRO A 21 5.03 3.19 0.62
N HIS A 22 4.85 1.86 0.69
CA HIS A 22 5.63 0.90 -0.08
C HIS A 22 5.39 1.01 -1.60
N ILE A 23 6.40 0.61 -2.39
CA ILE A 23 6.42 0.71 -3.85
C ILE A 23 6.37 -0.66 -4.56
N ILE A 24 6.07 -0.65 -5.87
CA ILE A 24 6.06 -1.84 -6.73
C ILE A 24 7.48 -2.18 -7.23
N CYS A 25 7.95 -3.40 -6.96
CA CYS A 25 9.21 -3.91 -7.51
C CYS A 25 8.98 -4.52 -8.92
N SER A 26 9.96 -4.34 -9.82
CA SER A 26 10.00 -4.86 -11.21
C SER A 26 8.71 -4.71 -12.04
N TYR A 27 7.85 -3.76 -11.68
CA TYR A 27 6.49 -3.57 -12.21
C TYR A 27 5.61 -4.84 -12.24
N CYS A 28 5.78 -5.75 -11.27
CA CYS A 28 5.10 -7.06 -11.26
C CYS A 28 3.64 -7.01 -10.77
N GLY A 29 3.31 -6.01 -9.95
CA GLY A 29 1.96 -5.72 -9.47
C GLY A 29 1.56 -4.26 -9.72
N ALA A 30 0.29 -3.94 -9.45
CA ALA A 30 -0.23 -2.58 -9.57
C ALA A 30 0.11 -1.76 -8.32
N THR A 31 0.31 -0.44 -8.47
CA THR A 31 0.61 0.43 -7.32
C THR A 31 -0.56 0.55 -6.32
N ASP A 32 -1.78 0.20 -6.74
CA ASP A 32 -2.98 0.10 -5.90
C ASP A 32 -3.33 -1.36 -5.47
N ASP A 33 -2.60 -2.37 -5.97
CA ASP A 33 -2.78 -3.79 -5.66
C ASP A 33 -1.47 -4.58 -5.83
N HIS A 34 -0.68 -4.67 -4.75
CA HIS A 34 0.61 -5.34 -4.69
C HIS A 34 0.91 -5.76 -3.24
N TYR A 35 1.21 -7.04 -3.02
CA TYR A 35 1.38 -7.61 -1.68
C TYR A 35 2.37 -8.77 -1.63
N SER A 36 3.01 -8.98 -0.49
CA SER A 36 4.16 -9.89 -0.32
C SER A 36 3.89 -11.36 -0.58
N ARG A 37 2.63 -11.80 -0.40
CA ARG A 37 2.07 -12.99 -1.05
C ARG A 37 1.17 -12.59 -2.21
N HIS A 38 1.16 -13.41 -3.25
CA HIS A 38 0.48 -13.20 -4.55
C HIS A 38 1.04 -12.06 -5.44
N CYS A 39 1.88 -11.18 -4.91
CA CYS A 39 2.93 -10.38 -5.57
C CYS A 39 2.84 -10.12 -7.11
N PRO A 40 3.13 -11.09 -8.02
CA PRO A 40 3.07 -10.89 -9.48
C PRO A 40 1.66 -10.95 -10.13
N LYS A 41 0.62 -11.36 -9.41
CA LYS A 41 -0.70 -11.74 -9.96
C LYS A 41 -1.68 -10.56 -10.16
N ALA A 42 -1.18 -9.33 -10.28
CA ALA A 42 -1.98 -8.10 -10.25
C ALA A 42 -1.90 -7.19 -11.49
N ILE A 43 -1.12 -7.56 -12.52
CA ILE A 43 -1.10 -6.90 -13.85
C ILE A 43 -1.92 -7.74 -14.86
N GLN A 44 -3.05 -8.28 -14.40
CA GLN A 44 -3.97 -9.12 -15.18
C GLN A 44 -5.42 -9.01 -14.67
N CYS A 45 -6.36 -9.38 -15.54
CA CYS A 45 -7.78 -9.56 -15.23
C CYS A 45 -8.13 -11.07 -15.09
N SER A 46 -9.30 -11.39 -14.56
CA SER A 46 -9.87 -12.75 -14.54
C SER A 46 -9.86 -13.39 -15.93
N LYS A 47 -9.43 -14.66 -15.98
CA LYS A 47 -9.13 -15.46 -17.19
C LYS A 47 -8.25 -14.76 -18.26
N CYS A 48 -7.47 -13.76 -17.86
CA CYS A 48 -6.46 -13.07 -18.68
C CYS A 48 -5.06 -13.24 -18.05
N ASP A 49 -4.00 -13.16 -18.87
CA ASP A 49 -2.60 -13.13 -18.42
C ASP A 49 -1.97 -11.72 -18.46
N GLU A 50 -2.70 -10.73 -18.99
CA GLU A 50 -2.41 -9.28 -18.95
C GLU A 50 -3.72 -8.52 -18.69
N VAL A 51 -3.70 -7.18 -18.60
CA VAL A 51 -4.90 -6.31 -18.65
C VAL A 51 -5.42 -6.20 -20.10
N GLY A 52 -5.75 -7.36 -20.67
CA GLY A 52 -5.62 -7.68 -22.09
C GLY A 52 -6.74 -7.24 -23.04
N HIS A 53 -7.85 -6.69 -22.55
CA HIS A 53 -8.95 -6.18 -23.39
C HIS A 53 -9.65 -4.98 -22.76
N TYR A 54 -10.39 -4.20 -23.57
CA TYR A 54 -11.10 -2.95 -23.23
C TYR A 54 -10.22 -1.83 -22.63
N ARG A 55 -10.12 -0.70 -23.35
CA ARG A 55 -9.28 0.47 -23.04
C ARG A 55 -7.80 0.13 -22.70
N SER A 56 -7.33 -1.04 -23.15
CA SER A 56 -6.04 -1.65 -22.78
C SER A 56 -5.78 -1.76 -21.27
N GLN A 57 -6.85 -1.92 -20.49
CA GLN A 57 -6.84 -1.84 -19.03
C GLN A 57 -7.80 -2.84 -18.35
N CYS A 58 -8.78 -3.41 -19.07
CA CYS A 58 -9.97 -4.06 -18.50
C CYS A 58 -10.76 -3.06 -17.60
N PRO A 59 -11.82 -3.46 -16.88
CA PRO A 59 -12.58 -2.57 -15.98
C PRO A 59 -11.82 -2.05 -14.73
N HIS A 60 -10.49 -2.14 -14.70
CA HIS A 60 -9.64 -1.67 -13.60
C HIS A 60 -9.48 -0.13 -13.57
N LYS A 61 -9.26 0.42 -12.37
CA LYS A 61 -8.99 1.84 -12.09
C LYS A 61 -7.63 2.33 -12.62
N TRP A 62 -7.43 3.65 -12.60
CA TRP A 62 -6.25 4.36 -13.13
C TRP A 62 -5.50 5.17 -12.05
N LYS A 63 -4.29 5.64 -12.38
CA LYS A 63 -3.42 6.46 -11.51
C LYS A 63 -3.69 7.96 -11.58
N LYS A 64 -3.21 8.70 -10.58
CA LYS A 64 -3.20 10.16 -10.43
C LYS A 64 -1.97 10.62 -9.63
N VAL A 65 -1.51 11.86 -9.85
CA VAL A 65 -0.37 12.57 -9.23
C VAL A 65 1.01 11.87 -9.35
N GLN A 66 2.10 12.65 -9.29
CA GLN A 66 3.49 12.16 -9.41
C GLN A 66 3.98 11.33 -8.20
N CYS A 67 3.17 11.22 -7.14
CA CYS A 67 3.47 10.46 -5.92
C CYS A 67 2.20 9.83 -5.31
N THR A 68 2.25 8.55 -4.97
CA THR A 68 1.28 7.89 -4.07
C THR A 68 1.10 8.63 -2.73
N LEU A 69 2.18 9.24 -2.21
CA LEU A 69 2.19 10.05 -0.99
C LEU A 69 1.40 11.37 -1.08
N CYS A 70 1.09 11.87 -2.29
CA CYS A 70 0.45 13.18 -2.52
C CYS A 70 -1.08 13.13 -2.51
N LYS A 71 -1.68 11.98 -2.17
CA LYS A 71 -3.08 11.84 -1.77
C LYS A 71 -3.42 12.86 -0.66
N SER A 72 -4.22 13.87 -1.00
CA SER A 72 -4.75 14.89 -0.08
C SER A 72 -3.71 15.68 0.74
N LYS A 73 -2.46 15.73 0.28
CA LYS A 73 -1.32 16.39 0.92
C LYS A 73 -0.29 16.84 -0.13
N LYS A 74 0.35 18.00 0.08
CA LYS A 74 1.37 18.56 -0.82
C LYS A 74 2.66 18.94 -0.07
N HIS A 75 3.81 18.57 -0.64
CA HIS A 75 5.15 18.85 -0.12
C HIS A 75 6.16 19.28 -1.22
N SER A 76 5.67 19.62 -2.41
CA SER A 76 6.38 19.45 -3.68
C SER A 76 7.62 20.32 -3.84
N LYS A 77 7.62 21.53 -3.27
CA LYS A 77 8.76 22.45 -3.29
C LYS A 77 9.98 21.93 -2.51
N GLU A 78 9.77 21.03 -1.55
CA GLU A 78 10.82 20.42 -0.71
C GLU A 78 11.24 19.01 -1.16
N ARG A 79 10.43 18.32 -1.99
CA ARG A 79 10.59 16.88 -2.30
C ARG A 79 10.50 16.48 -3.77
N CYS A 80 9.65 17.11 -4.58
CA CYS A 80 9.34 16.63 -5.93
C CYS A 80 10.35 17.14 -6.98
N PRO A 81 10.82 16.30 -7.93
CA PRO A 81 11.72 16.72 -9.00
C PRO A 81 11.13 17.78 -9.95
N SER A 82 9.81 17.76 -10.17
CA SER A 82 9.04 18.77 -10.93
C SER A 82 8.09 19.54 -10.03
N ILE A 83 8.12 20.86 -10.14
CA ILE A 83 7.32 21.80 -9.34
C ILE A 83 5.87 21.92 -9.86
N TRP A 84 4.98 22.50 -9.04
CA TRP A 84 3.55 22.62 -9.31
C TRP A 84 3.20 23.60 -10.47
N ARG A 85 1.95 23.51 -10.95
CA ARG A 85 1.44 24.14 -12.18
C ARG A 85 1.13 25.64 -12.07
N ALA A 86 1.12 26.21 -10.87
CA ALA A 86 0.60 27.57 -10.60
C ALA A 86 1.55 28.46 -9.78
N TYR A 87 1.43 29.77 -9.99
CA TYR A 87 2.23 30.86 -9.41
C TYR A 87 1.38 32.13 -9.17
N ILE A 88 1.87 33.03 -8.31
CA ILE A 88 1.15 34.26 -7.88
C ILE A 88 1.89 35.58 -8.20
N LEU A 89 3.10 35.52 -8.79
CA LEU A 89 3.87 36.72 -9.14
C LEU A 89 3.22 37.51 -10.28
N VAL A 90 3.22 38.84 -10.16
CA VAL A 90 2.50 39.79 -11.04
C VAL A 90 3.26 41.09 -11.32
N ASP A 91 4.54 41.19 -10.92
CA ASP A 91 5.37 42.40 -11.01
C ASP A 91 5.99 42.63 -12.41
N ASP A 92 5.20 42.41 -13.47
CA ASP A 92 5.60 42.56 -14.87
C ASP A 92 5.59 44.03 -15.33
N ASN A 93 6.53 44.39 -16.22
CA ASN A 93 6.80 45.77 -16.64
C ASN A 93 6.55 46.05 -18.14
N GLU A 94 5.97 45.09 -18.87
CA GLU A 94 5.64 45.20 -20.31
C GLU A 94 4.23 44.64 -20.61
N LYS A 95 3.56 45.22 -21.60
CA LYS A 95 2.15 44.98 -21.98
C LYS A 95 1.97 44.82 -23.49
N ALA A 96 1.05 43.94 -23.89
CA ALA A 96 0.57 43.80 -25.26
C ALA A 96 -0.70 44.65 -25.52
N LYS A 97 -1.01 44.92 -26.79
CA LYS A 97 -2.16 45.74 -27.22
C LYS A 97 -2.97 45.08 -28.37
N PRO A 98 -3.53 43.87 -28.17
CA PRO A 98 -4.31 43.18 -29.20
C PRO A 98 -5.68 43.84 -29.43
N LYS A 99 -6.14 43.82 -30.68
CA LYS A 99 -7.48 44.27 -31.13
C LYS A 99 -7.93 43.53 -32.40
N VAL A 100 -9.24 43.34 -32.57
CA VAL A 100 -9.86 42.68 -33.74
C VAL A 100 -11.03 43.54 -34.28
N LEU A 101 -11.10 43.68 -35.60
CA LEU A 101 -12.16 44.41 -36.33
C LEU A 101 -12.68 43.56 -37.51
N PRO A 102 -13.78 42.80 -37.34
CA PRO A 102 -14.29 41.86 -38.35
C PRO A 102 -14.81 42.54 -39.63
N PHE A 103 -14.52 41.93 -40.79
CA PHE A 103 -15.02 42.33 -42.12
C PHE A 103 -15.02 41.13 -43.10
N HIS A 104 -15.79 41.21 -44.20
CA HIS A 104 -16.02 40.11 -45.13
C HIS A 104 -16.27 40.56 -46.59
N THR A 105 -16.31 39.60 -47.52
CA THR A 105 -16.57 39.79 -48.97
C THR A 105 -15.55 40.70 -49.65
N ILE A 106 -14.29 40.26 -49.62
CA ILE A 106 -13.10 41.02 -50.08
C ILE A 106 -12.27 40.31 -51.18
N TYR A 107 -12.83 39.29 -51.84
CA TYR A 107 -12.19 38.62 -52.99
C TYR A 107 -13.19 38.19 -54.08
N CYS A 108 -12.67 38.04 -55.31
CA CYS A 108 -13.36 37.50 -56.48
C CYS A 108 -12.30 36.99 -57.51
N TYR A 109 -12.67 36.06 -58.41
CA TYR A 109 -11.78 35.62 -59.49
C TYR A 109 -12.47 35.05 -60.75
N ASN A 110 -13.75 34.66 -60.70
CA ASN A 110 -14.41 33.96 -61.82
C ASN A 110 -14.63 34.83 -63.09
N CYS A 111 -14.57 36.16 -62.97
CA CYS A 111 -14.87 37.10 -64.06
C CYS A 111 -13.84 38.24 -64.23
N GLY A 112 -12.56 37.96 -63.94
CA GLY A 112 -11.42 38.79 -64.35
C GLY A 112 -11.11 40.02 -63.48
N GLY A 113 -11.65 40.09 -62.27
CA GLY A 113 -11.39 41.15 -61.29
C GLY A 113 -11.62 40.67 -59.85
N LYS A 114 -10.91 41.28 -58.89
CA LYS A 114 -10.81 40.81 -57.49
C LYS A 114 -11.49 41.72 -56.46
N GLY A 115 -11.45 43.04 -56.67
CA GLY A 115 -11.90 44.05 -55.69
C GLY A 115 -13.25 44.72 -55.98
N HIS A 116 -14.04 44.20 -56.94
CA HIS A 116 -15.22 44.88 -57.47
C HIS A 116 -16.56 44.38 -56.87
N PHE A 117 -17.59 44.19 -57.69
CA PHE A 117 -18.99 43.92 -57.33
C PHE A 117 -19.23 42.48 -56.81
N GLY A 118 -18.25 41.93 -56.08
CA GLY A 118 -18.15 40.55 -55.60
C GLY A 118 -19.36 40.03 -54.80
N ASP A 119 -20.19 40.94 -54.29
CA ASP A 119 -21.49 40.65 -53.67
C ASP A 119 -22.49 39.98 -54.63
N ASP A 120 -22.54 40.42 -55.88
CA ASP A 120 -23.60 40.12 -56.86
C ASP A 120 -23.12 39.62 -58.24
N CYS A 121 -21.87 39.92 -58.63
CA CYS A 121 -21.37 39.77 -60.00
C CYS A 121 -21.00 38.34 -60.45
N LYS A 122 -21.52 37.32 -59.76
CA LYS A 122 -21.22 35.89 -59.96
C LYS A 122 -21.84 35.35 -61.26
N GLU A 123 -21.24 34.30 -61.81
CA GLU A 123 -21.66 33.65 -63.08
C GLU A 123 -22.67 32.49 -62.92
N LYS A 124 -23.09 32.19 -61.68
CA LYS A 124 -24.18 31.24 -61.34
C LYS A 124 -25.26 31.90 -60.47
ZN ZN B . -16.26 39.51 -60.13
ZN ZN C . 5.41 14.17 -3.81
ZN ZN D . -10.09 -9.02 -18.79
ZN ZN E . 6.71 -7.44 -6.01
ZN ZN F . -4.14 1.99 0.58
N LYS A 1 -14.39 -8.83 14.00
CA LYS A 1 -13.32 -7.93 14.51
C LYS A 1 -12.04 -8.05 13.68
N GLU A 2 -11.90 -7.21 12.66
CA GLU A 2 -10.77 -7.20 11.71
C GLU A 2 -10.54 -5.80 11.11
N ALA A 3 -9.32 -5.52 10.68
CA ALA A 3 -8.88 -4.35 9.90
C ALA A 3 -9.29 -2.99 10.51
N ALA A 4 -8.94 -2.76 11.78
CA ALA A 4 -9.03 -1.45 12.42
C ALA A 4 -8.42 -0.30 11.58
N PRO A 5 -7.21 -0.44 10.98
CA PRO A 5 -6.62 0.61 10.13
C PRO A 5 -7.19 0.64 8.70
N LYS A 6 -7.38 -0.52 8.07
CA LYS A 6 -7.75 -0.77 6.65
C LYS A 6 -6.81 -0.18 5.58
N CYS A 7 -6.56 1.13 5.60
CA CYS A 7 -5.61 1.87 4.76
C CYS A 7 -5.19 3.19 5.43
N ASN A 8 -4.06 3.79 5.03
CA ASN A 8 -3.63 5.09 5.55
C ASN A 8 -4.46 6.29 5.03
N ASN A 9 -5.10 6.13 3.85
CA ASN A 9 -5.84 7.19 3.16
C ASN A 9 -6.86 6.63 2.14
N CYS A 10 -6.51 5.55 1.43
CA CYS A 10 -7.37 4.87 0.46
C CYS A 10 -8.43 4.00 1.15
N SER A 11 -9.07 3.08 0.41
CA SER A 11 -10.19 2.26 0.90
C SER A 11 -10.13 0.77 0.51
N GLN A 12 -8.95 0.27 0.16
CA GLN A 12 -8.69 -1.17 -0.09
C GLN A 12 -7.68 -1.75 0.93
N ARG A 13 -7.92 -3.01 1.33
CA ARG A 13 -7.27 -3.69 2.47
C ARG A 13 -5.85 -4.22 2.23
N GLY A 14 -5.31 -4.09 1.01
CA GLY A 14 -4.00 -4.63 0.63
C GLY A 14 -2.80 -3.95 1.31
N HIS A 15 -2.97 -2.71 1.81
CA HIS A 15 -1.94 -1.93 2.48
C HIS A 15 -2.53 -0.96 3.53
N LEU A 16 -2.66 -1.45 4.76
CA LEU A 16 -3.08 -0.68 5.96
C LEU A 16 -2.10 0.47 6.30
N LYS A 17 -2.38 1.22 7.38
CA LYS A 17 -1.68 2.46 7.78
C LYS A 17 -0.15 2.45 7.56
N LYS A 18 0.55 1.58 8.28
CA LYS A 18 2.02 1.35 8.20
C LYS A 18 2.50 0.55 6.98
N ASP A 19 1.58 -0.04 6.21
CA ASP A 19 1.85 -0.87 5.04
C ASP A 19 1.71 -0.09 3.72
N CYS A 20 0.99 1.04 3.71
CA CYS A 20 0.82 1.91 2.54
C CYS A 20 2.12 2.61 2.09
N PRO A 21 2.89 3.29 2.97
CA PRO A 21 4.19 3.85 2.59
C PRO A 21 5.31 2.79 2.54
N HIS A 22 6.39 3.09 1.81
CA HIS A 22 7.64 2.34 1.93
C HIS A 22 8.36 2.76 3.23
N ILE A 23 8.68 1.76 4.05
CA ILE A 23 9.07 1.89 5.46
C ILE A 23 10.48 2.45 5.70
N ILE A 24 10.66 3.15 6.83
CA ILE A 24 11.93 3.65 7.37
C ILE A 24 12.83 2.54 7.96
N CYS A 25 14.13 2.81 8.13
CA CYS A 25 15.11 1.85 8.68
C CYS A 25 15.06 1.71 10.22
N SER A 26 14.06 2.33 10.86
CA SER A 26 13.96 2.60 12.31
C SER A 26 15.03 3.56 12.85
N TYR A 27 14.58 4.57 13.60
CA TYR A 27 15.38 5.71 14.09
C TYR A 27 16.19 6.44 12.99
N CYS A 28 15.70 6.37 11.75
CA CYS A 28 16.33 6.89 10.55
C CYS A 28 15.23 7.19 9.51
N GLY A 29 15.03 8.47 9.18
CA GLY A 29 14.04 8.95 8.22
C GLY A 29 12.67 9.27 8.80
N ALA A 30 11.81 9.82 7.94
CA ALA A 30 10.37 9.95 8.15
C ALA A 30 9.61 9.03 7.18
N THR A 31 8.56 8.35 7.63
CA THR A 31 7.84 7.37 6.80
C THR A 31 7.15 7.99 5.56
N ASP A 32 6.86 9.29 5.59
CA ASP A 32 6.32 10.04 4.45
C ASP A 32 7.40 10.66 3.52
N ASP A 33 8.67 10.71 3.95
CA ASP A 33 9.77 11.38 3.26
C ASP A 33 11.13 10.71 3.56
N HIS A 34 11.55 9.80 2.68
CA HIS A 34 12.80 9.04 2.86
C HIS A 34 13.39 8.54 1.53
N TYR A 35 14.70 8.69 1.36
CA TYR A 35 15.48 8.14 0.25
C TYR A 35 16.98 8.04 0.62
N SER A 36 17.75 7.23 -0.09
CA SER A 36 19.16 6.92 0.18
C SER A 36 20.10 8.13 0.18
N ARG A 37 19.76 9.19 -0.58
CA ARG A 37 20.48 10.48 -0.60
C ARG A 37 20.26 11.31 0.67
N HIS A 38 19.13 11.12 1.37
CA HIS A 38 18.66 11.94 2.50
C HIS A 38 18.47 11.15 3.83
N CYS A 39 18.72 9.84 3.82
CA CYS A 39 18.56 8.86 4.91
C CYS A 39 18.63 9.39 6.38
N PRO A 40 19.74 10.02 6.85
CA PRO A 40 19.95 10.33 8.27
C PRO A 40 19.20 11.59 8.78
N LYS A 41 17.88 11.64 8.58
CA LYS A 41 16.99 12.77 8.93
C LYS A 41 15.87 12.38 9.90
N ALA A 42 15.14 13.38 10.39
CA ALA A 42 14.02 13.32 11.35
C ALA A 42 14.36 12.82 12.77
N ILE A 43 14.84 11.57 12.92
CA ILE A 43 14.90 10.83 14.20
C ILE A 43 16.36 10.75 14.69
N GLN A 44 17.01 11.91 14.70
CA GLN A 44 18.41 12.15 15.06
C GLN A 44 18.55 13.55 15.69
N CYS A 45 19.68 13.83 16.36
CA CYS A 45 19.99 15.12 16.99
C CYS A 45 21.33 15.68 16.50
N SER A 46 21.33 16.90 15.97
CA SER A 46 22.42 17.50 15.17
C SER A 46 23.69 17.89 15.94
N LYS A 47 23.62 17.97 17.28
CA LYS A 47 24.79 18.26 18.15
C LYS A 47 25.49 16.99 18.68
N CYS A 48 24.86 15.83 18.53
CA CYS A 48 25.14 14.64 19.36
C CYS A 48 25.07 13.29 18.62
N ASP A 49 24.38 13.24 17.46
CA ASP A 49 23.87 12.04 16.76
C ASP A 49 22.87 11.18 17.56
N GLU A 50 21.84 10.66 16.88
CA GLU A 50 20.66 9.88 17.33
C GLU A 50 19.85 10.37 18.55
N VAL A 51 18.53 10.53 18.41
CA VAL A 51 17.64 10.65 19.60
C VAL A 51 17.38 9.28 20.26
N GLY A 52 17.75 8.18 19.58
CA GLY A 52 17.54 6.79 20.02
C GLY A 52 18.33 6.31 21.24
N HIS A 53 19.08 7.19 21.92
CA HIS A 53 19.77 6.93 23.19
C HIS A 53 19.48 8.03 24.24
N TYR A 54 19.89 7.80 25.50
CA TYR A 54 19.57 8.63 26.68
C TYR A 54 18.06 8.86 26.86
N ARG A 55 17.40 7.94 27.58
CA ARG A 55 15.93 7.86 27.77
C ARG A 55 15.12 7.85 26.46
N SER A 56 15.74 7.39 25.37
CA SER A 56 15.22 7.43 24.00
C SER A 56 14.81 8.84 23.51
N GLN A 57 15.38 9.89 24.10
CA GLN A 57 14.97 11.29 23.94
C GLN A 57 16.15 12.29 23.89
N CYS A 58 17.35 11.89 24.34
CA CYS A 58 18.41 12.77 24.86
C CYS A 58 17.97 13.64 26.07
N PRO A 59 18.93 14.31 26.77
CA PRO A 59 18.63 15.14 27.94
C PRO A 59 17.81 16.41 27.64
N HIS A 60 17.58 17.22 28.69
CA HIS A 60 16.85 18.50 28.63
C HIS A 60 17.46 19.53 27.65
N LYS A 61 16.69 20.56 27.30
CA LYS A 61 16.93 21.51 26.19
C LYS A 61 18.31 22.19 26.23
N TRP A 62 18.87 22.42 25.03
CA TRP A 62 20.19 23.01 24.79
C TRP A 62 20.28 24.52 25.09
N LYS A 63 21.50 25.06 25.10
CA LYS A 63 21.83 26.48 25.35
C LYS A 63 22.43 27.18 24.11
N LYS A 64 22.36 28.51 24.10
CA LYS A 64 22.70 29.38 22.95
C LYS A 64 24.21 29.61 22.73
N VAL A 65 24.55 30.19 21.58
CA VAL A 65 25.90 30.66 21.20
C VAL A 65 26.32 31.90 22.02
N GLN A 66 27.63 32.05 22.28
CA GLN A 66 28.17 33.02 23.24
C GLN A 66 28.02 34.50 22.85
N CYS A 67 27.81 34.81 21.57
CA CYS A 67 27.51 36.17 21.11
C CYS A 67 26.06 36.62 21.38
N THR A 68 25.14 35.67 21.60
CA THR A 68 23.69 35.78 21.41
C THR A 68 23.24 36.08 19.95
N LEU A 69 24.07 36.75 19.16
CA LEU A 69 23.82 37.15 17.76
C LEU A 69 24.24 36.11 16.71
N CYS A 70 25.07 35.13 17.08
CA CYS A 70 25.63 34.14 16.14
C CYS A 70 24.60 33.09 15.67
N LYS A 71 25.08 32.11 14.88
CA LYS A 71 24.31 31.03 14.22
C LYS A 71 23.33 31.48 13.13
N SER A 72 22.85 32.73 13.21
CA SER A 72 22.10 33.40 12.14
C SER A 72 22.97 33.81 10.95
N LYS A 73 22.36 33.85 9.75
CA LYS A 73 22.96 34.26 8.47
C LYS A 73 23.27 35.76 8.37
N LYS A 74 22.61 36.61 9.16
CA LYS A 74 22.74 38.08 9.11
C LYS A 74 24.03 38.59 9.75
N HIS A 75 24.39 38.06 10.92
CA HIS A 75 25.41 38.63 11.81
C HIS A 75 26.87 38.38 11.38
N SER A 76 27.21 37.17 10.94
CA SER A 76 28.59 36.67 10.95
C SER A 76 29.51 37.21 9.86
N LYS A 77 28.95 37.89 8.86
CA LYS A 77 29.66 38.42 7.68
C LYS A 77 30.90 39.24 8.07
N GLU A 78 32.05 38.84 7.53
CA GLU A 78 33.41 39.39 7.73
C GLU A 78 33.92 39.60 9.19
N ARG A 79 33.15 39.19 10.22
CA ARG A 79 33.47 39.38 11.64
C ARG A 79 33.48 38.09 12.47
N CYS A 80 32.77 37.05 12.05
CA CYS A 80 32.87 35.68 12.58
C CYS A 80 33.07 34.64 11.46
N PRO A 81 34.24 34.62 10.78
CA PRO A 81 34.59 33.57 9.81
C PRO A 81 34.72 32.17 10.43
N SER A 82 34.85 31.18 9.55
CA SER A 82 35.10 29.77 9.91
C SER A 82 36.58 29.37 9.86
N ILE A 83 37.47 30.32 9.54
CA ILE A 83 38.92 30.04 9.41
C ILE A 83 39.62 29.86 10.75
N TRP A 84 40.74 29.13 10.72
CA TRP A 84 41.34 28.44 11.87
C TRP A 84 42.02 29.33 12.92
N ARG A 85 42.23 30.62 12.61
CA ARG A 85 42.87 31.62 13.50
C ARG A 85 42.06 32.93 13.65
N ALA A 86 40.77 32.91 13.29
CA ALA A 86 39.88 34.07 13.45
C ALA A 86 39.47 34.33 14.91
N TYR A 87 39.32 33.26 15.71
CA TYR A 87 39.17 33.31 17.16
C TYR A 87 40.52 33.07 17.87
N ILE A 88 40.63 33.46 19.14
CA ILE A 88 41.87 33.34 19.93
C ILE A 88 42.28 31.89 20.19
N LEU A 89 43.60 31.66 20.26
CA LEU A 89 44.23 30.37 20.60
C LEU A 89 44.70 30.28 22.07
N VAL A 90 44.19 31.17 22.93
CA VAL A 90 44.41 31.25 24.39
C VAL A 90 45.88 31.15 24.83
N ASP A 91 46.79 31.61 23.96
CA ASP A 91 48.27 31.50 24.07
C ASP A 91 48.83 30.10 24.40
N ASP A 92 48.08 29.04 24.10
CA ASP A 92 48.40 27.65 24.43
C ASP A 92 48.03 26.61 23.35
N ASN A 93 46.98 26.88 22.54
CA ASN A 93 46.54 26.02 21.45
C ASN A 93 47.39 26.19 20.18
N GLU A 94 47.50 25.13 19.37
CA GLU A 94 48.32 25.06 18.16
C GLU A 94 47.57 24.35 17.01
N LYS A 95 47.71 24.86 15.78
CA LYS A 95 47.28 24.22 14.52
C LYS A 95 48.49 23.75 13.70
N ALA A 96 48.31 22.69 12.93
CA ALA A 96 49.34 22.13 12.04
C ALA A 96 49.19 22.51 10.55
N LYS A 97 48.01 22.99 10.12
CA LYS A 97 47.76 23.45 8.75
C LYS A 97 48.25 24.90 8.53
N PRO A 98 48.91 25.23 7.41
CA PRO A 98 49.30 26.61 7.09
C PRO A 98 48.09 27.52 6.77
N LYS A 99 48.31 28.82 6.88
CA LYS A 99 47.37 29.90 6.50
C LYS A 99 47.44 30.28 5.01
N VAL A 100 48.60 30.05 4.37
CA VAL A 100 48.94 30.47 3.00
C VAL A 100 49.37 29.26 2.15
N LEU A 101 49.03 29.29 0.86
CA LEU A 101 49.34 28.23 -0.13
C LEU A 101 50.20 28.79 -1.30
N PRO A 102 50.84 27.91 -2.13
CA PRO A 102 51.72 28.33 -3.22
C PRO A 102 51.10 29.26 -4.28
N PHE A 103 51.96 30.01 -4.97
CA PHE A 103 51.61 30.98 -6.02
C PHE A 103 51.85 30.43 -7.44
N HIS A 104 51.28 31.10 -8.44
CA HIS A 104 51.45 30.84 -9.89
C HIS A 104 51.00 29.44 -10.38
N THR A 105 50.11 28.78 -9.64
CA THR A 105 49.52 27.47 -9.98
C THR A 105 48.27 27.58 -10.88
N ILE A 106 47.73 28.79 -11.07
CA ILE A 106 46.51 29.08 -11.84
C ILE A 106 46.88 29.41 -13.30
N TYR A 107 46.05 28.97 -14.27
CA TYR A 107 46.31 29.08 -15.71
C TYR A 107 45.04 29.38 -16.53
N CYS A 108 45.23 29.96 -17.73
CA CYS A 108 44.16 30.20 -18.72
C CYS A 108 44.66 30.04 -20.16
N TYR A 109 45.51 29.03 -20.41
CA TYR A 109 46.14 28.77 -21.72
C TYR A 109 45.17 28.46 -22.89
N ASN A 110 43.88 28.27 -22.61
CA ASN A 110 42.82 28.18 -23.63
C ASN A 110 42.61 29.50 -24.41
N CYS A 111 43.04 30.63 -23.84
CA CYS A 111 42.95 31.98 -24.39
C CYS A 111 44.33 32.51 -24.87
N GLY A 112 44.33 33.71 -25.46
CA GLY A 112 45.53 34.40 -25.96
C GLY A 112 46.55 34.83 -24.88
N GLY A 113 46.19 34.70 -23.60
CA GLY A 113 47.09 34.94 -22.45
C GLY A 113 46.57 34.25 -21.17
N LYS A 114 47.49 33.92 -20.25
CA LYS A 114 47.22 33.17 -19.01
C LYS A 114 46.75 34.03 -17.82
N GLY A 115 47.05 35.32 -17.84
CA GLY A 115 47.01 36.23 -16.67
C GLY A 115 45.62 36.73 -16.24
N HIS A 116 44.56 35.94 -16.39
CA HIS A 116 43.19 36.29 -16.02
C HIS A 116 42.33 35.08 -15.63
N PHE A 117 41.35 35.31 -14.76
CA PHE A 117 40.09 34.55 -14.59
C PHE A 117 40.22 33.01 -14.59
N GLY A 118 41.36 32.46 -14.16
CA GLY A 118 41.71 31.04 -14.36
C GLY A 118 40.77 30.04 -13.67
N ASP A 119 39.99 30.50 -12.69
CA ASP A 119 38.94 29.73 -12.01
C ASP A 119 37.68 29.53 -12.86
N ASP A 120 37.20 30.62 -13.48
CA ASP A 120 35.84 30.76 -14.04
C ASP A 120 35.78 30.83 -15.56
N CYS A 121 36.89 31.17 -16.23
CA CYS A 121 36.94 31.45 -17.65
C CYS A 121 36.91 30.19 -18.54
N LYS A 122 36.97 28.99 -17.94
CA LYS A 122 36.79 27.67 -18.58
C LYS A 122 35.29 27.32 -18.74
N GLU A 123 34.49 28.28 -19.20
CA GLU A 123 33.02 28.25 -19.12
C GLU A 123 32.31 27.34 -20.15
N LYS A 124 33.02 26.88 -21.20
CA LYS A 124 32.51 26.02 -22.27
C LYS A 124 33.56 25.00 -22.74
ZN ZN B . 40.21 33.52 -20.54
ZN ZN C . 29.66 36.44 16.51
ZN ZN D . 21.96 12.15 20.92
ZN ZN E . 17.23 4.78 5.90
ZN ZN F . -3.37 3.08 -0.09
N LYS A 1 -6.94 -12.06 9.12
CA LYS A 1 -7.80 -11.32 10.09
C LYS A 1 -8.62 -10.24 9.39
N GLU A 2 -9.70 -9.76 10.03
CA GLU A 2 -10.53 -8.66 9.54
C GLU A 2 -9.77 -7.32 9.50
N ALA A 3 -10.07 -6.47 8.52
CA ALA A 3 -9.35 -5.25 8.19
C ALA A 3 -9.87 -4.03 8.99
N ALA A 4 -9.42 -3.88 10.23
CA ALA A 4 -9.68 -2.70 11.07
C ALA A 4 -9.14 -1.38 10.44
N PRO A 5 -7.86 -1.29 10.02
CA PRO A 5 -7.32 -0.08 9.40
C PRO A 5 -7.66 0.06 7.90
N LYS A 6 -7.72 -1.05 7.16
CA LYS A 6 -7.80 -1.22 5.69
C LYS A 6 -6.75 -0.47 4.82
N CYS A 7 -6.60 0.85 4.98
CA CYS A 7 -5.68 1.83 4.32
C CYS A 7 -5.64 3.14 5.16
N ASN A 8 -4.67 4.04 4.92
CA ASN A 8 -4.56 5.32 5.65
C ASN A 8 -5.65 6.34 5.24
N ASN A 9 -5.35 7.24 4.29
CA ASN A 9 -6.31 8.15 3.66
C ASN A 9 -6.95 7.52 2.40
N CYS A 10 -6.25 6.54 1.82
CA CYS A 10 -6.76 5.59 0.82
C CYS A 10 -7.83 4.66 1.46
N SER A 11 -8.59 3.92 0.64
CA SER A 11 -9.83 3.23 1.06
C SER A 11 -9.98 1.77 0.58
N GLN A 12 -8.89 1.15 0.11
CA GLN A 12 -8.87 -0.27 -0.28
C GLN A 12 -8.63 -1.19 0.94
N ARG A 13 -8.90 -2.49 0.77
CA ARG A 13 -8.55 -3.55 1.74
C ARG A 13 -7.17 -4.16 1.41
N GLY A 14 -6.19 -3.91 2.27
CA GLY A 14 -4.79 -4.34 2.12
C GLY A 14 -3.84 -3.19 1.80
N HIS A 15 -2.58 -3.33 2.20
CA HIS A 15 -1.61 -2.23 2.35
C HIS A 15 -2.17 -1.09 3.22
N LEU A 16 -2.45 -1.45 4.48
CA LEU A 16 -3.07 -0.62 5.51
C LEU A 16 -2.25 0.62 5.93
N LYS A 17 -2.66 1.32 6.99
CA LYS A 17 -2.15 2.63 7.44
C LYS A 17 -0.64 2.86 7.19
N LYS A 18 0.20 2.07 7.87
CA LYS A 18 1.67 2.11 7.79
C LYS A 18 2.28 1.51 6.51
N ASP A 19 1.49 0.81 5.70
CA ASP A 19 1.87 0.19 4.42
C ASP A 19 1.45 1.03 3.18
N CYS A 20 0.58 2.04 3.35
CA CYS A 20 0.41 3.16 2.41
C CYS A 20 1.67 4.07 2.34
N PRO A 21 1.76 4.97 1.35
CA PRO A 21 2.87 5.93 1.21
C PRO A 21 3.06 6.87 2.40
N HIS A 22 4.24 7.50 2.47
CA HIS A 22 4.64 8.40 3.57
C HIS A 22 3.80 9.70 3.62
N ILE A 23 3.63 10.24 4.83
CA ILE A 23 2.79 11.43 5.12
C ILE A 23 3.55 12.77 5.01
N ILE A 24 2.81 13.88 5.10
CA ILE A 24 3.32 15.25 4.94
C ILE A 24 4.23 15.62 6.13
N CYS A 25 5.46 16.08 5.88
CA CYS A 25 6.42 16.36 6.96
C CYS A 25 5.92 17.46 7.92
N SER A 26 5.94 17.16 9.23
CA SER A 26 5.47 18.00 10.34
C SER A 26 4.04 18.57 10.21
N TYR A 27 3.24 18.04 9.28
CA TYR A 27 1.97 18.62 8.82
C TYR A 27 2.05 20.14 8.52
N CYS A 28 3.19 20.60 7.99
CA CYS A 28 3.48 22.04 7.82
C CYS A 28 2.96 22.65 6.51
N GLY A 29 2.58 21.82 5.53
CA GLY A 29 2.16 22.28 4.20
C GLY A 29 1.09 21.41 3.53
N ALA A 30 0.82 21.74 2.26
CA ALA A 30 -0.02 20.92 1.37
C ALA A 30 0.68 19.61 0.97
N THR A 31 0.07 18.80 0.11
CA THR A 31 0.68 17.58 -0.46
C THR A 31 0.80 17.60 -1.98
N ASP A 32 -0.23 18.09 -2.70
CA ASP A 32 -0.21 18.15 -4.17
C ASP A 32 0.60 19.34 -4.73
N ASP A 33 0.74 20.42 -3.96
CA ASP A 33 1.55 21.61 -4.26
C ASP A 33 2.44 22.06 -3.07
N HIS A 34 2.89 21.06 -2.29
CA HIS A 34 3.60 21.15 -1.02
C HIS A 34 4.76 22.15 -0.97
N TYR A 35 5.72 22.04 -1.89
CA TYR A 35 6.99 22.76 -1.84
C TYR A 35 6.85 24.25 -2.20
N SER A 36 6.08 24.55 -3.26
CA SER A 36 6.03 25.86 -3.92
C SER A 36 5.36 26.98 -3.12
N ARG A 37 4.61 26.62 -2.07
CA ARG A 37 4.01 27.54 -1.09
C ARG A 37 5.02 28.05 -0.04
N HIS A 38 6.33 28.03 -0.35
CA HIS A 38 7.42 28.13 0.62
C HIS A 38 7.25 27.13 1.78
N CYS A 39 7.18 25.85 1.41
CA CYS A 39 7.08 24.64 2.23
C CYS A 39 6.27 24.79 3.55
N PRO A 40 6.84 25.15 4.72
CA PRO A 40 6.10 25.19 5.99
C PRO A 40 5.11 26.36 6.15
N LYS A 41 5.05 27.30 5.21
CA LYS A 41 4.22 28.52 5.26
C LYS A 41 2.83 28.34 4.64
N ALA A 42 2.22 27.15 4.80
CA ALA A 42 0.94 26.79 4.16
C ALA A 42 -0.16 26.18 5.07
N ILE A 43 0.13 25.74 6.29
CA ILE A 43 -0.84 25.18 7.25
C ILE A 43 -0.88 26.02 8.55
N GLN A 44 -0.93 27.34 8.40
CA GLN A 44 -1.25 28.27 9.48
C GLN A 44 -1.92 29.56 8.98
N CYS A 45 -2.63 30.22 9.90
CA CYS A 45 -3.18 31.56 9.78
C CYS A 45 -2.11 32.61 9.41
N SER A 46 -2.52 33.72 8.81
CA SER A 46 -1.61 34.76 8.29
C SER A 46 -0.75 35.44 9.37
N LYS A 47 -1.23 35.51 10.62
CA LYS A 47 -0.56 36.13 11.78
C LYS A 47 -0.55 35.25 13.05
N CYS A 48 -1.07 34.02 12.96
CA CYS A 48 -1.18 33.07 14.08
C CYS A 48 -0.73 31.65 13.67
N ASP A 49 -0.35 30.81 14.63
CA ASP A 49 0.48 29.60 14.38
C ASP A 49 -0.29 28.32 14.00
N GLU A 50 -1.62 28.35 13.92
CA GLU A 50 -2.46 27.20 13.54
C GLU A 50 -3.37 27.47 12.33
N VAL A 51 -3.68 26.38 11.61
CA VAL A 51 -4.31 26.21 10.28
C VAL A 51 -4.84 27.44 9.53
N GLY A 52 -5.80 28.19 10.09
CA GLY A 52 -6.55 29.24 9.39
C GLY A 52 -7.62 29.88 10.27
N HIS A 53 -8.16 31.04 9.90
CA HIS A 53 -8.86 31.92 10.84
C HIS A 53 -10.32 31.55 11.23
N TYR A 54 -10.80 30.36 10.85
CA TYR A 54 -12.13 29.88 11.25
C TYR A 54 -12.27 29.72 12.77
N ARG A 55 -13.48 29.87 13.32
CA ARG A 55 -13.78 29.84 14.77
C ARG A 55 -13.53 28.52 15.51
N SER A 56 -13.08 27.49 14.80
CA SER A 56 -12.65 26.18 15.32
C SER A 56 -11.24 25.77 14.86
N GLN A 57 -10.54 26.65 14.12
CA GLN A 57 -9.18 26.44 13.58
C GLN A 57 -8.17 27.48 14.10
N CYS A 58 -8.65 28.68 14.46
CA CYS A 58 -7.89 29.71 15.17
C CYS A 58 -8.78 30.43 16.24
N PRO A 59 -9.35 29.69 17.22
CA PRO A 59 -10.11 30.27 18.32
C PRO A 59 -9.20 31.00 19.33
N HIS A 60 -9.77 31.95 20.09
CA HIS A 60 -9.07 32.67 21.16
C HIS A 60 -9.19 32.00 22.54
N LYS A 61 -10.03 30.96 22.66
CA LYS A 61 -10.09 30.01 23.78
C LYS A 61 -9.64 28.62 23.29
N TRP A 62 -8.83 27.91 24.08
CA TRP A 62 -8.07 26.76 23.58
C TRP A 62 -8.77 25.40 23.74
N LYS A 63 -9.20 25.08 24.97
CA LYS A 63 -9.81 23.77 25.36
C LYS A 63 -9.00 22.54 24.89
N LYS A 64 -7.67 22.67 24.82
CA LYS A 64 -6.73 21.67 24.25
C LYS A 64 -5.94 20.96 25.35
N VAL A 65 -6.04 19.63 25.40
CA VAL A 65 -5.40 18.69 26.35
C VAL A 65 -5.55 19.07 27.85
N GLN A 66 -6.52 19.94 28.17
CA GLN A 66 -6.74 20.60 29.47
C GLN A 66 -5.55 21.38 30.06
N CYS A 67 -4.40 21.43 29.38
CA CYS A 67 -3.13 21.95 29.94
C CYS A 67 -2.29 22.68 28.88
N THR A 68 -1.60 23.73 29.33
CA THR A 68 -0.45 24.31 28.61
C THR A 68 0.85 23.49 28.78
N LEU A 69 0.94 22.72 29.87
CA LEU A 69 2.14 21.95 30.25
C LEU A 69 2.36 20.68 29.40
N CYS A 70 1.34 20.24 28.66
CA CYS A 70 1.30 18.95 27.97
C CYS A 70 1.32 19.08 26.44
N LYS A 71 1.72 17.99 25.77
CA LYS A 71 1.81 17.86 24.31
C LYS A 71 1.03 16.64 23.83
N SER A 72 0.57 16.67 22.58
CA SER A 72 -0.14 15.57 21.93
C SER A 72 0.61 14.24 22.03
N LYS A 73 -0.13 13.17 22.33
CA LYS A 73 0.32 11.80 22.66
C LYS A 73 1.44 11.68 23.71
N LYS A 74 1.64 12.71 24.55
CA LYS A 74 2.66 12.81 25.62
C LYS A 74 2.08 13.34 26.94
N HIS A 75 0.81 13.04 27.21
CA HIS A 75 0.13 13.42 28.46
C HIS A 75 0.58 12.57 29.68
N SER A 76 0.14 12.96 30.88
CA SER A 76 0.29 12.26 32.17
C SER A 76 1.71 12.14 32.75
N LYS A 77 2.73 12.54 31.99
CA LYS A 77 4.13 12.67 32.44
C LYS A 77 4.26 13.54 33.68
N GLU A 78 5.29 13.27 34.49
CA GLU A 78 5.53 13.91 35.81
C GLU A 78 4.30 13.87 36.74
N ARG A 79 3.56 12.75 36.71
CA ARG A 79 2.32 12.48 37.45
C ARG A 79 1.27 13.58 37.23
N CYS A 80 0.83 13.72 35.97
CA CYS A 80 -0.20 14.66 35.53
C CYS A 80 -1.48 13.98 34.94
N PRO A 81 -2.01 12.85 35.48
CA PRO A 81 -3.17 12.18 34.90
C PRO A 81 -4.50 12.91 35.17
N SER A 82 -4.56 13.70 36.25
CA SER A 82 -5.77 14.36 36.77
C SER A 82 -6.34 15.47 35.88
N ILE A 83 -7.65 15.72 36.02
CA ILE A 83 -8.42 16.66 35.18
C ILE A 83 -8.41 18.13 35.67
N TRP A 84 -8.91 19.03 34.84
CA TRP A 84 -8.89 20.49 34.99
C TRP A 84 -9.65 21.03 36.23
N ARG A 85 -10.66 20.27 36.71
CA ARG A 85 -11.53 20.57 37.88
C ARG A 85 -12.38 21.84 37.70
N ALA A 86 -13.18 22.18 38.73
CA ALA A 86 -14.05 23.37 38.85
C ALA A 86 -15.21 23.55 37.86
N TYR A 87 -15.36 22.70 36.83
CA TYR A 87 -16.55 22.65 35.97
C TYR A 87 -17.66 21.78 36.57
N ILE A 88 -18.92 22.09 36.26
CA ILE A 88 -20.10 21.36 36.77
C ILE A 88 -20.20 19.94 36.18
N LEU A 89 -20.63 18.97 37.00
CA LEU A 89 -20.75 17.54 36.63
C LEU A 89 -22.04 16.86 37.16
N VAL A 90 -22.79 17.53 38.05
CA VAL A 90 -24.01 16.97 38.68
C VAL A 90 -25.17 16.73 37.70
N ASP A 91 -25.12 17.35 36.51
CA ASP A 91 -26.14 17.20 35.45
C ASP A 91 -25.98 15.93 34.59
N ASP A 92 -24.88 15.19 34.72
CA ASP A 92 -24.55 14.00 33.93
C ASP A 92 -24.38 12.74 34.81
N ASN A 93 -25.08 11.66 34.45
CA ASN A 93 -25.03 10.34 35.08
C ASN A 93 -25.21 10.33 36.61
N GLU A 94 -25.98 11.29 37.14
CA GLU A 94 -26.21 11.53 38.56
C GLU A 94 -27.65 12.01 38.83
N LYS A 95 -28.19 11.73 40.02
CA LYS A 95 -29.53 12.11 40.50
C LYS A 95 -29.56 12.45 41.99
N ALA A 96 -30.51 13.30 42.38
CA ALA A 96 -30.66 13.81 43.75
C ALA A 96 -31.37 12.84 44.72
N LYS A 97 -32.07 11.80 44.21
CA LYS A 97 -32.90 10.87 44.99
C LYS A 97 -32.24 9.49 45.13
N PRO A 98 -32.07 8.94 46.35
CA PRO A 98 -31.58 7.57 46.57
C PRO A 98 -32.68 6.51 46.38
N LYS A 99 -32.27 5.25 46.29
CA LYS A 99 -33.14 4.06 46.38
C LYS A 99 -32.44 2.97 47.23
N VAL A 100 -33.12 2.48 48.27
CA VAL A 100 -32.50 1.72 49.37
C VAL A 100 -32.76 0.21 49.29
N LEU A 101 -33.96 -0.20 48.84
CA LEU A 101 -34.37 -1.61 48.73
C LEU A 101 -35.25 -1.83 47.47
N PRO A 102 -34.93 -2.80 46.59
CA PRO A 102 -35.69 -3.03 45.35
C PRO A 102 -36.84 -4.04 45.49
N PHE A 103 -36.90 -4.80 46.58
CA PHE A 103 -37.83 -5.92 46.78
C PHE A 103 -38.82 -5.69 47.94
N HIS A 104 -40.01 -6.29 47.86
CA HIS A 104 -41.09 -6.08 48.84
C HIS A 104 -40.87 -6.85 50.15
N THR A 105 -41.30 -6.26 51.27
CA THR A 105 -41.25 -6.84 52.61
C THR A 105 -42.34 -6.27 53.54
N ILE A 106 -42.66 -6.98 54.62
CA ILE A 106 -43.72 -6.67 55.60
C ILE A 106 -45.07 -6.43 54.90
N TYR A 107 -45.49 -7.43 54.11
CA TYR A 107 -46.64 -7.38 53.20
C TYR A 107 -47.68 -8.46 53.50
N CYS A 108 -48.93 -8.25 53.08
CA CYS A 108 -49.85 -9.33 52.75
C CYS A 108 -49.58 -9.86 51.34
N TYR A 109 -49.94 -11.12 51.03
CA TYR A 109 -49.78 -11.68 49.69
C TYR A 109 -50.84 -11.21 48.68
N ASN A 110 -51.90 -10.53 49.14
CA ASN A 110 -53.01 -10.03 48.32
C ASN A 110 -53.06 -8.49 48.17
N CYS A 111 -52.43 -7.74 49.07
CA CYS A 111 -52.48 -6.27 49.10
C CYS A 111 -51.25 -5.63 49.79
N GLY A 112 -51.07 -4.32 49.59
CA GLY A 112 -49.91 -3.57 50.10
C GLY A 112 -49.87 -3.45 51.63
N GLY A 113 -48.76 -3.91 52.23
CA GLY A 113 -48.48 -3.86 53.68
C GLY A 113 -49.26 -4.89 54.51
N LYS A 114 -48.62 -5.45 55.53
CA LYS A 114 -49.17 -6.47 56.46
C LYS A 114 -50.06 -5.84 57.56
N GLY A 115 -51.09 -5.11 57.15
CA GLY A 115 -51.94 -4.29 58.02
C GLY A 115 -52.98 -5.05 58.87
N HIS A 116 -53.22 -6.34 58.59
CA HIS A 116 -54.20 -7.17 59.32
C HIS A 116 -53.73 -8.63 59.46
N PHE A 117 -54.66 -9.55 59.76
CA PHE A 117 -54.46 -11.00 59.91
C PHE A 117 -54.14 -11.72 58.58
N GLY A 118 -53.25 -11.12 57.79
CA GLY A 118 -52.84 -11.39 56.40
C GLY A 118 -52.60 -12.85 55.99
N ASP A 119 -52.38 -13.77 56.93
CA ASP A 119 -52.37 -15.21 56.65
C ASP A 119 -53.72 -15.74 56.12
N ASP A 120 -54.83 -15.22 56.67
CA ASP A 120 -56.21 -15.42 56.22
C ASP A 120 -56.86 -14.14 55.65
N CYS A 121 -56.23 -12.99 55.91
CA CYS A 121 -56.45 -11.69 55.27
C CYS A 121 -57.86 -11.11 55.49
N LYS A 122 -58.31 -11.12 56.75
CA LYS A 122 -59.58 -10.51 57.22
C LYS A 122 -59.33 -9.57 58.40
N GLU A 123 -60.35 -8.77 58.77
CA GLU A 123 -60.25 -7.72 59.81
C GLU A 123 -60.52 -8.21 61.25
N LYS A 124 -61.12 -9.40 61.40
CA LYS A 124 -61.55 -10.01 62.67
C LYS A 124 -61.41 -11.53 62.63
ZN ZN B . -54.22 -7.66 53.56
ZN ZN C . -1.86 17.30 32.05
ZN ZN D . -5.47 34.39 13.84
ZN ZN E . 7.03 20.51 4.40
ZN ZN F . -3.93 2.28 -0.01
N LYS A 1 -13.44 -7.84 14.46
CA LYS A 1 -13.08 -6.97 13.31
C LYS A 1 -11.91 -7.54 12.50
N GLU A 2 -11.91 -7.37 11.18
CA GLU A 2 -10.88 -7.91 10.27
C GLU A 2 -9.59 -7.07 10.28
N ALA A 3 -9.72 -5.74 10.45
CA ALA A 3 -8.61 -4.81 10.60
C ALA A 3 -9.00 -3.60 11.47
N ALA A 4 -8.06 -3.15 12.32
CA ALA A 4 -8.11 -1.85 13.00
C ALA A 4 -7.71 -0.67 12.09
N PRO A 5 -6.55 -0.69 11.39
CA PRO A 5 -6.10 0.43 10.54
C PRO A 5 -6.84 0.54 9.19
N LYS A 6 -7.18 -0.59 8.56
CA LYS A 6 -7.68 -0.74 7.18
C LYS A 6 -6.71 -0.25 6.09
N CYS A 7 -6.42 1.05 6.05
CA CYS A 7 -5.47 1.74 5.18
C CYS A 7 -5.07 3.11 5.80
N ASN A 8 -3.96 3.71 5.37
CA ASN A 8 -3.59 5.07 5.78
C ASN A 8 -4.53 6.16 5.20
N ASN A 9 -5.04 5.97 3.97
CA ASN A 9 -5.89 6.96 3.30
C ASN A 9 -6.97 6.32 2.40
N CYS A 10 -6.59 5.58 1.36
CA CYS A 10 -7.50 4.98 0.37
C CYS A 10 -7.97 3.58 0.82
N SER A 11 -9.15 3.54 1.44
CA SER A 11 -9.75 2.42 2.17
C SER A 11 -10.24 1.23 1.31
N GLN A 12 -9.30 0.59 0.64
CA GLN A 12 -9.41 -0.72 -0.01
C GLN A 12 -8.37 -1.70 0.57
N ARG A 13 -8.70 -3.00 0.61
CA ARG A 13 -7.89 -4.03 1.28
C ARG A 13 -6.62 -4.35 0.47
N GLY A 14 -5.49 -4.47 1.18
CA GLY A 14 -4.19 -4.85 0.61
C GLY A 14 -3.00 -4.19 1.30
N HIS A 15 -3.14 -2.93 1.71
CA HIS A 15 -2.11 -2.18 2.43
C HIS A 15 -2.68 -1.30 3.57
N LEU A 16 -2.58 -1.78 4.80
CA LEU A 16 -2.86 -1.02 6.03
C LEU A 16 -1.91 0.18 6.23
N LYS A 17 -2.07 0.93 7.33
CA LYS A 17 -1.39 2.21 7.62
C LYS A 17 0.10 2.22 7.22
N LYS A 18 0.91 1.41 7.90
CA LYS A 18 2.37 1.27 7.66
C LYS A 18 2.74 0.49 6.39
N ASP A 19 1.78 -0.18 5.75
CA ASP A 19 1.96 -0.89 4.48
C ASP A 19 1.80 0.04 3.26
N CYS A 20 1.02 1.11 3.40
CA CYS A 20 0.71 2.11 2.37
C CYS A 20 1.94 2.86 1.78
N PRO A 21 2.96 3.31 2.54
CA PRO A 21 4.04 4.15 2.01
C PRO A 21 5.10 3.37 1.20
N HIS A 22 5.88 4.11 0.40
CA HIS A 22 6.80 3.60 -0.62
C HIS A 22 8.23 3.24 -0.11
N ILE A 23 8.48 3.29 1.19
CA ILE A 23 9.83 3.29 1.82
C ILE A 23 10.47 1.89 2.00
N ILE A 24 10.13 0.92 1.15
CA ILE A 24 10.49 -0.51 1.31
C ILE A 24 11.46 -0.98 0.20
N CYS A 25 12.37 -1.89 0.54
CA CYS A 25 13.48 -2.39 -0.30
C CYS A 25 13.05 -2.71 -1.76
N SER A 26 13.65 -1.99 -2.71
CA SER A 26 13.56 -2.21 -4.17
C SER A 26 12.13 -2.31 -4.75
N TYR A 27 11.13 -1.80 -4.02
CA TYR A 27 9.70 -2.03 -4.28
C TYR A 27 9.32 -3.53 -4.41
N CYS A 28 10.09 -4.42 -3.77
CA CYS A 28 9.98 -5.89 -3.86
C CYS A 28 9.58 -6.56 -2.53
N GLY A 29 9.91 -5.93 -1.40
CA GLY A 29 9.60 -6.39 -0.05
C GLY A 29 8.33 -5.76 0.55
N ALA A 30 7.70 -6.45 1.51
CA ALA A 30 6.66 -5.90 2.38
C ALA A 30 7.17 -5.75 3.82
N THR A 31 6.75 -4.67 4.48
CA THR A 31 7.30 -4.20 5.78
C THR A 31 7.18 -5.21 6.93
N ASP A 32 6.22 -6.13 6.88
CA ASP A 32 5.99 -7.15 7.90
C ASP A 32 6.43 -8.58 7.49
N ASP A 33 6.99 -8.77 6.29
CA ASP A 33 7.26 -10.10 5.70
C ASP A 33 8.60 -10.23 4.92
N HIS A 34 9.27 -9.13 4.59
CA HIS A 34 10.50 -9.12 3.79
C HIS A 34 11.69 -9.83 4.49
N TYR A 35 12.44 -10.59 3.71
CA TYR A 35 13.71 -11.23 4.09
C TYR A 35 14.77 -10.94 3.02
N SER A 36 15.97 -10.55 3.46
CA SER A 36 17.13 -10.42 2.58
C SER A 36 17.50 -11.74 1.87
N ARG A 37 17.20 -12.87 2.53
CA ARG A 37 17.37 -14.24 2.01
C ARG A 37 16.49 -14.54 0.77
N HIS A 38 15.36 -13.84 0.61
CA HIS A 38 14.29 -14.23 -0.33
C HIS A 38 13.77 -13.09 -1.25
N CYS A 39 14.05 -11.82 -0.95
CA CYS A 39 13.70 -10.60 -1.69
C CYS A 39 12.26 -10.57 -2.28
N PRO A 40 11.96 -10.87 -3.57
CA PRO A 40 10.74 -10.35 -4.23
C PRO A 40 9.40 -11.02 -3.89
N LYS A 41 9.39 -12.09 -3.07
CA LYS A 41 8.21 -12.93 -2.78
C LYS A 41 7.04 -12.23 -2.08
N ALA A 42 7.22 -10.96 -1.71
CA ALA A 42 6.24 -10.14 -1.00
C ALA A 42 5.35 -9.27 -1.91
N ILE A 43 5.80 -8.94 -3.12
CA ILE A 43 5.12 -8.05 -4.09
C ILE A 43 4.97 -8.68 -5.49
N GLN A 44 5.72 -9.75 -5.80
CA GLN A 44 5.34 -10.73 -6.82
C GLN A 44 5.40 -12.17 -6.29
N CYS A 45 4.95 -13.11 -7.10
CA CYS A 45 5.14 -14.55 -6.91
C CYS A 45 5.96 -15.13 -8.09
N SER A 46 6.15 -16.45 -8.08
CA SER A 46 6.96 -17.18 -9.07
C SER A 46 6.29 -17.36 -10.45
N LYS A 47 4.97 -17.21 -10.54
CA LYS A 47 4.18 -17.46 -11.77
C LYS A 47 3.91 -16.22 -12.60
N CYS A 48 3.78 -15.05 -11.97
CA CYS A 48 3.56 -13.75 -12.62
C CYS A 48 4.03 -12.57 -11.75
N ASP A 49 4.11 -11.38 -12.35
CA ASP A 49 4.71 -10.16 -11.79
C ASP A 49 3.86 -9.45 -10.71
N GLU A 50 2.89 -10.13 -10.10
CA GLU A 50 1.87 -9.58 -9.20
C GLU A 50 1.73 -10.41 -7.91
N VAL A 51 1.19 -9.78 -6.87
CA VAL A 51 1.22 -10.26 -5.47
C VAL A 51 0.47 -11.59 -5.28
N GLY A 52 1.17 -12.63 -4.78
CA GLY A 52 0.58 -13.87 -4.26
C GLY A 52 -0.37 -14.61 -5.22
N HIS A 53 -1.34 -15.34 -4.65
CA HIS A 53 -2.47 -15.96 -5.38
C HIS A 53 -3.83 -15.85 -4.64
N TYR A 54 -3.91 -15.05 -3.57
CA TYR A 54 -5.17 -14.76 -2.88
C TYR A 54 -6.08 -13.83 -3.69
N ARG A 55 -7.40 -13.98 -3.54
CA ARG A 55 -8.45 -13.22 -4.26
C ARG A 55 -8.41 -11.70 -4.03
N SER A 56 -7.82 -11.27 -2.91
CA SER A 56 -7.58 -9.86 -2.54
C SER A 56 -6.22 -9.31 -2.99
N GLN A 57 -5.32 -10.15 -3.52
CA GLN A 57 -3.92 -9.82 -3.84
C GLN A 57 -3.57 -9.97 -5.33
N CYS A 58 -4.01 -11.04 -5.99
CA CYS A 58 -3.61 -11.40 -7.36
C CYS A 58 -4.74 -11.19 -8.37
N PRO A 59 -4.62 -10.23 -9.31
CA PRO A 59 -5.61 -10.03 -10.38
C PRO A 59 -5.62 -11.16 -11.43
N HIS A 60 -6.70 -11.19 -12.23
CA HIS A 60 -6.82 -11.99 -13.45
C HIS A 60 -7.27 -11.11 -14.63
N LYS A 61 -6.76 -11.40 -15.84
CA LYS A 61 -7.00 -10.62 -17.07
C LYS A 61 -8.37 -10.88 -17.70
N TRP A 62 -9.03 -11.99 -17.36
CA TRP A 62 -10.36 -12.33 -17.89
C TRP A 62 -11.46 -11.37 -17.40
N LYS A 63 -12.15 -10.74 -18.37
CA LYS A 63 -13.37 -9.93 -18.21
C LYS A 63 -14.30 -10.20 -19.41
N LYS A 64 -15.61 -10.12 -19.20
CA LYS A 64 -16.65 -10.41 -20.21
C LYS A 64 -17.63 -9.23 -20.38
N VAL A 65 -18.11 -9.03 -21.62
CA VAL A 65 -19.02 -7.93 -22.02
C VAL A 65 -20.40 -8.45 -22.43
N GLN A 66 -21.43 -7.63 -22.26
CA GLN A 66 -22.83 -7.98 -22.59
C GLN A 66 -23.25 -7.58 -24.02
N CYS A 67 -22.45 -6.77 -24.71
CA CYS A 67 -22.81 -6.19 -26.00
C CYS A 67 -22.45 -7.11 -27.19
N THR A 68 -23.43 -7.84 -27.71
CA THR A 68 -23.69 -8.04 -29.15
C THR A 68 -22.46 -8.08 -30.09
N LEU A 69 -21.92 -6.91 -30.46
CA LEU A 69 -20.88 -6.65 -31.46
C LEU A 69 -19.50 -6.24 -30.90
N CYS A 70 -19.42 -5.96 -29.60
CA CYS A 70 -18.21 -5.44 -28.95
C CYS A 70 -17.17 -6.54 -28.65
N LYS A 71 -15.93 -6.10 -28.42
CA LYS A 71 -14.79 -6.90 -27.95
C LYS A 71 -14.19 -6.25 -26.70
N SER A 72 -13.66 -7.09 -25.81
CA SER A 72 -12.94 -6.68 -24.60
C SER A 72 -11.72 -5.80 -24.91
N LYS A 73 -11.54 -4.75 -24.11
CA LYS A 73 -10.52 -3.70 -24.25
C LYS A 73 -10.49 -3.02 -25.65
N LYS A 74 -11.62 -3.03 -26.39
CA LYS A 74 -11.73 -2.52 -27.77
C LYS A 74 -12.97 -1.61 -28.01
N HIS A 75 -13.64 -1.19 -26.95
CA HIS A 75 -14.71 -0.17 -27.01
C HIS A 75 -14.77 0.68 -25.74
N SER A 76 -15.58 1.75 -25.75
CA SER A 76 -15.61 2.76 -24.70
C SER A 76 -17.00 3.09 -24.14
N LYS A 77 -17.02 3.55 -22.88
CA LYS A 77 -18.15 4.22 -22.20
C LYS A 77 -18.51 5.59 -22.79
N GLU A 78 -17.74 6.09 -23.76
CA GLU A 78 -18.14 7.08 -24.78
C GLU A 78 -19.22 6.49 -25.76
N ARG A 79 -20.19 5.78 -25.18
CA ARG A 79 -21.39 5.17 -25.77
C ARG A 79 -21.14 4.34 -27.04
N CYS A 80 -20.18 3.42 -26.96
CA CYS A 80 -19.94 2.31 -27.92
C CYS A 80 -19.54 2.76 -29.36
N PRO A 81 -19.19 1.82 -30.27
CA PRO A 81 -18.73 2.14 -31.63
C PRO A 81 -19.73 2.87 -32.54
N SER A 82 -21.01 2.85 -32.21
CA SER A 82 -22.15 3.33 -33.01
C SER A 82 -22.28 4.86 -33.16
N ILE A 83 -21.41 5.67 -32.54
CA ILE A 83 -21.30 7.10 -32.81
C ILE A 83 -20.36 7.37 -33.99
N TRP A 84 -20.90 7.99 -35.05
CA TRP A 84 -20.18 8.27 -36.30
C TRP A 84 -20.47 9.65 -36.93
N ARG A 85 -21.60 10.28 -36.58
CA ARG A 85 -22.10 11.50 -37.25
C ARG A 85 -21.25 12.75 -36.98
N ALA A 86 -20.48 12.78 -35.89
CA ALA A 86 -19.60 13.90 -35.52
C ALA A 86 -18.33 13.45 -34.77
N TYR A 87 -17.29 14.27 -34.83
CA TYR A 87 -16.04 14.14 -34.07
C TYR A 87 -15.98 15.13 -32.90
N ILE A 88 -15.21 14.78 -31.85
CA ILE A 88 -14.75 15.72 -30.82
C ILE A 88 -13.35 16.18 -31.22
N LEU A 89 -13.29 17.20 -32.09
CA LEU A 89 -12.11 17.57 -32.88
C LEU A 89 -11.30 18.74 -32.29
N VAL A 90 -11.71 19.28 -31.14
CA VAL A 90 -11.08 20.44 -30.48
C VAL A 90 -9.61 20.17 -30.06
N ASP A 91 -8.79 21.22 -30.12
CA ASP A 91 -7.34 21.19 -29.93
C ASP A 91 -6.83 22.07 -28.77
N ASP A 92 -5.71 21.67 -28.17
CA ASP A 92 -5.05 22.35 -27.05
C ASP A 92 -4.20 23.56 -27.47
N ASN A 93 -3.92 24.46 -26.51
CA ASN A 93 -3.25 25.75 -26.73
C ASN A 93 -1.96 25.91 -25.89
N GLU A 94 -1.07 26.80 -26.35
CA GLU A 94 0.26 27.12 -25.79
C GLU A 94 1.28 25.96 -25.73
N LYS A 95 2.55 26.33 -25.60
CA LYS A 95 3.74 25.46 -25.47
C LYS A 95 4.60 25.87 -24.26
N ALA A 96 5.47 24.97 -23.80
CA ALA A 96 6.30 25.17 -22.61
C ALA A 96 7.76 24.71 -22.81
N LYS A 97 8.67 25.34 -22.06
CA LYS A 97 10.09 24.99 -21.89
C LYS A 97 10.54 25.23 -20.43
N PRO A 98 11.62 24.60 -19.95
CA PRO A 98 12.12 24.79 -18.58
C PRO A 98 12.55 26.22 -18.25
N LYS A 99 12.51 26.58 -16.96
CA LYS A 99 12.97 27.87 -16.40
C LYS A 99 14.46 27.86 -16.03
N VAL A 100 15.24 26.97 -16.65
CA VAL A 100 16.67 26.73 -16.45
C VAL A 100 17.31 26.22 -17.75
N LEU A 101 18.61 26.51 -17.96
CA LEU A 101 19.40 26.08 -19.11
C LEU A 101 20.73 25.45 -18.67
N PRO A 102 21.25 24.43 -19.40
CA PRO A 102 22.47 23.71 -19.03
C PRO A 102 23.78 24.47 -19.32
N PHE A 103 23.71 25.56 -20.09
CA PHE A 103 24.87 26.33 -20.58
C PHE A 103 25.63 27.11 -19.48
N HIS A 104 25.05 27.24 -18.28
CA HIS A 104 25.57 28.06 -17.18
C HIS A 104 26.61 27.34 -16.28
N THR A 105 27.02 26.11 -16.61
CA THR A 105 28.03 25.31 -15.88
C THR A 105 29.36 25.24 -16.63
N ILE A 106 30.47 25.31 -15.88
CA ILE A 106 31.85 25.12 -16.37
C ILE A 106 32.52 23.86 -15.77
N TYR A 107 33.55 23.35 -16.44
CA TYR A 107 34.21 22.07 -16.12
C TYR A 107 35.74 22.19 -16.15
N CYS A 108 36.42 21.24 -15.49
CA CYS A 108 37.87 21.15 -15.47
C CYS A 108 38.42 20.42 -16.72
N TYR A 109 39.56 20.87 -17.23
CA TYR A 109 40.24 20.32 -18.42
C TYR A 109 41.77 20.20 -18.24
N ASN A 110 42.27 20.36 -17.01
CA ASN A 110 43.68 20.35 -16.63
C ASN A 110 43.85 19.68 -15.25
N CYS A 111 45.05 19.17 -14.94
CA CYS A 111 45.51 18.61 -13.65
C CYS A 111 44.69 17.48 -12.97
N GLY A 112 43.52 17.10 -13.49
CA GLY A 112 42.63 16.08 -12.92
C GLY A 112 41.31 15.90 -13.68
N GLY A 113 40.36 15.18 -13.07
CA GLY A 113 39.03 14.90 -13.62
C GLY A 113 38.14 16.15 -13.71
N LYS A 114 37.07 16.08 -14.53
CA LYS A 114 36.26 17.24 -14.97
C LYS A 114 35.49 17.95 -13.85
N GLY A 115 35.28 17.30 -12.70
CA GLY A 115 34.43 17.82 -11.62
C GLY A 115 35.08 18.83 -10.67
N HIS A 116 36.37 18.67 -10.32
CA HIS A 116 36.95 19.38 -9.17
C HIS A 116 37.44 20.80 -9.47
N PHE A 117 37.22 21.70 -8.51
CA PHE A 117 37.81 23.05 -8.31
C PHE A 117 38.06 23.90 -9.58
N GLY A 118 37.21 23.73 -10.61
CA GLY A 118 37.45 24.19 -11.98
C GLY A 118 37.56 25.71 -12.15
N ASP A 119 37.20 26.47 -11.12
CA ASP A 119 37.35 27.92 -11.05
C ASP A 119 38.82 28.39 -10.92
N ASP A 120 39.66 27.63 -10.21
CA ASP A 120 40.93 28.13 -9.64
C ASP A 120 42.10 27.13 -9.65
N CYS A 121 41.85 25.81 -9.61
CA CYS A 121 42.90 24.79 -9.53
C CYS A 121 43.75 24.64 -10.81
N LYS A 122 43.33 25.24 -11.92
CA LYS A 122 43.95 25.17 -13.26
C LYS A 122 45.16 26.12 -13.39
N GLU A 123 46.10 26.03 -12.46
CA GLU A 123 47.30 26.89 -12.37
C GLU A 123 48.42 26.54 -13.38
N LYS A 124 48.27 25.42 -14.11
CA LYS A 124 49.20 24.92 -15.15
C LYS A 124 48.43 24.37 -16.36
ZN ZN B . 41.80 20.49 -11.96
ZN ZN C . -20.52 -2.07 -25.52
ZN ZN D . 0.14 -14.80 -9.35
ZN ZN E . 14.52 -6.85 -1.22
ZN ZN F . -3.33 3.17 0.35
N LYS A 1 -13.00 -9.20 15.63
CA LYS A 1 -12.44 -7.84 15.87
C LYS A 1 -10.98 -7.79 15.38
N GLU A 2 -10.73 -7.01 14.33
CA GLU A 2 -9.47 -7.00 13.56
C GLU A 2 -9.26 -5.68 12.79
N ALA A 3 -8.09 -5.52 12.16
CA ALA A 3 -7.70 -4.38 11.32
C ALA A 3 -7.84 -3.00 12.01
N ALA A 4 -7.18 -2.84 13.16
CA ALA A 4 -7.06 -1.58 13.91
C ALA A 4 -6.71 -0.34 13.04
N PRO A 5 -5.71 -0.38 12.13
CA PRO A 5 -5.34 0.78 11.31
C PRO A 5 -6.29 1.02 10.11
N LYS A 6 -6.70 -0.08 9.44
CA LYS A 6 -6.97 -0.11 7.98
C LYS A 6 -5.90 0.69 7.18
N CYS A 7 -6.20 1.12 5.95
CA CYS A 7 -5.27 1.90 5.11
C CYS A 7 -4.85 3.24 5.76
N ASN A 8 -3.70 3.81 5.35
CA ASN A 8 -3.36 5.19 5.73
C ASN A 8 -4.37 6.21 5.17
N ASN A 9 -4.88 5.97 3.96
CA ASN A 9 -5.63 6.96 3.16
C ASN A 9 -6.71 6.39 2.21
N CYS A 10 -6.40 5.36 1.40
CA CYS A 10 -7.28 4.86 0.32
C CYS A 10 -8.54 4.14 0.84
N SER A 11 -8.38 3.34 1.89
CA SER A 11 -9.44 2.59 2.62
C SER A 11 -10.30 1.63 1.81
N GLN A 12 -9.79 1.19 0.65
CA GLN A 12 -10.40 0.18 -0.22
C GLN A 12 -9.44 -0.95 -0.61
N ARG A 13 -8.25 -1.01 0.01
CA ARG A 13 -7.14 -1.91 -0.34
C ARG A 13 -6.38 -2.40 0.90
N GLY A 14 -5.81 -3.60 0.83
CA GLY A 14 -5.23 -4.33 1.96
C GLY A 14 -3.96 -3.73 2.57
N HIS A 15 -3.33 -2.75 1.92
CA HIS A 15 -2.17 -2.04 2.48
C HIS A 15 -2.57 -1.07 3.60
N LEU A 16 -2.52 -1.56 4.85
CA LEU A 16 -2.72 -0.77 6.08
C LEU A 16 -1.69 0.38 6.23
N LYS A 17 -1.83 1.21 7.27
CA LYS A 17 -1.05 2.46 7.51
C LYS A 17 0.40 2.40 7.01
N LYS A 18 1.25 1.59 7.66
CA LYS A 18 2.68 1.42 7.34
C LYS A 18 2.98 0.53 6.12
N ASP A 19 1.98 -0.14 5.58
CA ASP A 19 2.03 -0.90 4.33
C ASP A 19 1.81 0.00 3.10
N CYS A 20 1.06 1.10 3.27
CA CYS A 20 0.71 2.06 2.22
C CYS A 20 1.96 2.75 1.63
N PRO A 21 2.02 2.96 0.29
CA PRO A 21 3.14 3.63 -0.37
C PRO A 21 3.28 5.14 -0.05
N HIS A 22 2.22 5.79 0.44
CA HIS A 22 2.23 7.21 0.80
C HIS A 22 1.95 7.41 2.30
N ILE A 23 2.99 7.80 3.04
CA ILE A 23 2.98 8.01 4.50
C ILE A 23 3.81 9.25 4.90
N ILE A 24 3.63 9.72 6.15
CA ILE A 24 4.37 10.82 6.80
C ILE A 24 4.35 12.14 6.00
N CYS A 25 3.35 12.31 5.12
CA CYS A 25 3.21 13.43 4.17
C CYS A 25 4.50 13.78 3.37
N SER A 26 5.37 12.79 3.17
CA SER A 26 6.79 12.94 2.78
C SER A 26 7.52 14.07 3.54
N TYR A 27 7.92 13.77 4.79
CA TYR A 27 8.61 14.63 5.78
C TYR A 27 7.79 15.79 6.37
N CYS A 28 6.46 15.77 6.24
CA CYS A 28 5.53 16.60 7.01
C CYS A 28 4.78 15.69 8.02
N GLY A 29 5.51 15.15 8.99
CA GLY A 29 4.95 14.38 10.10
C GLY A 29 5.97 13.55 10.86
N ALA A 30 5.45 12.59 11.61
CA ALA A 30 6.19 11.46 12.18
C ALA A 30 5.36 10.18 11.98
N THR A 31 5.99 9.02 12.01
CA THR A 31 5.30 7.75 11.74
C THR A 31 4.29 7.35 12.83
N ASP A 32 4.46 7.84 14.06
CA ASP A 32 3.58 7.54 15.20
C ASP A 32 2.90 8.78 15.82
N ASP A 33 3.60 9.92 15.93
CA ASP A 33 3.13 11.11 16.66
C ASP A 33 2.73 12.27 15.73
N HIS A 34 1.72 12.03 14.89
CA HIS A 34 1.21 12.95 13.88
C HIS A 34 -0.26 12.68 13.56
N TYR A 35 -1.07 13.74 13.48
CA TYR A 35 -2.54 13.65 13.33
C TYR A 35 -3.14 14.90 12.69
N SER A 36 -4.44 14.88 12.34
CA SER A 36 -5.20 15.98 11.73
C SER A 36 -5.14 17.30 12.51
N ARG A 37 -5.03 17.22 13.84
CA ARG A 37 -4.89 18.35 14.78
C ARG A 37 -3.44 18.84 14.95
N HIS A 38 -2.46 18.11 14.41
CA HIS A 38 -1.01 18.31 14.65
C HIS A 38 -0.15 18.33 13.36
N CYS A 39 -0.74 18.16 12.17
CA CYS A 39 -0.11 18.05 10.85
C CYS A 39 1.26 18.77 10.66
N PRO A 40 1.41 20.08 10.96
CA PRO A 40 2.69 20.80 10.75
C PRO A 40 3.88 20.33 11.62
N LYS A 41 3.65 19.61 12.73
CA LYS A 41 4.70 19.01 13.58
C LYS A 41 5.33 17.80 12.88
N ALA A 42 6.66 17.77 12.79
CA ALA A 42 7.38 16.75 12.01
C ALA A 42 8.79 16.42 12.54
N ILE A 43 9.10 15.11 12.52
CA ILE A 43 10.41 14.44 12.68
C ILE A 43 11.17 14.70 14.00
N GLN A 44 11.79 13.65 14.54
CA GLN A 44 12.58 13.64 15.78
C GLN A 44 13.49 12.41 15.90
N CYS A 45 14.54 12.51 16.74
CA CYS A 45 15.27 11.38 17.32
C CYS A 45 14.78 11.12 18.77
N SER A 46 15.05 9.94 19.35
CA SER A 46 14.67 9.65 20.75
C SER A 46 15.25 10.68 21.72
N LYS A 47 14.44 11.07 22.72
CA LYS A 47 14.71 12.13 23.71
C LYS A 47 15.00 13.53 23.13
N CYS A 48 14.87 13.74 21.81
CA CYS A 48 14.99 15.06 21.17
C CYS A 48 13.65 15.76 21.00
N ASP A 49 12.59 14.99 20.71
CA ASP A 49 11.19 15.42 20.42
C ASP A 49 11.00 16.37 19.20
N GLU A 50 12.04 17.06 18.74
CA GLU A 50 12.17 17.70 17.43
C GLU A 50 13.57 17.44 16.84
N VAL A 51 13.59 16.93 15.60
CA VAL A 51 14.69 16.56 14.69
C VAL A 51 15.92 15.84 15.27
N GLY A 52 16.68 16.47 16.17
CA GLY A 52 17.95 15.96 16.69
C GLY A 52 18.76 17.02 17.46
N HIS A 53 19.63 16.55 18.36
CA HIS A 53 20.57 17.38 19.14
C HIS A 53 21.80 17.82 18.31
N TYR A 54 21.92 19.13 18.05
CA TYR A 54 22.90 19.77 17.18
C TYR A 54 22.78 19.44 15.66
N ARG A 55 23.28 20.38 14.83
CA ARG A 55 23.09 20.49 13.36
C ARG A 55 21.63 20.36 12.88
N SER A 56 20.67 20.52 13.79
CA SER A 56 19.24 20.24 13.60
C SER A 56 18.92 18.88 12.98
N GLN A 57 19.79 17.88 13.22
CA GLN A 57 19.68 16.55 12.61
C GLN A 57 20.41 15.41 13.36
N CYS A 58 21.31 15.72 14.30
CA CYS A 58 22.21 14.82 15.03
C CYS A 58 22.79 13.63 14.20
N PRO A 59 23.96 13.79 13.53
CA PRO A 59 24.62 12.75 12.73
C PRO A 59 25.14 11.49 13.47
N HIS A 60 24.78 11.30 14.74
CA HIS A 60 25.02 10.13 15.62
C HIS A 60 26.50 9.80 15.99
N LYS A 61 27.47 10.12 15.12
CA LYS A 61 28.93 9.96 15.37
C LYS A 61 29.50 10.97 16.39
N TRP A 62 28.69 11.90 16.87
CA TRP A 62 29.06 12.95 17.84
C TRP A 62 29.40 12.41 19.26
N LYS A 63 28.94 11.20 19.60
CA LYS A 63 29.08 10.60 20.93
C LYS A 63 30.53 10.16 21.24
N LYS A 64 31.08 10.68 22.34
CA LYS A 64 32.40 10.39 22.99
C LYS A 64 33.69 10.54 22.18
N VAL A 65 33.72 10.27 20.88
CA VAL A 65 34.94 10.22 20.06
C VAL A 65 35.62 11.59 19.89
N GLN A 66 36.95 11.58 19.84
CA GLN A 66 37.78 12.80 19.75
C GLN A 66 37.90 13.34 18.32
N CYS A 67 37.60 12.52 17.31
CA CYS A 67 37.63 12.90 15.89
C CYS A 67 36.24 13.27 15.36
N THR A 68 36.19 14.19 14.41
CA THR A 68 34.94 14.66 13.78
C THR A 68 34.33 13.66 12.79
N LEU A 69 35.18 12.94 12.05
CA LEU A 69 34.77 12.08 10.93
C LEU A 69 34.57 10.61 11.30
N CYS A 70 35.22 10.13 12.37
CA CYS A 70 35.30 8.71 12.71
C CYS A 70 33.99 8.17 13.33
N LYS A 71 33.68 6.90 13.06
CA LYS A 71 32.53 6.18 13.65
C LYS A 71 32.94 5.20 14.76
N SER A 72 34.15 4.63 14.66
CA SER A 72 34.70 3.68 15.63
C SER A 72 35.27 4.36 16.89
N LYS A 73 35.42 3.58 17.95
CA LYS A 73 35.89 4.00 19.28
C LYS A 73 37.08 3.18 19.78
N LYS A 74 37.78 3.71 20.80
CA LYS A 74 39.04 3.18 21.36
C LYS A 74 40.17 3.02 20.31
N HIS A 75 40.17 3.89 19.31
CA HIS A 75 41.15 3.95 18.22
C HIS A 75 42.37 4.84 18.53
N SER A 76 43.50 4.63 17.84
CA SER A 76 44.71 5.46 17.99
C SER A 76 45.75 5.36 16.85
N LYS A 77 46.36 4.18 16.66
CA LYS A 77 47.61 3.95 15.92
C LYS A 77 47.58 4.44 14.48
N GLU A 78 48.74 4.88 14.00
CA GLU A 78 48.94 5.57 12.72
C GLU A 78 48.08 6.85 12.55
N ARG A 79 47.72 7.50 13.67
CA ARG A 79 46.73 8.59 13.76
C ARG A 79 45.40 8.23 13.08
N CYS A 80 44.88 7.04 13.44
CA CYS A 80 43.87 6.23 12.76
C CYS A 80 44.29 5.77 11.34
N PRO A 81 44.16 4.46 11.02
CA PRO A 81 44.65 3.92 9.75
C PRO A 81 43.84 4.40 8.54
N SER A 82 44.46 4.33 7.36
CA SER A 82 43.86 4.62 6.06
C SER A 82 43.27 6.04 5.89
N ILE A 83 43.57 6.97 6.80
CA ILE A 83 42.94 8.30 6.91
C ILE A 83 41.38 8.23 6.87
N TRP A 84 40.81 7.13 7.39
CA TRP A 84 39.37 6.79 7.37
C TRP A 84 38.73 6.74 5.96
N ARG A 85 39.53 6.62 4.89
CA ARG A 85 39.11 6.64 3.47
C ARG A 85 38.26 5.42 3.05
N ALA A 86 38.25 4.36 3.86
CA ALA A 86 37.39 3.19 3.65
C ALA A 86 35.89 3.44 3.96
N TYR A 87 35.58 4.52 4.70
CA TYR A 87 34.22 4.94 5.04
C TYR A 87 33.67 5.99 4.06
N ILE A 88 32.36 6.25 4.11
CA ILE A 88 31.65 7.17 3.19
C ILE A 88 30.58 8.00 3.93
N LEU A 89 30.32 9.22 3.43
CA LEU A 89 29.33 10.17 3.94
C LEU A 89 28.49 10.76 2.79
N VAL A 90 27.20 11.02 3.04
CA VAL A 90 26.26 11.53 2.02
C VAL A 90 26.49 13.02 1.73
N ASP A 91 26.66 13.84 2.78
CA ASP A 91 27.04 15.26 2.72
C ASP A 91 26.13 16.15 1.81
N ASP A 92 24.86 15.80 1.67
CA ASP A 92 23.89 16.44 0.75
C ASP A 92 22.82 17.29 1.46
N ASN A 93 22.87 17.39 2.79
CA ASN A 93 21.87 18.08 3.61
C ASN A 93 22.10 19.60 3.59
N GLU A 94 21.24 20.35 2.88
CA GLU A 94 21.37 21.81 2.65
C GLU A 94 20.90 22.68 3.82
N LYS A 95 20.20 22.10 4.80
CA LYS A 95 19.70 22.78 6.02
C LYS A 95 20.27 22.14 7.29
N ALA A 96 20.99 22.95 8.06
CA ALA A 96 21.50 22.62 9.41
C ALA A 96 21.36 23.81 10.40
N LYS A 97 20.48 24.76 10.07
CA LYS A 97 20.33 26.07 10.73
C LYS A 97 19.30 26.06 11.89
N PRO A 98 19.45 26.96 12.90
CA PRO A 98 18.50 27.07 14.00
C PRO A 98 17.16 27.72 13.58
N LYS A 99 16.15 27.58 14.44
CA LYS A 99 14.81 28.18 14.35
C LYS A 99 14.48 29.00 15.59
N VAL A 100 13.40 29.79 15.53
CA VAL A 100 13.04 30.83 16.52
C VAL A 100 12.37 30.31 17.80
N LEU A 101 12.10 28.99 17.92
CA LEU A 101 11.40 28.37 19.05
C LEU A 101 12.34 27.61 20.02
N PRO A 102 12.07 27.61 21.35
CA PRO A 102 12.92 26.99 22.37
C PRO A 102 12.70 25.47 22.53
N PHE A 103 13.61 24.84 23.28
CA PHE A 103 13.60 23.41 23.62
C PHE A 103 12.83 23.12 24.93
N HIS A 104 12.25 21.91 25.06
CA HIS A 104 11.48 21.44 26.24
C HIS A 104 10.43 22.43 26.78
N THR A 105 9.44 22.73 25.93
CA THR A 105 8.24 23.56 26.20
C THR A 105 7.15 22.78 26.97
N ILE A 106 7.55 22.13 28.06
CA ILE A 106 6.74 21.19 28.84
C ILE A 106 5.80 21.88 29.86
N TYR A 107 4.77 21.14 30.27
CA TYR A 107 3.75 21.51 31.25
C TYR A 107 3.47 20.35 32.23
N CYS A 108 2.72 20.60 33.29
CA CYS A 108 2.01 19.55 34.03
C CYS A 108 0.95 18.88 33.14
N TYR A 109 0.59 17.65 33.47
CA TYR A 109 -0.67 17.05 33.02
C TYR A 109 -1.88 17.68 33.75
N ASN A 110 -3.10 17.33 33.31
CA ASN A 110 -4.40 17.69 33.91
C ASN A 110 -4.76 19.20 33.86
N CYS A 111 -3.98 20.07 34.50
CA CYS A 111 -4.30 21.49 34.72
C CYS A 111 -3.89 22.44 33.58
N GLY A 112 -2.92 22.05 32.73
CA GLY A 112 -2.33 22.89 31.69
C GLY A 112 -1.35 23.97 32.19
N GLY A 113 -1.20 24.13 33.51
CA GLY A 113 -0.12 24.91 34.15
C GLY A 113 1.21 24.15 34.20
N LYS A 114 2.19 24.71 34.91
CA LYS A 114 3.56 24.18 35.06
C LYS A 114 4.10 24.47 36.47
N GLY A 115 4.92 23.56 37.01
CA GLY A 115 5.80 23.83 38.14
C GLY A 115 5.25 23.54 39.54
N HIS A 116 4.17 22.76 39.69
CA HIS A 116 3.73 22.23 40.99
C HIS A 116 3.25 20.78 40.93
N PHE A 117 3.74 19.97 41.89
CA PHE A 117 3.30 18.61 42.23
C PHE A 117 2.93 17.66 41.06
N GLY A 118 3.56 17.80 39.89
CA GLY A 118 3.09 17.22 38.61
C GLY A 118 2.81 15.71 38.64
N ASP A 119 3.56 14.97 39.47
CA ASP A 119 3.41 13.54 39.71
C ASP A 119 2.04 13.12 40.30
N ASP A 120 1.49 13.94 41.21
CA ASP A 120 0.21 13.74 41.91
C ASP A 120 -0.91 14.69 41.40
N CYS A 121 -0.52 15.79 40.74
CA CYS A 121 -1.39 16.76 40.08
C CYS A 121 -2.02 16.21 38.77
N LYS A 122 -1.39 15.19 38.16
CA LYS A 122 -1.95 14.38 37.06
C LYS A 122 -3.26 13.69 37.48
N GLU A 123 -4.16 13.46 36.51
CA GLU A 123 -5.54 13.00 36.78
C GLU A 123 -5.63 11.54 37.27
N LYS A 124 -4.60 10.72 36.99
CA LYS A 124 -4.49 9.31 37.38
C LYS A 124 -3.13 8.99 38.03
ZN ZN B . 0.03 21.40 37.86
ZN ZN C . 39.93 8.77 14.73
ZN ZN D . 19.25 12.38 18.80
ZN ZN E . 1.40 16.45 7.65
ZN ZN F . -3.15 3.25 0.25
N LYS A 1 -9.81 -6.67 6.15
CA LYS A 1 -10.40 -7.78 6.94
C LYS A 1 -9.65 -7.93 8.28
N GLU A 2 -10.39 -7.92 9.41
CA GLU A 2 -9.87 -8.11 10.77
C GLU A 2 -8.71 -7.14 11.16
N ALA A 3 -8.81 -5.88 10.72
CA ALA A 3 -7.77 -4.86 10.89
C ALA A 3 -8.31 -3.57 11.56
N ALA A 4 -7.57 -3.06 12.55
CA ALA A 4 -7.76 -1.73 13.13
C ALA A 4 -7.41 -0.58 12.15
N PRO A 5 -6.22 -0.55 11.51
CA PRO A 5 -5.84 0.56 10.61
C PRO A 5 -6.56 0.54 9.27
N LYS A 6 -6.76 -0.65 8.67
CA LYS A 6 -7.36 -0.93 7.35
C LYS A 6 -6.62 -0.33 6.13
N CYS A 7 -6.39 0.98 6.10
CA CYS A 7 -5.61 1.72 5.09
C CYS A 7 -5.13 3.08 5.65
N ASN A 8 -4.09 3.68 5.07
CA ASN A 8 -3.63 5.02 5.46
C ASN A 8 -4.65 6.14 5.10
N ASN A 9 -5.29 6.03 3.93
CA ASN A 9 -6.24 6.99 3.38
C ASN A 9 -7.17 6.40 2.30
N CYS A 10 -6.67 5.47 1.47
CA CYS A 10 -7.38 4.94 0.29
C CYS A 10 -8.62 4.09 0.63
N SER A 11 -8.61 3.41 1.78
CA SER A 11 -9.71 2.69 2.43
C SER A 11 -10.49 1.63 1.63
N GLN A 12 -9.87 1.10 0.58
CA GLN A 12 -10.46 0.05 -0.27
C GLN A 12 -9.47 -1.10 -0.59
N ARG A 13 -8.26 -1.09 0.00
CA ARG A 13 -7.09 -1.90 -0.40
C ARG A 13 -6.32 -2.42 0.82
N GLY A 14 -5.58 -3.53 0.65
CA GLY A 14 -4.96 -4.30 1.74
C GLY A 14 -3.76 -3.66 2.43
N HIS A 15 -3.12 -2.66 1.80
CA HIS A 15 -2.06 -1.86 2.41
C HIS A 15 -2.61 -0.94 3.53
N LEU A 16 -2.52 -1.40 4.79
CA LEU A 16 -2.78 -0.61 6.00
C LEU A 16 -1.79 0.56 6.17
N LYS A 17 -1.96 1.37 7.23
CA LYS A 17 -1.25 2.65 7.47
C LYS A 17 0.24 2.64 7.09
N LYS A 18 1.03 1.81 7.79
CA LYS A 18 2.48 1.61 7.57
C LYS A 18 2.83 0.75 6.34
N ASP A 19 1.87 0.04 5.77
CA ASP A 19 2.03 -0.80 4.58
C ASP A 19 1.85 0.03 3.28
N CYS A 20 1.20 1.20 3.35
CA CYS A 20 1.35 2.28 2.38
C CYS A 20 2.70 3.00 2.51
N PRO A 21 3.20 3.62 1.42
CA PRO A 21 4.45 4.38 1.43
C PRO A 21 4.26 5.76 2.11
N HIS A 22 5.28 6.20 2.85
CA HIS A 22 5.33 7.51 3.52
C HIS A 22 6.79 7.99 3.72
N ILE A 23 6.98 9.27 4.08
CA ILE A 23 8.28 9.93 4.25
C ILE A 23 9.15 9.82 2.99
N ILE A 24 8.56 10.22 1.85
CA ILE A 24 9.12 10.09 0.50
C ILE A 24 9.67 11.46 0.08
N CYS A 25 10.97 11.58 -0.22
CA CYS A 25 11.56 12.89 -0.56
C CYS A 25 10.91 13.44 -1.85
N SER A 26 10.40 14.67 -1.79
CA SER A 26 9.65 15.33 -2.90
C SER A 26 8.56 14.47 -3.57
N TYR A 27 7.98 13.55 -2.80
CA TYR A 27 7.03 12.52 -3.22
C TYR A 27 7.52 11.61 -4.38
N CYS A 28 8.83 11.36 -4.46
CA CYS A 28 9.48 10.58 -5.51
C CYS A 28 9.24 9.06 -5.37
N GLY A 29 8.40 8.49 -6.23
CA GLY A 29 8.18 7.03 -6.26
C GLY A 29 7.54 6.47 -4.98
N ALA A 30 7.84 5.21 -4.68
CA ALA A 30 7.50 4.55 -3.42
C ALA A 30 8.74 4.41 -2.53
N THR A 31 8.61 4.65 -1.23
CA THR A 31 9.75 4.70 -0.29
C THR A 31 10.66 3.45 -0.29
N ASP A 32 10.14 2.28 -0.64
CA ASP A 32 10.90 1.03 -0.68
C ASP A 32 11.67 0.79 -2.00
N ASP A 33 11.12 1.20 -3.15
CA ASP A 33 11.75 1.01 -4.48
C ASP A 33 12.48 2.25 -5.02
N HIS A 34 12.25 3.41 -4.42
CA HIS A 34 12.91 4.68 -4.70
C HIS A 34 14.42 4.61 -4.39
N TYR A 35 15.23 5.05 -5.35
CA TYR A 35 16.68 5.21 -5.21
C TYR A 35 17.16 6.39 -6.07
N SER A 36 18.22 7.07 -5.65
CA SER A 36 18.59 8.41 -6.12
C SER A 36 19.02 8.49 -7.60
N ARG A 37 19.41 7.37 -8.22
CA ARG A 37 19.71 7.27 -9.67
C ARG A 37 18.46 7.27 -10.56
N HIS A 38 17.28 6.97 -9.98
CA HIS A 38 15.97 6.96 -10.65
C HIS A 38 15.08 8.13 -10.19
N CYS A 39 15.18 8.50 -8.91
CA CYS A 39 14.54 9.62 -8.24
C CYS A 39 13.02 9.75 -8.53
N PRO A 40 12.44 10.78 -9.20
CA PRO A 40 10.99 11.02 -9.23
C PRO A 40 10.16 10.15 -10.20
N LYS A 41 10.81 9.41 -11.13
CA LYS A 41 10.18 8.78 -12.31
C LYS A 41 9.52 7.41 -12.02
N ALA A 42 8.62 7.39 -11.04
CA ALA A 42 7.84 6.19 -10.65
C ALA A 42 6.37 6.45 -10.22
N ILE A 43 5.96 7.71 -10.01
CA ILE A 43 4.59 8.12 -9.59
C ILE A 43 3.91 9.04 -10.63
N GLN A 44 4.47 9.18 -11.84
CA GLN A 44 4.01 10.11 -12.89
C GLN A 44 3.90 9.49 -14.28
N CYS A 45 3.12 10.14 -15.14
CA CYS A 45 2.99 9.80 -16.56
C CYS A 45 4.30 10.02 -17.33
N SER A 46 4.41 9.47 -18.53
CA SER A 46 5.61 9.58 -19.38
C SER A 46 5.83 10.98 -19.97
N LYS A 47 4.75 11.71 -20.23
CA LYS A 47 4.74 13.06 -20.85
C LYS A 47 3.80 14.05 -20.12
N CYS A 48 3.47 13.76 -18.87
CA CYS A 48 2.49 14.48 -18.03
C CYS A 48 2.86 14.30 -16.53
N ASP A 49 2.23 15.06 -15.63
CA ASP A 49 2.42 14.98 -14.17
C ASP A 49 1.86 13.68 -13.52
N GLU A 50 1.89 13.60 -12.19
CA GLU A 50 1.57 12.42 -11.37
C GLU A 50 0.34 11.61 -11.84
N VAL A 51 0.48 10.28 -12.00
CA VAL A 51 -0.65 9.35 -12.20
C VAL A 51 -1.54 9.23 -10.96
N GLY A 52 -1.12 9.83 -9.84
CA GLY A 52 -1.95 10.06 -8.65
C GLY A 52 -3.21 10.91 -8.89
N HIS A 53 -3.31 11.62 -10.03
CA HIS A 53 -4.50 12.41 -10.41
C HIS A 53 -5.58 11.59 -11.16
N TYR A 54 -6.65 12.28 -11.54
CA TYR A 54 -7.98 11.73 -11.86
C TYR A 54 -8.12 10.80 -13.09
N ARG A 55 -9.33 10.23 -13.20
CA ARG A 55 -9.97 9.61 -14.38
C ARG A 55 -9.07 8.67 -15.19
N SER A 56 -9.17 7.37 -14.89
CA SER A 56 -8.40 6.29 -15.55
C SER A 56 -6.87 6.40 -15.39
N GLN A 57 -6.40 7.11 -14.36
CA GLN A 57 -5.01 7.54 -14.20
C GLN A 57 -4.50 8.28 -15.46
N CYS A 58 -4.99 9.51 -15.64
CA CYS A 58 -5.00 10.32 -16.87
C CYS A 58 -6.04 9.81 -17.91
N PRO A 59 -6.86 10.69 -18.53
CA PRO A 59 -8.04 10.27 -19.32
C PRO A 59 -7.76 9.27 -20.45
N HIS A 60 -8.72 8.35 -20.66
CA HIS A 60 -8.66 7.29 -21.67
C HIS A 60 -8.76 7.82 -23.10
N LYS A 61 -7.83 7.39 -23.97
CA LYS A 61 -7.76 7.72 -25.42
C LYS A 61 -8.27 6.58 -26.32
N TRP A 62 -9.23 5.81 -25.81
CA TRP A 62 -9.68 4.52 -26.37
C TRP A 62 -11.00 4.60 -27.16
N LYS A 63 -11.47 5.82 -27.48
CA LYS A 63 -12.76 6.12 -28.13
C LYS A 63 -13.97 5.51 -27.39
N LYS A 64 -13.87 5.44 -26.05
CA LYS A 64 -14.86 4.84 -25.14
C LYS A 64 -16.11 5.71 -25.01
N VAL A 65 -17.24 5.12 -24.62
CA VAL A 65 -18.50 5.87 -24.38
C VAL A 65 -18.32 6.95 -23.31
N GLN A 66 -18.75 8.17 -23.63
CA GLN A 66 -18.58 9.35 -22.76
C GLN A 66 -19.71 9.55 -21.74
N CYS A 67 -20.82 8.81 -21.90
CA CYS A 67 -21.95 8.80 -20.96
C CYS A 67 -21.71 7.83 -19.79
N THR A 68 -22.30 8.14 -18.63
CA THR A 68 -22.23 7.33 -17.40
C THR A 68 -23.18 6.13 -17.41
N LEU A 69 -24.38 6.30 -18.00
CA LEU A 69 -25.48 5.33 -17.95
C LEU A 69 -25.54 4.36 -19.15
N CYS A 70 -24.73 4.61 -20.18
CA CYS A 70 -24.70 3.81 -21.41
C CYS A 70 -23.72 2.64 -21.32
N LYS A 71 -24.04 1.53 -22.02
CA LYS A 71 -23.11 0.42 -22.30
C LYS A 71 -22.17 0.77 -23.47
N SER A 72 -21.14 -0.05 -23.69
CA SER A 72 -20.17 0.11 -24.81
C SER A 72 -20.68 -0.47 -26.15
N LYS A 73 -22.00 -0.53 -26.33
CA LYS A 73 -22.71 -1.05 -27.51
C LYS A 73 -24.04 -0.31 -27.68
N LYS A 74 -24.64 -0.37 -28.88
CA LYS A 74 -25.89 0.34 -29.26
C LYS A 74 -25.80 1.86 -29.06
N HIS A 75 -24.64 2.43 -29.39
CA HIS A 75 -24.29 3.84 -29.18
C HIS A 75 -23.97 4.55 -30.51
N SER A 76 -24.02 5.88 -30.54
CA SER A 76 -23.73 6.70 -31.73
C SER A 76 -23.22 8.11 -31.39
N LYS A 77 -22.53 8.74 -32.36
CA LYS A 77 -21.89 10.06 -32.21
C LYS A 77 -22.91 11.20 -32.09
N GLU A 78 -22.42 12.42 -31.78
CA GLU A 78 -23.25 13.59 -31.46
C GLU A 78 -24.21 13.36 -30.28
N ARG A 79 -23.73 12.62 -29.27
CA ARG A 79 -24.45 12.23 -28.04
C ARG A 79 -25.73 11.42 -28.31
N CYS A 80 -25.54 10.27 -28.97
CA CYS A 80 -26.53 9.22 -29.22
C CYS A 80 -27.97 9.67 -29.61
N PRO A 81 -28.13 10.48 -30.68
CA PRO A 81 -29.43 11.01 -31.11
C PRO A 81 -30.26 10.01 -31.94
N SER A 82 -29.59 9.07 -32.63
CA SER A 82 -30.16 8.22 -33.66
C SER A 82 -29.69 6.76 -33.58
N ILE A 83 -30.51 5.84 -34.11
CA ILE A 83 -30.23 4.41 -34.24
C ILE A 83 -29.23 4.07 -35.36
N TRP A 84 -29.05 4.97 -36.35
CA TRP A 84 -28.21 4.75 -37.53
C TRP A 84 -26.73 4.51 -37.18
N ARG A 85 -26.05 3.69 -38.00
CA ARG A 85 -24.63 3.32 -37.87
C ARG A 85 -23.70 4.14 -38.78
N ALA A 86 -24.25 5.06 -39.57
CA ALA A 86 -23.59 5.75 -40.68
C ALA A 86 -22.99 7.13 -40.31
N TYR A 87 -22.94 7.49 -39.03
CA TYR A 87 -22.38 8.75 -38.54
C TYR A 87 -20.87 8.91 -38.87
N ILE A 88 -20.43 10.17 -39.04
CA ILE A 88 -19.09 10.51 -39.55
C ILE A 88 -17.96 10.16 -38.56
N LEU A 89 -16.80 9.81 -39.11
CA LEU A 89 -15.61 9.34 -38.36
C LEU A 89 -14.50 10.41 -38.23
N VAL A 90 -14.82 11.67 -38.56
CA VAL A 90 -13.93 12.84 -38.41
C VAL A 90 -14.33 13.70 -37.21
N ASP A 91 -13.41 14.51 -36.69
CA ASP A 91 -13.63 15.38 -35.54
C ASP A 91 -14.39 16.68 -35.89
N ASP A 92 -15.21 17.15 -34.94
CA ASP A 92 -16.08 18.33 -35.05
C ASP A 92 -15.65 19.50 -34.13
N ASN A 93 -14.43 19.42 -33.57
CA ASN A 93 -13.70 20.45 -32.82
C ASN A 93 -14.40 21.08 -31.59
N GLU A 94 -15.42 20.43 -31.01
CA GLU A 94 -15.96 20.77 -29.68
C GLU A 94 -15.24 19.99 -28.55
N LYS A 95 -15.12 20.62 -27.37
CA LYS A 95 -14.28 20.18 -26.25
C LYS A 95 -14.99 20.27 -24.88
N ALA A 96 -14.26 19.90 -23.83
CA ALA A 96 -14.68 19.71 -22.43
C ALA A 96 -15.62 18.51 -22.18
N LYS A 97 -15.30 17.75 -21.12
CA LYS A 97 -15.99 16.54 -20.65
C LYS A 97 -15.88 16.46 -19.12
N PRO A 98 -16.91 16.89 -18.35
CA PRO A 98 -16.87 16.87 -16.89
C PRO A 98 -17.25 15.51 -16.27
N LYS A 99 -17.86 14.60 -17.04
CA LYS A 99 -18.36 13.29 -16.56
C LYS A 99 -17.25 12.26 -16.34
N VAL A 100 -17.50 11.33 -15.41
CA VAL A 100 -16.54 10.30 -14.95
C VAL A 100 -17.22 8.94 -14.77
N LEU A 101 -16.42 7.86 -14.75
CA LEU A 101 -16.84 6.49 -14.46
C LEU A 101 -16.25 6.06 -13.09
N PRO A 102 -16.93 6.35 -11.96
CA PRO A 102 -16.35 6.24 -10.61
C PRO A 102 -16.41 4.82 -10.02
N PHE A 103 -15.72 4.63 -8.89
CA PHE A 103 -15.78 3.44 -8.04
C PHE A 103 -15.40 2.10 -8.72
N HIS A 104 -14.45 2.14 -9.67
CA HIS A 104 -13.93 0.96 -10.40
C HIS A 104 -12.40 0.89 -10.33
N THR A 105 -11.82 -0.32 -10.38
CA THR A 105 -10.37 -0.57 -10.18
C THR A 105 -9.71 -1.41 -11.29
N ILE A 106 -10.30 -2.55 -11.67
CA ILE A 106 -9.71 -3.53 -12.62
C ILE A 106 -10.72 -4.08 -13.63
N TYR A 107 -10.22 -4.51 -14.79
CA TYR A 107 -11.00 -5.03 -15.92
C TYR A 107 -10.25 -6.19 -16.60
N CYS A 108 -10.59 -7.44 -16.25
CA CYS A 108 -10.05 -8.64 -16.91
C CYS A 108 -11.05 -9.83 -16.83
N TYR A 109 -10.96 -10.76 -17.78
CA TYR A 109 -11.88 -11.89 -17.91
C TYR A 109 -11.21 -13.20 -18.39
N ASN A 110 -10.32 -13.12 -19.39
CA ASN A 110 -9.86 -14.28 -20.14
C ASN A 110 -8.77 -15.11 -19.44
N CYS A 111 -7.92 -14.47 -18.63
CA CYS A 111 -6.79 -15.11 -17.94
C CYS A 111 -6.52 -14.40 -16.59
N GLY A 112 -6.20 -15.16 -15.53
CA GLY A 112 -6.01 -14.63 -14.19
C GLY A 112 -7.29 -14.05 -13.53
N GLY A 113 -8.47 -14.47 -14.01
CA GLY A 113 -9.77 -13.93 -13.57
C GLY A 113 -9.90 -12.43 -13.86
N LYS A 114 -10.38 -11.66 -12.87
CA LYS A 114 -10.38 -10.18 -12.86
C LYS A 114 -9.14 -9.55 -12.19
N GLY A 115 -8.23 -10.38 -11.67
CA GLY A 115 -7.06 -9.97 -10.88
C GLY A 115 -5.80 -9.61 -11.70
N HIS A 116 -4.65 -9.72 -11.04
CA HIS A 116 -3.28 -9.41 -11.51
C HIS A 116 -3.13 -8.08 -12.27
N PHE A 117 -2.09 -7.97 -13.10
CA PHE A 117 -1.87 -6.90 -14.08
C PHE A 117 -2.83 -6.97 -15.28
N GLY A 118 -4.03 -7.52 -15.08
CA GLY A 118 -5.10 -7.76 -16.07
C GLY A 118 -5.51 -6.54 -16.92
N ASP A 119 -5.28 -5.34 -16.39
CA ASP A 119 -5.45 -4.06 -17.10
C ASP A 119 -4.44 -3.85 -18.25
N ASP A 120 -3.19 -4.25 -18.03
CA ASP A 120 -2.05 -4.09 -18.95
C ASP A 120 -1.76 -5.37 -19.77
N CYS A 121 -2.26 -6.53 -19.35
CA CYS A 121 -1.99 -7.84 -19.97
C CYS A 121 -2.64 -8.08 -21.34
N LYS A 122 -3.28 -7.04 -21.91
CA LYS A 122 -4.13 -7.11 -23.11
C LYS A 122 -3.33 -7.26 -24.41
N GLU A 123 -3.99 -7.76 -25.45
CA GLU A 123 -3.39 -8.16 -26.73
C GLU A 123 -4.24 -7.69 -27.93
N LYS A 124 -3.59 -7.34 -29.05
CA LYS A 124 -4.20 -6.87 -30.31
C LYS A 124 -4.42 -8.01 -31.31
ZN ZN B . -5.30 -11.36 -17.73
ZN ZN C . -25.16 8.02 -24.61
ZN ZN D . -1.43 12.56 -16.39
ZN ZN E . 13.81 11.56 -4.67
ZN ZN F . -3.48 2.89 0.43
N LYS A 1 -11.34 -11.91 11.08
CA LYS A 1 -10.52 -11.23 10.04
C LYS A 1 -10.98 -9.78 9.90
N GLU A 2 -10.25 -8.85 10.51
CA GLU A 2 -10.59 -7.43 10.64
C GLU A 2 -9.34 -6.55 10.86
N ALA A 3 -9.46 -5.22 10.69
CA ALA A 3 -8.35 -4.28 10.85
C ALA A 3 -8.76 -3.00 11.63
N ALA A 4 -7.93 -2.61 12.60
CA ALA A 4 -7.95 -1.29 13.24
C ALA A 4 -7.54 -0.13 12.29
N PRO A 5 -6.40 -0.20 11.57
CA PRO A 5 -5.92 0.92 10.77
C PRO A 5 -6.72 1.16 9.48
N LYS A 6 -6.99 0.07 8.74
CA LYS A 6 -7.13 0.07 7.27
C LYS A 6 -6.07 0.94 6.56
N CYS A 7 -6.25 1.30 5.29
CA CYS A 7 -5.32 2.17 4.56
C CYS A 7 -5.13 3.56 5.25
N ASN A 8 -3.93 4.15 5.09
CA ASN A 8 -3.59 5.46 5.69
C ASN A 8 -4.45 6.61 5.13
N ASN A 9 -4.63 6.62 3.80
CA ASN A 9 -5.18 7.75 3.04
C ASN A 9 -6.43 7.36 2.24
N CYS A 10 -6.31 6.38 1.35
CA CYS A 10 -7.45 5.71 0.71
C CYS A 10 -8.08 4.66 1.64
N SER A 11 -8.94 3.78 1.13
CA SER A 11 -9.79 2.87 1.91
C SER A 11 -9.82 1.42 1.40
N GLN A 12 -8.78 1.00 0.67
CA GLN A 12 -8.57 -0.42 0.33
C GLN A 12 -8.18 -1.24 1.56
N ARG A 13 -8.12 -2.58 1.42
CA ARG A 13 -7.54 -3.51 2.41
C ARG A 13 -6.33 -4.25 1.84
N GLY A 14 -5.37 -4.60 2.71
CA GLY A 14 -4.05 -5.11 2.35
C GLY A 14 -2.96 -4.22 2.95
N HIS A 15 -2.47 -3.23 2.18
CA HIS A 15 -1.46 -2.26 2.64
C HIS A 15 -2.05 -1.18 3.57
N LEU A 16 -2.34 -1.56 4.83
CA LEU A 16 -2.78 -0.66 5.90
C LEU A 16 -1.73 0.40 6.26
N LYS A 17 -2.08 1.35 7.13
CA LYS A 17 -1.35 2.58 7.52
C LYS A 17 0.14 2.60 7.12
N LYS A 18 1.00 1.84 7.82
CA LYS A 18 2.46 1.76 7.63
C LYS A 18 2.94 1.13 6.31
N ASP A 19 2.12 0.27 5.71
CA ASP A 19 2.35 -0.38 4.41
C ASP A 19 1.81 0.45 3.23
N CYS A 20 0.87 1.37 3.47
CA CYS A 20 0.14 2.16 2.47
C CYS A 20 1.04 2.98 1.52
N PRO A 21 2.13 3.64 1.97
CA PRO A 21 3.08 4.31 1.08
C PRO A 21 3.84 3.33 0.17
N HIS A 22 3.90 3.60 -1.14
CA HIS A 22 4.52 2.70 -2.12
C HIS A 22 6.05 2.70 -2.07
N ILE A 23 6.65 1.50 -2.22
CA ILE A 23 8.11 1.27 -2.23
C ILE A 23 8.47 0.48 -3.50
N ILE A 24 8.77 1.21 -4.57
CA ILE A 24 9.08 0.72 -5.93
C ILE A 24 10.03 1.68 -6.65
N CYS A 25 10.79 1.18 -7.63
CA CYS A 25 11.75 1.94 -8.44
C CYS A 25 11.13 2.63 -9.67
N SER A 26 9.81 2.47 -9.86
CA SER A 26 9.05 2.72 -11.10
C SER A 26 9.44 1.82 -12.27
N TYR A 27 8.44 1.14 -12.84
CA TYR A 27 8.54 -0.02 -13.75
C TYR A 27 9.29 -1.26 -13.20
N CYS A 28 10.13 -1.08 -12.18
CA CYS A 28 10.91 -2.11 -11.49
C CYS A 28 10.39 -2.32 -10.06
N GLY A 29 10.32 -3.60 -9.65
CA GLY A 29 9.85 -4.03 -8.33
C GLY A 29 8.33 -4.17 -8.20
N ALA A 30 7.88 -4.53 -6.99
CA ALA A 30 6.48 -4.56 -6.58
C ALA A 30 6.34 -4.04 -5.14
N THR A 31 5.23 -3.34 -4.86
CA THR A 31 5.01 -2.65 -3.58
C THR A 31 4.79 -3.60 -2.39
N ASP A 32 4.49 -4.88 -2.65
CA ASP A 32 4.35 -5.95 -1.65
C ASP A 32 5.60 -6.87 -1.53
N ASP A 33 6.45 -6.93 -2.56
CA ASP A 33 7.62 -7.82 -2.63
C ASP A 33 8.76 -7.19 -3.44
N HIS A 34 9.83 -6.79 -2.74
CA HIS A 34 11.02 -6.15 -3.32
C HIS A 34 12.28 -6.51 -2.51
N TYR A 35 13.42 -6.69 -3.18
CA TYR A 35 14.62 -7.29 -2.58
C TYR A 35 15.91 -6.54 -2.95
N SER A 36 16.44 -5.79 -1.97
CA SER A 36 17.79 -5.20 -1.98
C SER A 36 18.10 -4.32 -3.22
N ARG A 37 19.39 -4.08 -3.51
CA ARG A 37 19.86 -3.52 -4.80
C ARG A 37 19.94 -4.55 -5.94
N HIS A 38 19.54 -5.80 -5.69
CA HIS A 38 19.50 -6.89 -6.68
C HIS A 38 18.24 -6.80 -7.57
N CYS A 39 17.10 -6.47 -6.95
CA CYS A 39 15.76 -6.34 -7.53
C CYS A 39 15.17 -7.65 -8.12
N PRO A 40 13.84 -7.70 -8.41
CA PRO A 40 13.09 -8.95 -8.56
C PRO A 40 12.49 -9.13 -9.98
N LYS A 41 11.39 -9.89 -10.10
CA LYS A 41 10.66 -10.17 -11.35
C LYS A 41 9.96 -8.97 -12.00
N ALA A 42 9.77 -7.86 -11.26
CA ALA A 42 9.15 -6.61 -11.72
C ALA A 42 7.69 -6.75 -12.23
N ILE A 43 7.17 -5.71 -12.90
CA ILE A 43 5.74 -5.47 -13.17
C ILE A 43 5.25 -6.25 -14.42
N GLN A 44 5.50 -7.56 -14.47
CA GLN A 44 5.00 -8.49 -15.49
C GLN A 44 4.79 -9.93 -14.97
N CYS A 45 3.80 -10.60 -15.56
CA CYS A 45 3.50 -12.01 -15.41
C CYS A 45 4.44 -12.84 -16.31
N SER A 46 5.03 -13.89 -15.76
CA SER A 46 5.96 -14.79 -16.46
C SER A 46 5.33 -15.62 -17.59
N LYS A 47 4.01 -15.82 -17.57
CA LYS A 47 3.24 -16.55 -18.60
C LYS A 47 3.01 -15.72 -19.87
N CYS A 48 2.99 -14.39 -19.79
CA CYS A 48 2.69 -13.50 -20.91
C CYS A 48 3.33 -12.10 -20.81
N ASP A 49 2.60 -11.11 -20.26
CA ASP A 49 2.90 -9.68 -20.32
C ASP A 49 2.68 -8.99 -18.94
N GLU A 50 2.60 -7.65 -18.89
CA GLU A 50 2.46 -6.84 -17.66
C GLU A 50 1.42 -7.38 -16.65
N VAL A 51 1.72 -7.35 -15.35
CA VAL A 51 0.74 -7.70 -14.28
C VAL A 51 -0.44 -6.73 -14.21
N GLY A 52 -0.36 -5.62 -14.97
CA GLY A 52 -1.41 -4.64 -15.22
C GLY A 52 -2.73 -5.19 -15.79
N HIS A 53 -2.76 -6.48 -16.17
CA HIS A 53 -3.98 -7.27 -16.43
C HIS A 53 -4.69 -7.69 -15.10
N TYR A 54 -5.34 -8.87 -15.07
CA TYR A 54 -5.99 -9.40 -13.87
C TYR A 54 -5.05 -9.44 -12.65
N ARG A 55 -5.52 -8.82 -11.56
CA ARG A 55 -4.79 -8.55 -10.31
C ARG A 55 -4.41 -9.82 -9.55
N SER A 56 -3.42 -9.70 -8.66
CA SER A 56 -2.72 -10.84 -8.02
C SER A 56 -2.11 -11.81 -9.05
N GLN A 57 -1.61 -11.21 -10.14
CA GLN A 57 -1.00 -11.81 -11.32
C GLN A 57 -1.70 -13.07 -11.87
N CYS A 58 -2.64 -12.85 -12.79
CA CYS A 58 -3.22 -13.86 -13.68
C CYS A 58 -3.97 -15.04 -13.00
N PRO A 59 -4.98 -14.78 -12.14
CA PRO A 59 -5.88 -15.80 -11.60
C PRO A 59 -6.81 -16.39 -12.67
N HIS A 60 -7.66 -17.35 -12.26
CA HIS A 60 -8.56 -18.14 -13.12
C HIS A 60 -9.55 -17.32 -13.98
N LYS A 61 -9.77 -16.03 -13.66
CA LYS A 61 -10.57 -15.09 -14.48
C LYS A 61 -9.91 -14.69 -15.81
N TRP A 62 -8.61 -14.94 -15.98
CA TRP A 62 -7.93 -14.86 -17.28
C TRP A 62 -8.43 -15.95 -18.24
N LYS A 63 -8.75 -15.55 -19.47
CA LYS A 63 -9.30 -16.41 -20.55
C LYS A 63 -8.67 -16.09 -21.91
N LYS A 64 -8.77 -17.05 -22.83
CA LYS A 64 -8.38 -16.95 -24.26
C LYS A 64 -9.39 -17.68 -25.16
N VAL A 65 -9.32 -17.44 -26.47
CA VAL A 65 -9.99 -18.30 -27.46
C VAL A 65 -9.28 -19.66 -27.47
N GLN A 66 -10.05 -20.76 -27.39
CA GLN A 66 -9.50 -22.12 -27.36
C GLN A 66 -9.05 -22.65 -28.73
N CYS A 67 -9.21 -21.83 -29.78
CA CYS A 67 -8.67 -22.04 -31.11
C CYS A 67 -7.81 -20.85 -31.57
N THR A 68 -7.06 -21.11 -32.63
CA THR A 68 -5.86 -20.38 -33.07
C THR A 68 -5.99 -19.96 -34.54
N LEU A 69 -6.75 -20.73 -35.33
CA LEU A 69 -7.33 -20.35 -36.62
C LEU A 69 -8.31 -19.17 -36.44
N CYS A 70 -9.07 -19.19 -35.34
CA CYS A 70 -10.14 -18.24 -35.05
C CYS A 70 -9.60 -16.94 -34.45
N LYS A 71 -10.00 -15.79 -35.00
CA LYS A 71 -9.55 -14.43 -34.62
C LYS A 71 -10.66 -13.55 -34.01
N SER A 72 -11.78 -14.18 -33.63
CA SER A 72 -13.01 -13.54 -33.13
C SER A 72 -13.66 -14.33 -31.99
N LYS A 73 -14.54 -13.67 -31.21
CA LYS A 73 -15.36 -14.27 -30.15
C LYS A 73 -16.55 -15.09 -30.67
N LYS A 74 -16.98 -14.90 -31.93
CA LYS A 74 -17.94 -15.77 -32.62
C LYS A 74 -17.25 -17.03 -33.16
N HIS A 75 -17.98 -18.15 -33.18
CA HIS A 75 -17.46 -19.47 -33.56
C HIS A 75 -18.50 -20.28 -34.35
N SER A 76 -18.04 -21.10 -35.30
CA SER A 76 -18.91 -21.74 -36.31
C SER A 76 -18.61 -23.23 -36.50
N LYS A 77 -19.51 -24.06 -35.96
CA LYS A 77 -19.46 -25.53 -36.03
C LYS A 77 -19.62 -26.11 -37.44
N GLU A 78 -20.14 -25.31 -38.38
CA GLU A 78 -20.26 -25.68 -39.80
C GLU A 78 -18.98 -25.39 -40.63
N ARG A 79 -18.00 -24.67 -40.04
CA ARG A 79 -16.78 -24.20 -40.72
C ARG A 79 -15.48 -24.74 -40.10
N CYS A 80 -15.38 -24.75 -38.77
CA CYS A 80 -14.14 -25.05 -38.06
C CYS A 80 -13.81 -26.56 -37.93
N PRO A 81 -14.68 -27.41 -37.33
CA PRO A 81 -14.37 -28.83 -37.15
C PRO A 81 -14.51 -29.65 -38.45
N SER A 82 -13.77 -30.78 -38.50
CA SER A 82 -13.92 -31.85 -39.50
C SER A 82 -13.72 -31.44 -40.97
N ILE A 83 -14.01 -32.37 -41.90
CA ILE A 83 -13.99 -32.16 -43.35
C ILE A 83 -15.17 -32.90 -44.00
N TRP A 84 -15.83 -32.25 -44.98
CA TRP A 84 -16.94 -32.84 -45.74
C TRP A 84 -16.45 -33.50 -47.02
N ARG A 85 -16.63 -34.83 -47.12
CA ARG A 85 -16.25 -35.66 -48.29
C ARG A 85 -17.35 -36.66 -48.71
N ALA A 86 -18.57 -36.49 -48.21
CA ALA A 86 -19.68 -37.43 -48.37
C ALA A 86 -20.81 -36.89 -49.28
N TYR A 87 -21.74 -37.77 -49.65
CA TYR A 87 -22.97 -37.45 -50.37
C TYR A 87 -24.17 -38.29 -49.88
N ILE A 88 -25.38 -37.78 -50.02
CA ILE A 88 -26.61 -38.39 -49.49
C ILE A 88 -27.08 -39.55 -50.38
N LEU A 89 -27.40 -40.68 -49.75
CA LEU A 89 -28.07 -41.85 -50.34
C LEU A 89 -29.25 -42.27 -49.46
N VAL A 90 -30.29 -42.87 -50.06
CA VAL A 90 -31.55 -43.23 -49.41
C VAL A 90 -31.92 -44.69 -49.72
N ASP A 91 -32.42 -45.41 -48.72
CA ASP A 91 -32.82 -46.82 -48.79
C ASP A 91 -34.17 -47.05 -48.08
N ASP A 92 -34.84 -48.18 -48.40
CA ASP A 92 -36.13 -48.59 -47.83
C ASP A 92 -36.06 -50.00 -47.20
N ASN A 93 -36.88 -50.25 -46.19
CA ASN A 93 -36.91 -51.49 -45.40
C ASN A 93 -38.18 -52.32 -45.65
N GLU A 94 -38.06 -53.65 -45.64
CA GLU A 94 -39.16 -54.62 -45.78
C GLU A 94 -39.05 -55.75 -44.74
N LYS A 95 -40.18 -56.15 -44.15
CA LYS A 95 -40.32 -57.27 -43.19
C LYS A 95 -41.74 -57.86 -43.19
N ALA A 96 -41.87 -59.10 -42.70
CA ALA A 96 -43.12 -59.86 -42.63
C ALA A 96 -43.57 -60.13 -41.16
N LYS A 97 -44.83 -60.58 -40.98
CA LYS A 97 -45.47 -60.83 -39.68
C LYS A 97 -46.18 -62.21 -39.64
N PRO A 98 -46.02 -63.01 -38.56
CA PRO A 98 -46.68 -64.31 -38.38
C PRO A 98 -48.14 -64.19 -37.89
N LYS A 99 -48.79 -65.34 -37.66
CA LYS A 99 -50.15 -65.44 -37.10
C LYS A 99 -50.26 -64.93 -35.65
N VAL A 100 -51.49 -64.62 -35.24
CA VAL A 100 -51.91 -64.37 -33.84
C VAL A 100 -52.99 -65.41 -33.46
N LEU A 101 -52.99 -65.88 -32.22
CA LEU A 101 -53.87 -66.97 -31.77
C LEU A 101 -55.37 -66.59 -31.77
N PRO A 102 -56.29 -67.54 -32.06
CA PRO A 102 -57.73 -67.28 -32.11
C PRO A 102 -58.39 -67.34 -30.72
N PHE A 103 -59.34 -66.43 -30.47
CA PHE A 103 -60.20 -66.42 -29.27
C PHE A 103 -61.66 -66.00 -29.54
N HIS A 104 -61.98 -65.55 -30.77
CA HIS A 104 -63.22 -64.82 -31.10
C HIS A 104 -64.21 -65.61 -31.98
N THR A 105 -63.97 -66.91 -32.20
CA THR A 105 -64.74 -67.82 -33.08
C THR A 105 -65.84 -68.61 -32.35
N ILE A 106 -66.10 -68.28 -31.07
CA ILE A 106 -66.86 -69.07 -30.08
C ILE A 106 -68.18 -69.70 -30.59
N TYR A 107 -68.95 -69.00 -31.42
CA TYR A 107 -70.28 -69.45 -31.87
C TYR A 107 -70.26 -70.57 -32.93
N CYS A 108 -69.10 -70.86 -33.53
CA CYS A 108 -68.90 -72.05 -34.38
C CYS A 108 -67.41 -72.46 -34.47
N TYR A 109 -66.71 -72.50 -33.32
CA TYR A 109 -65.24 -72.62 -33.24
C TYR A 109 -64.65 -73.88 -33.91
N ASN A 110 -65.48 -74.90 -34.16
CA ASN A 110 -65.13 -76.14 -34.86
C ASN A 110 -64.68 -75.94 -36.33
N CYS A 111 -65.17 -74.91 -37.04
CA CYS A 111 -64.76 -74.58 -38.42
C CYS A 111 -64.85 -73.09 -38.81
N GLY A 112 -65.32 -72.22 -37.92
CA GLY A 112 -65.63 -70.81 -38.20
C GLY A 112 -67.02 -70.61 -38.82
N GLY A 113 -67.29 -69.39 -39.32
CA GLY A 113 -68.61 -68.97 -39.83
C GLY A 113 -69.63 -68.57 -38.75
N LYS A 114 -69.23 -68.61 -37.47
CA LYS A 114 -69.91 -68.10 -36.25
C LYS A 114 -71.45 -68.06 -36.28
N GLY A 115 -72.09 -69.07 -35.69
CA GLY A 115 -73.52 -69.09 -35.39
C GLY A 115 -74.43 -69.82 -36.39
N HIS A 116 -73.89 -70.49 -37.43
CA HIS A 116 -74.69 -71.40 -38.27
C HIS A 116 -74.65 -72.85 -37.74
N PHE A 117 -75.84 -73.38 -37.44
CA PHE A 117 -76.11 -74.76 -36.97
C PHE A 117 -75.06 -75.34 -35.99
N GLY A 118 -74.49 -74.51 -35.11
CA GLY A 118 -73.14 -74.69 -34.57
C GLY A 118 -72.83 -76.05 -33.92
N ASP A 119 -73.83 -76.66 -33.29
CA ASP A 119 -73.75 -77.99 -32.65
C ASP A 119 -73.66 -79.14 -33.67
N ASP A 120 -74.54 -79.15 -34.68
CA ASP A 120 -74.61 -80.16 -35.74
C ASP A 120 -73.52 -79.94 -36.81
N CYS A 121 -73.07 -78.69 -36.98
CA CYS A 121 -72.05 -78.26 -37.92
C CYS A 121 -70.61 -78.66 -37.50
N LYS A 122 -70.45 -79.29 -36.33
CA LYS A 122 -69.17 -79.82 -35.81
C LYS A 122 -68.61 -81.00 -36.61
N GLU A 123 -69.46 -81.74 -37.35
CA GLU A 123 -69.08 -82.90 -38.16
C GLU A 123 -69.51 -82.77 -39.64
N LYS A 124 -68.85 -83.54 -40.52
CA LYS A 124 -69.08 -83.61 -41.98
C LYS A 124 -69.26 -85.06 -42.46
ZN ZN B . -69.68 -73.94 -39.18
ZN ZN C . -12.19 -23.11 -33.87
ZN ZN D . -0.72 -13.50 -17.36
ZN ZN E . 14.16 -2.18 -7.79
ZN ZN F . -3.77 2.30 0.29
N LYS A 1 -13.34 -9.38 9.90
CA LYS A 1 -12.00 -9.21 9.26
C LYS A 1 -10.97 -8.71 10.29
N GLU A 2 -9.69 -8.99 10.08
CA GLU A 2 -8.59 -8.73 11.04
C GLU A 2 -8.20 -7.24 11.17
N ALA A 3 -8.54 -6.40 10.20
CA ALA A 3 -8.01 -5.04 10.08
C ALA A 3 -8.78 -3.98 10.90
N ALA A 4 -8.05 -3.25 11.76
CA ALA A 4 -8.44 -1.94 12.30
C ALA A 4 -8.01 -0.75 11.39
N PRO A 5 -6.74 -0.64 10.94
CA PRO A 5 -6.25 0.53 10.21
C PRO A 5 -6.73 0.65 8.75
N LYS A 6 -6.95 -0.49 8.07
CA LYS A 6 -7.47 -0.64 6.68
C LYS A 6 -6.62 -0.04 5.54
N CYS A 7 -6.38 1.27 5.53
CA CYS A 7 -5.51 2.04 4.60
C CYS A 7 -5.23 3.44 5.19
N ASN A 8 -4.10 4.07 4.86
CA ASN A 8 -3.70 5.34 5.49
C ASN A 8 -4.59 6.55 5.12
N ASN A 9 -5.12 6.58 3.89
CA ASN A 9 -5.98 7.65 3.35
C ASN A 9 -7.06 7.14 2.39
N CYS A 10 -6.71 6.17 1.54
CA CYS A 10 -7.62 5.49 0.60
C CYS A 10 -8.29 4.26 1.25
N SER A 11 -8.74 3.27 0.47
CA SER A 11 -9.52 2.16 1.02
C SER A 11 -9.32 0.79 0.35
N GLN A 12 -9.36 -0.27 1.17
CA GLN A 12 -9.60 -1.67 0.79
C GLN A 12 -8.58 -2.26 -0.23
N ARG A 13 -7.30 -2.02 0.03
CA ARG A 13 -6.15 -2.48 -0.79
C ARG A 13 -5.07 -3.24 0.00
N GLY A 14 -5.39 -3.66 1.23
CA GLY A 14 -4.55 -4.55 2.08
C GLY A 14 -3.37 -3.86 2.77
N HIS A 15 -2.66 -2.98 2.08
CA HIS A 15 -1.60 -2.11 2.62
C HIS A 15 -2.18 -1.02 3.56
N LEU A 16 -2.38 -1.39 4.83
CA LEU A 16 -2.85 -0.52 5.91
C LEU A 16 -1.87 0.62 6.24
N LYS A 17 -2.20 1.48 7.22
CA LYS A 17 -1.50 2.74 7.58
C LYS A 17 0.00 2.77 7.25
N LYS A 18 0.79 1.97 7.97
CA LYS A 18 2.26 1.84 7.83
C LYS A 18 2.75 1.10 6.58
N ASP A 19 1.91 0.25 5.98
CA ASP A 19 2.19 -0.54 4.78
C ASP A 19 1.93 0.26 3.49
N CYS A 20 1.01 1.23 3.52
CA CYS A 20 0.53 2.00 2.38
C CYS A 20 1.62 2.80 1.63
N PRO A 21 2.47 3.62 2.29
CA PRO A 21 3.46 4.42 1.58
C PRO A 21 4.64 3.57 1.07
N HIS A 22 4.84 3.55 -0.25
CA HIS A 22 6.06 3.01 -0.88
C HIS A 22 7.13 4.10 -1.05
N ILE A 23 8.37 3.72 -1.38
CA ILE A 23 9.53 4.62 -1.50
C ILE A 23 9.51 5.35 -2.86
N ILE A 24 8.58 6.29 -3.00
CA ILE A 24 8.41 7.23 -4.11
C ILE A 24 8.14 8.63 -3.55
N CYS A 25 8.62 9.68 -4.23
CA CYS A 25 8.33 11.07 -3.89
C CYS A 25 6.87 11.42 -4.22
N SER A 26 6.13 11.93 -3.23
CA SER A 26 4.67 12.00 -3.28
C SER A 26 4.13 12.94 -4.37
N TYR A 27 3.22 12.42 -5.20
CA TYR A 27 2.60 13.12 -6.34
C TYR A 27 3.60 13.81 -7.30
N CYS A 28 4.80 13.24 -7.43
CA CYS A 28 5.96 13.89 -8.08
C CYS A 28 6.73 12.96 -9.05
N GLY A 29 6.59 11.64 -8.91
CA GLY A 29 7.33 10.64 -9.67
C GLY A 29 6.68 9.26 -9.63
N ALA A 30 7.19 8.34 -10.44
CA ALA A 30 6.88 6.92 -10.44
C ALA A 30 7.98 6.11 -9.75
N THR A 31 7.66 4.91 -9.27
CA THR A 31 8.64 4.02 -8.60
C THR A 31 9.83 3.64 -9.48
N ASP A 32 9.62 3.56 -10.80
CA ASP A 32 10.67 3.25 -11.80
C ASP A 32 11.19 4.50 -12.54
N ASP A 33 10.58 5.68 -12.33
CA ASP A 33 10.89 6.92 -13.07
C ASP A 33 10.66 8.19 -12.21
N HIS A 34 11.70 8.57 -11.47
CA HIS A 34 11.79 9.76 -10.63
C HIS A 34 13.27 10.20 -10.49
N TYR A 35 13.51 11.35 -9.83
CA TYR A 35 14.77 12.04 -9.52
C TYR A 35 15.68 12.46 -10.70
N SER A 36 15.68 11.74 -11.81
CA SER A 36 16.18 12.24 -13.11
C SER A 36 15.41 13.47 -13.59
N ARG A 37 15.97 14.21 -14.56
CA ARG A 37 15.56 15.57 -14.93
C ARG A 37 15.57 16.54 -13.72
N HIS A 38 16.40 16.21 -12.71
CA HIS A 38 16.43 16.78 -11.36
C HIS A 38 15.04 16.91 -10.68
N CYS A 39 14.69 15.92 -9.87
CA CYS A 39 13.46 15.80 -9.07
C CYS A 39 12.16 15.50 -9.87
N PRO A 40 11.20 16.42 -10.11
CA PRO A 40 9.87 16.06 -10.60
C PRO A 40 9.85 15.48 -12.02
N LYS A 41 9.03 14.44 -12.22
CA LYS A 41 8.99 13.63 -13.43
C LYS A 41 7.59 13.15 -13.85
N ALA A 42 6.65 12.96 -12.92
CA ALA A 42 5.32 12.37 -13.19
C ALA A 42 4.21 12.82 -12.21
N ILE A 43 2.98 12.39 -12.51
CA ILE A 43 1.76 12.47 -11.65
C ILE A 43 1.30 13.92 -11.35
N GLN A 44 0.92 14.65 -12.41
CA GLN A 44 0.32 15.99 -12.35
C GLN A 44 -0.99 16.10 -13.16
N CYS A 45 -1.73 17.20 -12.99
CA CYS A 45 -2.82 17.60 -13.88
C CYS A 45 -2.31 18.08 -15.25
N SER A 46 -3.21 18.13 -16.24
CA SER A 46 -2.89 18.52 -17.62
C SER A 46 -2.64 20.02 -17.83
N LYS A 47 -3.18 20.87 -16.95
CA LYS A 47 -3.10 22.35 -17.04
C LYS A 47 -2.43 23.03 -15.84
N CYS A 48 -2.08 22.28 -14.79
CA CYS A 48 -1.41 22.78 -13.58
C CYS A 48 -0.49 21.73 -12.95
N ASP A 49 0.47 22.18 -12.15
CA ASP A 49 1.49 21.34 -11.53
C ASP A 49 0.95 20.50 -10.34
N GLU A 50 1.38 19.25 -10.29
CA GLU A 50 0.94 18.16 -9.40
C GLU A 50 -0.58 17.82 -9.47
N VAL A 51 -0.95 16.58 -9.11
CA VAL A 51 -2.32 16.23 -8.65
C VAL A 51 -2.47 16.44 -7.14
N GLY A 52 -1.34 16.64 -6.45
CA GLY A 52 -1.11 16.55 -5.01
C GLY A 52 -1.72 17.65 -4.13
N HIS A 53 -2.95 18.08 -4.43
CA HIS A 53 -3.69 19.17 -3.81
C HIS A 53 -5.13 18.73 -3.41
N TYR A 54 -6.16 19.56 -3.64
CA TYR A 54 -7.54 19.29 -3.24
C TYR A 54 -8.07 17.94 -3.72
N ARG A 55 -8.50 17.12 -2.75
CA ARG A 55 -8.97 15.72 -2.87
C ARG A 55 -8.05 14.81 -3.70
N SER A 56 -6.78 15.18 -3.81
CA SER A 56 -5.76 14.65 -4.74
C SER A 56 -6.25 14.49 -6.21
N GLN A 57 -7.23 15.31 -6.64
CA GLN A 57 -7.92 15.15 -7.95
C GLN A 57 -8.36 16.44 -8.65
N CYS A 58 -8.36 17.61 -7.98
CA CYS A 58 -8.60 18.98 -8.49
C CYS A 58 -10.02 19.60 -8.32
N PRO A 59 -11.11 19.11 -8.94
CA PRO A 59 -12.36 19.88 -9.08
C PRO A 59 -13.20 19.99 -7.80
N HIS A 60 -14.07 21.00 -7.77
CA HIS A 60 -14.98 21.30 -6.65
C HIS A 60 -15.98 20.17 -6.35
N LYS A 61 -16.30 19.98 -5.06
CA LYS A 61 -17.37 19.13 -4.53
C LYS A 61 -18.08 19.81 -3.35
N TRP A 62 -19.36 19.50 -3.13
CA TRP A 62 -20.14 20.06 -2.02
C TRP A 62 -19.62 19.60 -0.63
N LYS A 63 -19.85 20.44 0.39
CA LYS A 63 -19.35 20.28 1.78
C LYS A 63 -20.48 20.31 2.83
N LYS A 64 -21.71 19.98 2.42
CA LYS A 64 -22.95 20.11 3.22
C LYS A 64 -23.09 19.10 4.38
N VAL A 65 -22.34 18.01 4.33
CA VAL A 65 -22.28 16.94 5.35
C VAL A 65 -20.85 16.39 5.44
N GLN A 66 -20.33 16.23 6.67
CA GLN A 66 -18.96 15.75 6.93
C GLN A 66 -18.89 14.22 7.18
N CYS A 67 -20.04 13.55 7.22
CA CYS A 67 -20.22 12.18 7.72
C CYS A 67 -20.60 11.15 6.65
N THR A 68 -20.71 11.55 5.38
CA THR A 68 -21.22 10.83 4.19
C THR A 68 -22.65 10.23 4.26
N LEU A 69 -23.01 9.54 5.34
CA LEU A 69 -24.29 8.83 5.53
C LEU A 69 -25.39 9.69 6.19
N CYS A 70 -25.00 10.78 6.85
CA CYS A 70 -25.93 11.73 7.49
C CYS A 70 -26.64 12.64 6.46
N LYS A 71 -27.69 13.34 6.88
CA LYS A 71 -28.45 14.27 6.02
C LYS A 71 -27.66 15.55 5.71
N SER A 72 -27.92 16.13 4.55
CA SER A 72 -27.28 17.33 3.96
C SER A 72 -27.68 18.69 4.57
N LYS A 73 -28.05 18.70 5.86
CA LYS A 73 -28.31 19.90 6.68
C LYS A 73 -27.39 19.90 7.91
N LYS A 74 -27.14 21.08 8.49
CA LYS A 74 -26.32 21.23 9.71
C LYS A 74 -27.03 20.57 10.92
N HIS A 75 -26.38 19.54 11.47
CA HIS A 75 -26.88 18.67 12.54
C HIS A 75 -25.80 18.36 13.61
N SER A 76 -24.60 18.93 13.46
CA SER A 76 -23.34 18.43 14.02
C SER A 76 -23.08 18.79 15.51
N LYS A 77 -24.13 18.83 16.34
CA LYS A 77 -24.06 19.14 17.78
C LYS A 77 -23.07 18.22 18.52
N GLU A 78 -22.30 18.79 19.44
CA GLU A 78 -21.16 18.14 20.12
C GLU A 78 -20.22 17.39 19.13
N ARG A 79 -19.87 18.05 18.01
CA ARG A 79 -19.04 17.51 16.90
C ARG A 79 -19.63 16.24 16.25
N CYS A 80 -20.96 16.22 16.12
CA CYS A 80 -21.84 15.09 15.83
C CYS A 80 -21.79 13.98 16.90
N PRO A 81 -22.92 13.59 17.54
CA PRO A 81 -22.91 12.60 18.62
C PRO A 81 -22.76 11.15 18.11
N SER A 82 -23.15 10.90 16.87
CA SER A 82 -23.33 9.55 16.29
C SER A 82 -22.05 8.91 15.72
N ILE A 83 -20.94 9.65 15.67
CA ILE A 83 -19.67 9.18 15.12
C ILE A 83 -18.99 8.12 16.03
N TRP A 84 -18.24 7.20 15.42
CA TRP A 84 -17.63 6.03 16.07
C TRP A 84 -16.34 6.34 16.85
N ARG A 85 -15.88 5.35 17.62
CA ARG A 85 -14.71 5.41 18.54
C ARG A 85 -13.41 5.76 17.82
N ALA A 86 -12.53 6.50 18.52
CA ALA A 86 -11.24 6.98 18.02
C ALA A 86 -10.03 6.31 18.72
N TYR A 87 -8.83 6.53 18.18
CA TYR A 87 -7.57 5.90 18.63
C TYR A 87 -7.19 6.19 20.08
N ILE A 88 -7.61 7.34 20.63
CA ILE A 88 -7.43 7.70 22.06
C ILE A 88 -8.33 6.90 23.04
N LEU A 89 -9.27 6.09 22.51
CA LEU A 89 -10.23 5.28 23.28
C LEU A 89 -10.17 3.77 22.93
N VAL A 90 -9.23 3.32 22.10
CA VAL A 90 -9.19 1.93 21.58
C VAL A 90 -8.73 0.89 22.63
N ASP A 91 -7.90 1.31 23.60
CA ASP A 91 -7.44 0.51 24.75
C ASP A 91 -6.92 -0.90 24.40
N ASP A 92 -5.94 -0.97 23.49
CA ASP A 92 -5.30 -2.22 23.04
C ASP A 92 -3.76 -2.13 23.03
N ASN A 93 -3.08 -3.23 23.36
CA ASN A 93 -1.61 -3.31 23.44
C ASN A 93 -0.96 -3.43 22.05
N GLU A 94 0.12 -2.68 21.82
CA GLU A 94 0.88 -2.66 20.56
C GLU A 94 2.20 -3.45 20.63
N LYS A 95 2.72 -3.88 19.48
CA LYS A 95 3.98 -4.62 19.36
C LYS A 95 5.18 -3.67 19.46
N ALA A 96 6.14 -3.98 20.33
CA ALA A 96 7.32 -3.13 20.60
C ALA A 96 8.66 -3.89 20.65
N LYS A 97 8.66 -5.22 20.46
CA LYS A 97 9.87 -6.08 20.52
C LYS A 97 10.59 -6.16 19.15
N PRO A 98 11.93 -6.30 19.11
CA PRO A 98 12.69 -6.50 17.87
C PRO A 98 12.31 -7.77 17.08
N LYS A 99 12.54 -7.75 15.77
CA LYS A 99 12.32 -8.85 14.82
C LYS A 99 13.33 -8.79 13.65
N VAL A 100 13.15 -9.65 12.64
CA VAL A 100 13.99 -9.72 11.42
C VAL A 100 14.12 -8.35 10.72
N LEU A 101 15.29 -8.08 10.14
CA LEU A 101 15.59 -6.82 9.44
C LEU A 101 14.83 -6.69 8.10
N PRO A 102 14.67 -5.47 7.55
CA PRO A 102 14.00 -5.23 6.26
C PRO A 102 14.65 -5.95 5.05
N PHE A 103 15.94 -6.29 5.16
CA PHE A 103 16.69 -7.10 4.19
C PHE A 103 17.30 -8.33 4.88
N HIS A 104 17.03 -9.53 4.36
CA HIS A 104 17.43 -10.81 4.95
C HIS A 104 17.73 -11.91 3.89
N THR A 105 18.15 -11.51 2.69
CA THR A 105 18.33 -12.39 1.53
C THR A 105 19.77 -12.37 0.96
N ILE A 106 20.06 -13.30 0.04
CA ILE A 106 21.38 -13.59 -0.54
C ILE A 106 21.32 -13.51 -2.07
N TYR A 107 22.34 -12.88 -2.68
CA TYR A 107 22.48 -12.77 -4.13
C TYR A 107 23.41 -13.85 -4.73
N CYS A 108 24.60 -14.05 -4.15
CA CYS A 108 25.56 -15.08 -4.59
C CYS A 108 25.30 -16.41 -3.88
N TYR A 109 24.81 -17.39 -4.65
CA TYR A 109 24.48 -18.73 -4.15
C TYR A 109 25.72 -19.58 -3.79
N ASN A 110 26.90 -19.26 -4.35
CA ASN A 110 28.12 -20.07 -4.23
C ASN A 110 28.93 -19.84 -2.95
N CYS A 111 28.75 -18.72 -2.24
CA CYS A 111 29.41 -18.46 -0.94
C CYS A 111 28.61 -17.57 0.04
N GLY A 112 27.34 -17.26 -0.25
CA GLY A 112 26.47 -16.43 0.61
C GLY A 112 26.72 -14.92 0.51
N GLY A 113 27.63 -14.48 -0.38
CA GLY A 113 27.93 -13.07 -0.64
C GLY A 113 26.95 -12.39 -1.60
N LYS A 114 27.39 -11.29 -2.19
CA LYS A 114 26.66 -10.50 -3.20
C LYS A 114 27.61 -9.65 -4.07
N GLY A 115 27.09 -9.08 -5.16
CA GLY A 115 27.68 -7.91 -5.82
C GLY A 115 29.01 -8.13 -6.57
N HIS A 116 29.32 -9.37 -6.98
CA HIS A 116 30.53 -9.70 -7.74
C HIS A 116 30.25 -10.71 -8.87
N PHE A 117 31.30 -11.31 -9.43
CA PHE A 117 31.25 -12.46 -10.36
C PHE A 117 30.74 -13.77 -9.71
N GLY A 118 29.85 -13.66 -8.72
CA GLY A 118 29.23 -14.72 -7.92
C GLY A 118 28.53 -15.81 -8.74
N ASP A 119 28.09 -15.48 -9.95
CA ASP A 119 27.51 -16.38 -10.95
C ASP A 119 28.48 -17.48 -11.42
N ASP A 120 29.76 -17.12 -11.61
CA ASP A 120 30.81 -17.95 -12.21
C ASP A 120 31.90 -18.36 -11.19
N CYS A 121 31.96 -17.70 -10.03
CA CYS A 121 32.91 -18.02 -8.96
C CYS A 121 32.72 -19.44 -8.39
N LYS A 122 33.80 -20.01 -7.82
CA LYS A 122 33.81 -21.34 -7.22
C LYS A 122 33.00 -21.42 -5.91
N GLU A 123 32.52 -22.61 -5.56
CA GLU A 123 31.95 -22.87 -4.24
C GLU A 123 33.07 -22.98 -3.17
N LYS A 124 32.93 -22.23 -2.07
CA LYS A 124 33.87 -22.14 -0.94
C LYS A 124 35.35 -21.99 -1.38
ZN ZN B . 30.79 -15.68 -4.50
ZN ZN C . -23.31 13.35 11.37
ZN ZN D . -4.82 20.55 -10.54
ZN ZN E . 10.40 14.56 -6.31
ZN ZN F . -3.79 2.24 0.35
N LYS A 1 -11.34 -12.07 6.53
CA LYS A 1 -11.45 -11.19 7.73
C LYS A 1 -10.95 -9.77 7.41
N GLU A 2 -11.54 -8.75 8.04
CA GLU A 2 -11.19 -7.33 7.82
C GLU A 2 -10.07 -6.83 8.74
N ALA A 3 -9.38 -5.76 8.32
CA ALA A 3 -8.39 -5.04 9.12
C ALA A 3 -9.03 -3.81 9.79
N ALA A 4 -8.71 -3.58 11.07
CA ALA A 4 -9.08 -2.35 11.79
C ALA A 4 -8.62 -1.06 11.08
N PRO A 5 -7.34 -0.94 10.63
CA PRO A 5 -6.88 0.23 9.89
C PRO A 5 -7.36 0.29 8.43
N LYS A 6 -7.35 -0.85 7.72
CA LYS A 6 -7.59 -1.04 6.26
C LYS A 6 -6.63 -0.29 5.32
N CYS A 7 -6.48 1.03 5.45
CA CYS A 7 -5.55 1.92 4.72
C CYS A 7 -5.25 3.21 5.51
N ASN A 8 -4.25 3.98 5.08
CA ASN A 8 -3.91 5.27 5.68
C ASN A 8 -4.90 6.41 5.32
N ASN A 9 -5.46 6.39 4.11
CA ASN A 9 -6.35 7.44 3.57
C ASN A 9 -7.31 6.92 2.49
N CYS A 10 -6.80 6.15 1.52
CA CYS A 10 -7.60 5.46 0.49
C CYS A 10 -8.25 4.17 1.04
N SER A 11 -8.76 3.29 0.17
CA SER A 11 -9.70 2.23 0.56
C SER A 11 -9.49 0.85 -0.07
N GLN A 12 -8.24 0.53 -0.40
CA GLN A 12 -7.81 -0.77 -0.91
C GLN A 12 -7.30 -1.69 0.22
N ARG A 13 -7.33 -3.00 -0.01
CA ARG A 13 -6.86 -4.06 0.90
C ARG A 13 -5.33 -4.18 0.91
N GLY A 14 -4.79 -4.81 1.95
CA GLY A 14 -3.43 -5.37 1.97
C GLY A 14 -2.26 -4.39 2.26
N HIS A 15 -2.50 -3.08 2.24
CA HIS A 15 -1.50 -2.06 2.63
C HIS A 15 -2.10 -0.99 3.54
N LEU A 16 -2.36 -1.41 4.78
CA LEU A 16 -2.85 -0.60 5.91
C LEU A 16 -1.95 0.60 6.26
N LYS A 17 -2.34 1.42 7.25
CA LYS A 17 -1.71 2.70 7.66
C LYS A 17 -0.19 2.81 7.38
N LYS A 18 0.62 2.03 8.10
CA LYS A 18 2.09 1.99 8.00
C LYS A 18 2.65 1.25 6.77
N ASP A 19 1.83 0.40 6.14
CA ASP A 19 2.19 -0.42 4.98
C ASP A 19 1.88 0.26 3.63
N CYS A 20 0.96 1.24 3.61
CA CYS A 20 0.56 2.00 2.43
C CYS A 20 1.71 2.72 1.68
N PRO A 21 2.66 3.40 2.36
CA PRO A 21 3.63 4.29 1.70
C PRO A 21 4.65 3.63 0.76
N HIS A 22 4.79 2.29 0.75
CA HIS A 22 5.81 1.57 -0.05
C HIS A 22 5.67 1.78 -1.57
N ILE A 23 4.50 2.22 -2.03
CA ILE A 23 4.20 2.60 -3.42
C ILE A 23 4.90 3.89 -3.88
N ILE A 24 5.35 4.74 -2.95
CA ILE A 24 5.98 6.05 -3.17
C ILE A 24 7.49 5.94 -2.96
N CYS A 25 8.31 6.41 -3.90
CA CYS A 25 9.74 6.58 -3.69
C CYS A 25 10.02 7.82 -2.82
N SER A 26 10.89 7.66 -1.81
CA SER A 26 11.06 8.59 -0.68
C SER A 26 11.42 10.02 -1.10
N TYR A 27 10.56 10.97 -0.71
CA TYR A 27 10.55 12.40 -1.09
C TYR A 27 10.50 12.73 -2.59
N CYS A 28 10.75 11.75 -3.47
CA CYS A 28 10.69 11.85 -4.92
C CYS A 28 9.26 11.53 -5.43
N GLY A 29 8.23 12.12 -4.81
CA GLY A 29 6.85 12.04 -5.30
C GLY A 29 5.78 12.36 -4.26
N ALA A 30 4.59 12.71 -4.75
CA ALA A 30 3.34 12.72 -3.99
C ALA A 30 2.29 11.86 -4.70
N THR A 31 1.59 11.00 -3.95
CA THR A 31 0.84 9.84 -4.46
C THR A 31 -0.39 10.19 -5.34
N ASP A 32 -0.81 11.46 -5.43
CA ASP A 32 -1.86 11.96 -6.34
C ASP A 32 -1.33 12.74 -7.57
N ASP A 33 -0.03 13.07 -7.61
CA ASP A 33 0.62 13.90 -8.65
C ASP A 33 1.77 13.17 -9.39
N HIS A 34 2.27 12.09 -8.81
CA HIS A 34 3.43 11.34 -9.28
C HIS A 34 3.07 10.25 -10.31
N TYR A 35 3.97 10.05 -11.28
CA TYR A 35 3.89 9.00 -12.30
C TYR A 35 5.30 8.57 -12.72
N SER A 36 5.47 7.36 -13.23
CA SER A 36 6.79 6.77 -13.55
C SER A 36 7.60 7.54 -14.61
N ARG A 37 6.92 8.20 -15.56
CA ARG A 37 7.51 9.13 -16.54
C ARG A 37 7.72 10.55 -15.98
N HIS A 38 6.89 10.95 -15.02
CA HIS A 38 6.93 12.27 -14.36
C HIS A 38 7.91 12.33 -13.16
N CYS A 39 8.43 11.16 -12.76
CA CYS A 39 9.30 10.84 -11.62
C CYS A 39 10.06 12.02 -10.96
N PRO A 40 10.96 12.76 -11.66
CA PRO A 40 11.78 13.80 -11.04
C PRO A 40 11.02 15.01 -10.45
N LYS A 41 9.79 15.29 -10.88
CA LYS A 41 8.94 16.37 -10.33
C LYS A 41 8.20 15.88 -9.07
N ALA A 42 8.59 16.44 -7.93
CA ALA A 42 8.37 15.87 -6.60
C ALA A 42 8.22 16.96 -5.51
N ILE A 43 8.50 16.63 -4.25
CA ILE A 43 8.42 17.56 -3.10
C ILE A 43 9.69 18.44 -3.06
N GLN A 44 9.64 19.55 -3.79
CA GLN A 44 10.76 20.47 -4.05
C GLN A 44 10.44 21.94 -3.72
N CYS A 45 11.49 22.75 -3.54
CA CYS A 45 11.46 24.19 -3.25
C CYS A 45 11.10 25.06 -4.46
N SER A 46 10.93 24.45 -5.65
CA SER A 46 10.75 25.06 -6.98
C SER A 46 11.91 25.89 -7.54
N LYS A 47 12.74 26.49 -6.68
CA LYS A 47 13.91 27.31 -7.05
C LYS A 47 15.22 26.83 -6.38
N CYS A 48 15.17 25.72 -5.65
CA CYS A 48 16.27 25.20 -4.82
C CYS A 48 16.16 23.67 -4.63
N ASP A 49 15.92 22.91 -5.70
CA ASP A 49 15.79 21.43 -5.70
C ASP A 49 14.82 20.89 -4.60
N GLU A 50 14.92 19.60 -4.21
CA GLU A 50 14.10 18.96 -3.17
C GLU A 50 13.99 19.80 -1.87
N VAL A 51 12.82 19.88 -1.21
CA VAL A 51 12.72 20.51 0.13
C VAL A 51 13.54 19.76 1.18
N GLY A 52 13.79 18.47 0.91
CA GLY A 52 14.37 17.50 1.84
C GLY A 52 15.89 17.54 1.99
N HIS A 53 16.65 18.21 1.12
CA HIS A 53 18.12 18.06 1.07
C HIS A 53 18.89 18.85 2.15
N TYR A 54 18.27 19.87 2.77
CA TYR A 54 18.78 20.57 3.96
C TYR A 54 17.69 20.69 5.04
N ARG A 55 18.11 20.58 6.30
CA ARG A 55 17.24 20.53 7.49
C ARG A 55 16.35 21.76 7.61
N SER A 56 15.19 21.60 8.26
CA SER A 56 14.17 22.65 8.41
C SER A 56 13.65 23.19 7.07
N GLN A 57 13.44 22.29 6.10
CA GLN A 57 13.03 22.58 4.70
C GLN A 57 13.85 23.69 4.01
N CYS A 58 15.18 23.57 4.10
CA CYS A 58 16.21 24.55 3.72
C CYS A 58 16.20 25.89 4.50
N PRO A 59 17.37 26.52 4.70
CA PRO A 59 17.48 27.84 5.33
C PRO A 59 16.95 28.96 4.43
N HIS A 60 16.67 30.13 5.04
CA HIS A 60 16.22 31.35 4.36
C HIS A 60 16.83 32.62 4.97
N LYS A 61 17.15 33.61 4.12
CA LYS A 61 17.64 34.95 4.48
C LYS A 61 17.15 35.99 3.47
N TRP A 62 16.80 37.20 3.95
CA TRP A 62 16.33 38.32 3.11
C TRP A 62 16.96 39.69 3.46
N LYS A 63 17.79 39.77 4.51
CA LYS A 63 18.34 41.01 5.07
C LYS A 63 19.87 40.98 5.19
N LYS A 64 20.52 42.13 5.03
CA LYS A 64 21.99 42.28 5.05
C LYS A 64 22.60 42.05 6.44
N VAL A 65 21.89 42.47 7.48
CA VAL A 65 22.23 42.26 8.90
C VAL A 65 21.30 41.20 9.53
N GLN A 66 21.82 40.39 10.45
CA GLN A 66 21.13 39.24 11.05
C GLN A 66 20.21 39.63 12.24
N CYS A 67 19.76 40.88 12.26
CA CYS A 67 18.92 41.46 13.30
C CYS A 67 17.80 42.31 12.69
N THR A 68 16.68 42.46 13.41
CA THR A 68 15.87 43.68 13.31
C THR A 68 16.61 44.88 13.94
N LEU A 69 15.99 46.06 13.98
CA LEU A 69 16.45 47.30 14.65
C LEU A 69 17.85 47.82 14.27
N CYS A 70 18.48 47.25 13.22
CA CYS A 70 19.87 47.48 12.82
C CYS A 70 20.01 48.13 11.44
N LYS A 71 21.23 48.66 11.18
CA LYS A 71 21.75 49.22 9.91
C LYS A 71 21.03 50.42 9.29
N SER A 72 19.97 50.93 9.91
CA SER A 72 19.49 52.31 9.72
C SER A 72 20.42 53.35 10.39
N LYS A 73 21.05 52.96 11.51
CA LYS A 73 22.07 53.67 12.29
C LYS A 73 23.17 52.70 12.77
N LYS A 74 24.16 53.20 13.51
CA LYS A 74 25.29 52.42 14.06
C LYS A 74 24.84 51.23 14.92
N HIS A 75 25.64 50.15 14.91
CA HIS A 75 25.38 48.93 15.67
C HIS A 75 25.89 49.03 17.12
N SER A 76 24.97 49.01 18.09
CA SER A 76 25.25 49.13 19.54
C SER A 76 25.80 47.83 20.14
N LYS A 77 27.09 47.54 19.93
CA LYS A 77 27.75 46.28 20.34
C LYS A 77 27.67 46.00 21.85
N GLU A 78 27.58 47.02 22.69
CA GLU A 78 27.43 46.89 24.15
C GLU A 78 25.99 46.60 24.64
N ARG A 79 24.97 46.69 23.76
CA ARG A 79 23.54 46.65 24.11
C ARG A 79 22.69 45.69 23.26
N CYS A 80 23.05 45.48 21.99
CA CYS A 80 22.29 44.66 21.04
C CYS A 80 22.49 43.14 21.20
N PRO A 81 23.73 42.59 21.34
CA PRO A 81 23.95 41.14 21.38
C PRO A 81 23.33 40.43 22.61
N SER A 82 23.31 41.12 23.75
CA SER A 82 22.83 40.59 25.04
C SER A 82 22.22 41.71 25.89
N ILE A 83 21.09 41.42 26.56
CA ILE A 83 20.32 42.36 27.38
C ILE A 83 19.79 41.69 28.66
N TRP A 84 19.99 42.35 29.81
CA TRP A 84 19.56 41.92 31.15
C TRP A 84 19.90 40.47 31.54
N ARG A 85 21.03 39.97 31.02
CA ARG A 85 21.58 38.62 31.28
C ARG A 85 22.39 38.62 32.58
N ALA A 86 22.05 37.72 33.50
CA ALA A 86 22.69 37.62 34.82
C ALA A 86 23.81 36.56 34.86
N TYR A 87 24.84 36.84 35.67
CA TYR A 87 26.02 35.98 35.90
C TYR A 87 26.14 35.57 37.37
N ILE A 88 24.99 35.40 38.03
CA ILE A 88 24.90 35.08 39.47
C ILE A 88 25.37 33.66 39.82
N LEU A 89 25.65 33.44 41.10
CA LEU A 89 26.12 32.16 41.66
C LEU A 89 25.04 31.47 42.51
N VAL A 90 25.10 30.13 42.56
CA VAL A 90 24.32 29.23 43.42
C VAL A 90 25.24 28.13 43.98
N ASP A 91 26.46 28.54 44.33
CA ASP A 91 27.62 27.67 44.54
C ASP A 91 28.15 27.85 45.97
N ASP A 92 27.86 26.88 46.84
CA ASP A 92 27.97 26.99 48.30
C ASP A 92 28.70 25.79 48.95
N ASN A 93 29.13 25.97 50.21
CA ASN A 93 30.01 25.04 50.93
C ASN A 93 29.30 24.13 51.96
N GLU A 94 27.96 24.03 51.93
CA GLU A 94 27.20 23.17 52.84
C GLU A 94 27.48 21.67 52.56
N LYS A 95 27.95 20.95 53.57
CA LYS A 95 28.46 19.57 53.45
C LYS A 95 27.37 18.49 53.46
N ALA A 96 26.24 18.77 54.10
CA ALA A 96 25.04 17.91 54.28
C ALA A 96 25.23 16.53 54.97
N LYS A 97 26.46 15.98 55.02
CA LYS A 97 26.86 14.69 55.61
C LYS A 97 25.93 13.52 55.23
N PRO A 98 25.98 13.04 53.97
CA PRO A 98 25.33 11.79 53.58
C PRO A 98 25.96 10.60 54.32
N LYS A 99 25.16 9.54 54.56
CA LYS A 99 25.55 8.34 55.32
C LYS A 99 25.17 7.05 54.57
N VAL A 100 25.89 5.98 54.87
CA VAL A 100 25.68 4.62 54.33
C VAL A 100 25.17 3.62 55.39
N LEU A 101 24.73 4.14 56.55
CA LEU A 101 24.07 3.37 57.62
C LEU A 101 22.67 2.82 57.24
N PRO A 102 21.86 3.46 56.36
CA PRO A 102 20.62 2.88 55.84
C PRO A 102 20.83 1.55 55.09
N PHE A 103 19.75 0.78 54.91
CA PHE A 103 19.80 -0.54 54.27
C PHE A 103 20.24 -0.48 52.79
N HIS A 104 20.83 -1.57 52.30
CA HIS A 104 21.70 -1.59 51.11
C HIS A 104 21.01 -1.49 49.73
N THR A 105 19.69 -1.35 49.70
CA THR A 105 18.84 -1.37 48.48
C THR A 105 18.45 0.03 47.96
N ILE A 106 18.74 1.11 48.70
CA ILE A 106 18.45 2.50 48.30
C ILE A 106 19.72 3.30 47.99
N TYR A 107 19.70 4.11 46.92
CA TYR A 107 20.84 4.89 46.43
C TYR A 107 20.40 6.07 45.54
N CYS A 108 20.90 7.28 45.82
CA CYS A 108 20.58 8.51 45.09
C CYS A 108 21.54 8.82 43.92
N TYR A 109 21.10 9.64 42.97
CA TYR A 109 21.87 10.00 41.76
C TYR A 109 21.93 11.52 41.51
N ASN A 110 20.82 12.23 41.71
CA ASN A 110 20.71 13.69 41.61
C ASN A 110 21.25 14.44 42.86
N CYS A 111 21.78 13.70 43.83
CA CYS A 111 22.54 14.18 44.98
C CYS A 111 23.74 13.24 45.22
N GLY A 112 24.87 13.79 45.67
CA GLY A 112 26.13 13.07 45.86
C GLY A 112 26.11 12.00 46.96
N GLY A 113 27.11 11.12 46.94
CA GLY A 113 27.36 10.07 47.96
C GLY A 113 26.50 8.80 47.85
N LYS A 114 25.43 8.82 47.04
CA LYS A 114 24.55 7.68 46.67
C LYS A 114 24.10 6.77 47.82
N GLY A 115 23.93 7.32 49.04
CA GLY A 115 23.74 6.52 50.27
C GLY A 115 22.31 6.44 50.82
N HIS A 116 21.39 7.32 50.41
CA HIS A 116 20.09 7.50 51.10
C HIS A 116 18.96 7.97 50.18
N PHE A 117 17.71 7.69 50.61
CA PHE A 117 16.44 8.24 50.09
C PHE A 117 16.30 8.26 48.55
N GLY A 118 16.89 7.26 47.89
CA GLY A 118 17.13 7.22 46.44
C GLY A 118 15.89 7.31 45.53
N ASP A 119 14.69 7.13 46.07
CA ASP A 119 13.41 7.28 45.36
C ASP A 119 13.15 8.72 44.87
N ASP A 120 13.60 9.73 45.64
CA ASP A 120 13.29 11.15 45.42
C ASP A 120 14.47 12.12 45.71
N CYS A 121 15.55 11.64 46.33
CA CYS A 121 16.68 12.46 46.76
C CYS A 121 17.40 13.17 45.60
N LYS A 122 17.35 14.51 45.62
CA LYS A 122 17.95 15.47 44.69
C LYS A 122 18.34 16.74 45.45
N GLU A 123 19.44 17.38 45.05
CA GLU A 123 19.80 18.73 45.49
C GLU A 123 19.49 19.77 44.38
N LYS A 124 19.02 20.95 44.80
CA LYS A 124 18.67 22.10 43.95
C LYS A 124 17.73 21.73 42.78
ZN ZN B . 21.74 12.27 48.69
ZN ZN C . 22.30 43.64 15.98
ZN ZN D . 16.33 23.26 -1.17
ZN ZN E . 10.08 9.62 -8.25
ZN ZN F . -3.65 2.37 0.29
N LYS A 1 -13.19 -8.69 7.86
CA LYS A 1 -11.88 -8.61 8.57
C LYS A 1 -11.89 -7.46 9.59
N GLU A 2 -11.35 -7.67 10.80
CA GLU A 2 -11.36 -6.72 11.92
C GLU A 2 -10.19 -5.71 11.89
N ALA A 3 -9.98 -5.06 10.73
CA ALA A 3 -8.87 -4.13 10.50
C ALA A 3 -8.96 -2.86 11.37
N ALA A 4 -7.99 -2.66 12.26
CA ALA A 4 -7.83 -1.44 13.04
C ALA A 4 -7.30 -0.25 12.20
N PRO A 5 -6.16 -0.37 11.48
CA PRO A 5 -5.64 0.71 10.64
C PRO A 5 -6.31 0.81 9.26
N LYS A 6 -6.84 -0.31 8.72
CA LYS A 6 -7.47 -0.49 7.39
C LYS A 6 -6.57 -0.13 6.19
N CYS A 7 -6.24 1.15 6.02
CA CYS A 7 -5.38 1.76 5.00
C CYS A 7 -5.06 3.21 5.44
N ASN A 8 -3.93 3.79 4.99
CA ASN A 8 -3.56 5.15 5.43
C ASN A 8 -4.52 6.23 4.89
N ASN A 9 -4.72 6.29 3.56
CA ASN A 9 -5.41 7.41 2.88
C ASN A 9 -6.65 6.94 2.08
N CYS A 10 -6.47 6.04 1.13
CA CYS A 10 -7.54 5.37 0.38
C CYS A 10 -8.05 4.11 1.12
N SER A 11 -8.70 3.17 0.44
CA SER A 11 -9.33 1.97 1.03
C SER A 11 -9.35 0.76 0.09
N GLN A 12 -9.70 -0.41 0.64
CA GLN A 12 -9.97 -1.67 -0.08
C GLN A 12 -8.77 -2.25 -0.89
N ARG A 13 -7.53 -1.94 -0.46
CA ARG A 13 -6.28 -2.35 -1.12
C ARG A 13 -5.33 -3.20 -0.25
N GLY A 14 -5.77 -3.60 0.94
CA GLY A 14 -5.03 -4.51 1.86
C GLY A 14 -3.83 -3.88 2.59
N HIS A 15 -3.11 -2.95 1.95
CA HIS A 15 -2.01 -2.21 2.57
C HIS A 15 -2.51 -1.19 3.61
N LEU A 16 -2.48 -1.62 4.89
CA LEU A 16 -2.69 -0.81 6.09
C LEU A 16 -1.73 0.38 6.20
N LYS A 17 -1.84 1.18 7.27
CA LYS A 17 -1.17 2.49 7.45
C LYS A 17 0.30 2.51 6.96
N LYS A 18 1.16 1.73 7.61
CA LYS A 18 2.60 1.59 7.31
C LYS A 18 2.95 0.67 6.13
N ASP A 19 1.94 0.06 5.51
CA ASP A 19 2.07 -0.74 4.28
C ASP A 19 1.76 0.13 3.03
N CYS A 20 0.93 1.17 3.18
CA CYS A 20 0.64 2.18 2.15
C CYS A 20 1.92 2.97 1.75
N PRO A 21 2.06 3.46 0.50
CA PRO A 21 3.35 3.85 -0.06
C PRO A 21 4.01 5.09 0.58
N HIS A 22 5.35 5.11 0.58
CA HIS A 22 6.19 6.18 1.17
C HIS A 22 6.98 7.02 0.14
N ILE A 23 6.84 6.73 -1.16
CA ILE A 23 7.60 7.38 -2.26
C ILE A 23 6.96 8.73 -2.69
N ILE A 24 5.79 9.05 -2.14
CA ILE A 24 5.04 10.29 -2.39
C ILE A 24 5.84 11.52 -1.92
N CYS A 25 5.90 12.60 -2.71
CA CYS A 25 6.76 13.76 -2.40
C CYS A 25 6.28 14.56 -1.16
N SER A 26 4.97 14.80 -1.05
CA SER A 26 4.20 15.21 0.13
C SER A 26 2.72 14.88 -0.09
N TYR A 27 1.87 15.01 0.92
CA TYR A 27 0.46 14.59 0.89
C TYR A 27 -0.48 15.55 0.10
N CYS A 28 0.01 16.10 -1.00
CA CYS A 28 -0.73 16.83 -2.04
C CYS A 28 -1.05 15.94 -3.27
N GLY A 29 -0.17 14.98 -3.60
CA GLY A 29 -0.33 14.13 -4.79
C GLY A 29 0.84 13.19 -5.07
N ALA A 30 0.62 12.28 -6.03
CA ALA A 30 1.50 11.14 -6.29
C ALA A 30 2.88 11.49 -6.92
N THR A 31 3.92 11.39 -6.08
CA THR A 31 5.19 10.74 -6.49
C THR A 31 5.97 11.53 -7.56
N ASP A 32 6.74 10.87 -8.43
CA ASP A 32 7.47 11.53 -9.54
C ASP A 32 6.67 11.55 -10.87
N ASP A 33 5.44 11.02 -10.88
CA ASP A 33 4.62 10.84 -12.09
C ASP A 33 3.78 12.08 -12.47
N HIS A 34 3.35 12.88 -11.49
CA HIS A 34 2.70 14.18 -11.72
C HIS A 34 3.72 15.30 -11.97
N TYR A 35 3.27 16.37 -12.64
CA TYR A 35 4.08 17.55 -12.98
C TYR A 35 3.55 18.81 -12.28
N SER A 36 4.19 19.97 -12.48
CA SER A 36 3.90 21.27 -11.85
C SER A 36 2.59 21.95 -12.29
N ARG A 37 1.69 21.18 -12.90
CA ARG A 37 0.27 21.52 -13.17
C ARG A 37 -0.71 20.47 -12.62
N HIS A 38 -0.22 19.37 -12.06
CA HIS A 38 -0.95 18.26 -11.43
C HIS A 38 -0.40 17.83 -10.06
N CYS A 39 0.62 18.55 -9.53
CA CYS A 39 1.22 18.30 -8.22
C CYS A 39 0.16 18.12 -7.09
N PRO A 40 -0.85 19.00 -6.95
CA PRO A 40 -2.02 18.75 -6.08
C PRO A 40 -3.12 17.93 -6.79
N LYS A 41 -2.97 16.60 -6.86
CA LYS A 41 -3.95 15.67 -7.46
C LYS A 41 -3.89 14.27 -6.83
N ALA A 42 -4.99 13.53 -6.86
CA ALA A 42 -5.21 12.19 -6.25
C ALA A 42 -5.12 12.09 -4.70
N ILE A 43 -4.29 12.91 -4.04
CA ILE A 43 -4.07 12.93 -2.59
C ILE A 43 -4.60 14.27 -2.01
N GLN A 44 -5.87 14.57 -2.27
CA GLN A 44 -6.58 15.73 -1.72
C GLN A 44 -8.04 15.39 -1.35
N CYS A 45 -8.57 16.04 -0.31
CA CYS A 45 -10.00 16.00 0.04
C CYS A 45 -10.80 17.07 -0.72
N SER A 46 -12.13 16.95 -0.67
CA SER A 46 -13.01 17.76 -1.51
C SER A 46 -12.85 19.27 -1.31
N LYS A 47 -12.78 20.01 -2.42
CA LYS A 47 -12.56 21.46 -2.51
C LYS A 47 -11.28 21.96 -1.79
N CYS A 48 -10.32 21.07 -1.51
CA CYS A 48 -9.08 21.31 -0.76
C CYS A 48 -7.83 20.78 -1.50
N ASP A 49 -6.64 20.99 -0.91
CA ASP A 49 -5.33 20.83 -1.57
C ASP A 49 -4.48 19.65 -1.06
N GLU A 50 -4.82 19.09 0.11
CA GLU A 50 -4.24 17.87 0.71
C GLU A 50 -5.39 16.98 1.22
N VAL A 51 -5.13 15.71 1.57
CA VAL A 51 -6.17 14.77 2.09
C VAL A 51 -6.87 15.25 3.36
N GLY A 52 -6.35 16.31 3.98
CA GLY A 52 -6.77 16.88 5.25
C GLY A 52 -5.60 17.58 5.92
N HIS A 53 -5.88 18.74 6.52
CA HIS A 53 -4.91 19.62 7.17
C HIS A 53 -5.28 19.96 8.63
N TYR A 54 -6.45 19.46 9.07
CA TYR A 54 -6.87 19.35 10.47
C TYR A 54 -7.48 17.96 10.69
N ARG A 55 -7.23 17.34 11.85
CA ARG A 55 -7.75 16.01 12.26
C ARG A 55 -7.74 14.99 11.10
N SER A 56 -6.60 14.92 10.41
CA SER A 56 -6.27 14.01 9.30
C SER A 56 -7.06 14.11 7.99
N GLN A 57 -8.34 14.50 8.04
CA GLN A 57 -9.27 14.54 6.89
C GLN A 57 -10.19 15.79 6.86
N CYS A 58 -10.11 16.64 7.89
CA CYS A 58 -10.95 17.82 8.18
C CYS A 58 -12.47 17.70 7.83
N PRO A 59 -13.17 16.62 8.25
CA PRO A 59 -14.60 16.44 7.93
C PRO A 59 -15.49 17.43 8.70
N HIS A 60 -16.59 17.87 8.06
CA HIS A 60 -17.67 18.58 8.75
C HIS A 60 -18.65 17.63 9.49
N LYS A 61 -18.58 16.32 9.20
CA LYS A 61 -19.29 15.27 9.94
C LYS A 61 -18.64 15.04 11.31
N TRP A 62 -19.39 14.42 12.22
CA TRP A 62 -18.91 14.10 13.57
C TRP A 62 -17.87 12.96 13.59
N LYS A 63 -16.96 13.00 14.57
CA LYS A 63 -15.65 12.33 14.55
C LYS A 63 -15.56 11.11 15.49
N LYS A 64 -16.67 10.76 16.15
CA LYS A 64 -16.87 9.57 16.99
C LYS A 64 -18.30 9.05 16.85
N VAL A 65 -18.54 7.78 17.19
CA VAL A 65 -19.89 7.18 17.20
C VAL A 65 -20.52 7.27 18.60
N GLN A 66 -21.79 7.69 18.68
CA GLN A 66 -22.46 8.04 19.96
C GLN A 66 -22.81 6.82 20.83
N CYS A 67 -22.83 5.62 20.24
CA CYS A 67 -23.11 4.36 20.94
C CYS A 67 -21.87 3.71 21.56
N THR A 68 -20.69 3.92 20.98
CA THR A 68 -19.50 3.02 20.99
C THR A 68 -19.73 1.61 20.40
N LEU A 69 -20.92 1.06 20.64
CA LEU A 69 -21.46 -0.22 20.20
C LEU A 69 -21.79 -0.29 18.68
N CYS A 70 -21.86 0.87 18.00
CA CYS A 70 -22.35 0.99 16.62
C CYS A 70 -21.22 1.25 15.61
N LYS A 71 -21.44 0.91 14.33
CA LYS A 71 -20.50 1.11 13.21
C LYS A 71 -20.99 2.09 12.13
N SER A 72 -22.16 2.69 12.30
CA SER A 72 -22.67 3.72 11.39
C SER A 72 -22.22 5.14 11.76
N LYS A 73 -22.04 5.99 10.73
CA LYS A 73 -21.69 7.42 10.80
C LYS A 73 -22.80 8.39 10.37
N LYS A 74 -24.00 7.87 10.02
CA LYS A 74 -25.14 8.60 9.44
C LYS A 74 -26.36 8.68 10.38
N HIS A 75 -26.34 7.97 11.50
CA HIS A 75 -27.54 7.71 12.32
C HIS A 75 -27.98 8.88 13.21
N SER A 76 -29.22 8.78 13.72
CA SER A 76 -29.79 9.80 14.61
C SER A 76 -29.15 9.86 16.00
N LYS A 77 -29.08 11.07 16.57
CA LYS A 77 -28.39 11.43 17.82
C LYS A 77 -29.01 10.83 19.09
N GLU A 78 -30.29 10.47 19.07
CA GLU A 78 -31.02 9.83 20.21
C GLU A 78 -30.66 8.34 20.38
N ARG A 79 -29.41 7.97 20.08
CA ARG A 79 -28.90 6.59 19.86
C ARG A 79 -29.82 5.76 18.94
N CYS A 80 -30.20 6.37 17.82
CA CYS A 80 -30.87 5.76 16.65
C CYS A 80 -31.85 4.60 16.94
N PRO A 81 -32.98 4.85 17.63
CA PRO A 81 -33.88 3.78 18.09
C PRO A 81 -34.65 3.07 16.97
N SER A 82 -34.93 3.77 15.87
CA SER A 82 -35.80 3.34 14.76
C SER A 82 -35.07 3.10 13.43
N ILE A 83 -33.75 3.29 13.37
CA ILE A 83 -32.97 3.14 12.11
C ILE A 83 -33.05 1.70 11.55
N TRP A 84 -33.25 0.71 12.42
CA TRP A 84 -33.45 -0.70 12.08
C TRP A 84 -34.89 -1.02 11.57
N ARG A 85 -35.68 0.00 11.24
CA ARG A 85 -36.95 -0.07 10.47
C ARG A 85 -36.96 0.84 9.24
N ALA A 86 -35.86 1.56 8.96
CA ALA A 86 -35.74 2.46 7.80
C ALA A 86 -35.46 1.72 6.45
N TYR A 87 -35.17 0.42 6.50
CA TYR A 87 -34.79 -0.38 5.31
C TYR A 87 -35.94 -0.57 4.30
N ILE A 88 -37.20 -0.34 4.68
CA ILE A 88 -38.39 -0.54 3.84
C ILE A 88 -38.65 0.60 2.83
N LEU A 89 -37.96 1.74 2.95
CA LEU A 89 -38.14 2.93 2.10
C LEU A 89 -37.31 2.91 0.79
N VAL A 90 -36.68 1.78 0.45
CA VAL A 90 -35.65 1.67 -0.61
C VAL A 90 -36.10 0.97 -1.90
N ASP A 91 -37.29 0.36 -1.93
CA ASP A 91 -37.83 -0.42 -3.07
C ASP A 91 -39.28 -0.05 -3.44
N ASP A 92 -39.68 -0.34 -4.69
CA ASP A 92 -40.87 0.25 -5.33
C ASP A 92 -41.92 -0.77 -5.86
N ASN A 93 -41.52 -2.01 -6.16
CA ASN A 93 -42.39 -3.09 -6.66
C ASN A 93 -41.99 -4.48 -6.09
N GLU A 94 -42.91 -5.45 -6.12
CA GLU A 94 -42.73 -6.78 -5.50
C GLU A 94 -42.99 -8.00 -6.43
N LYS A 95 -43.46 -7.79 -7.67
CA LYS A 95 -43.71 -8.85 -8.66
C LYS A 95 -43.27 -8.46 -10.09
N ALA A 96 -43.07 -9.48 -10.92
CA ALA A 96 -42.74 -9.37 -12.36
C ALA A 96 -43.37 -10.53 -13.17
N LYS A 97 -43.41 -10.38 -14.51
CA LYS A 97 -43.81 -11.43 -15.47
C LYS A 97 -42.96 -11.41 -16.75
N PRO A 98 -42.68 -12.57 -17.39
CA PRO A 98 -41.96 -12.63 -18.66
C PRO A 98 -42.71 -11.98 -19.84
N LYS A 99 -41.96 -11.64 -20.91
CA LYS A 99 -42.46 -11.12 -22.19
C LYS A 99 -41.80 -11.82 -23.38
N VAL A 100 -42.46 -11.80 -24.53
CA VAL A 100 -42.00 -12.46 -25.78
C VAL A 100 -41.13 -11.57 -26.69
N LEU A 101 -41.05 -10.27 -26.40
CA LEU A 101 -40.33 -9.27 -27.21
C LEU A 101 -38.78 -9.33 -27.13
N PRO A 102 -38.13 -9.66 -25.99
CA PRO A 102 -36.67 -9.72 -25.89
C PRO A 102 -36.00 -10.75 -26.82
N PHE A 103 -34.78 -10.45 -27.26
CA PHE A 103 -34.01 -11.26 -28.22
C PHE A 103 -33.26 -12.46 -27.60
N HIS A 104 -33.00 -12.43 -26.29
CA HIS A 104 -32.58 -13.58 -25.46
C HIS A 104 -31.45 -14.45 -26.04
N THR A 105 -30.30 -13.82 -26.35
CA THR A 105 -29.09 -14.51 -26.82
C THR A 105 -27.80 -13.92 -26.19
N ILE A 106 -27.88 -13.69 -24.88
CA ILE A 106 -26.92 -12.87 -24.13
C ILE A 106 -25.87 -13.66 -23.32
N TYR A 107 -25.94 -15.00 -23.31
CA TYR A 107 -25.10 -15.86 -22.47
C TYR A 107 -24.88 -17.27 -23.06
N CYS A 108 -23.74 -17.92 -22.75
CA CYS A 108 -23.39 -19.28 -23.17
C CYS A 108 -23.99 -20.41 -22.30
N TYR A 109 -24.90 -20.09 -21.37
CA TYR A 109 -25.65 -20.99 -20.46
C TYR A 109 -24.85 -21.82 -19.44
N ASN A 110 -23.58 -22.14 -19.68
CA ASN A 110 -22.73 -22.98 -18.80
C ASN A 110 -21.32 -22.42 -18.53
N CYS A 111 -20.87 -21.40 -19.25
CA CYS A 111 -19.50 -20.87 -19.17
C CYS A 111 -19.41 -19.37 -19.52
N GLY A 112 -18.22 -18.77 -19.31
CA GLY A 112 -17.91 -17.40 -19.70
C GLY A 112 -17.98 -17.15 -21.22
N GLY A 113 -18.10 -15.88 -21.60
CA GLY A 113 -18.50 -15.47 -22.96
C GLY A 113 -20.01 -15.59 -23.20
N LYS A 114 -20.48 -15.10 -24.34
CA LYS A 114 -21.91 -14.84 -24.60
C LYS A 114 -22.49 -15.50 -25.87
N GLY A 115 -21.64 -15.87 -26.84
CA GLY A 115 -22.14 -16.42 -28.12
C GLY A 115 -21.11 -17.01 -29.09
N HIS A 116 -19.92 -17.42 -28.63
CA HIS A 116 -18.83 -17.86 -29.54
C HIS A 116 -19.19 -19.18 -30.27
N PHE A 117 -19.61 -20.17 -29.49
CA PHE A 117 -20.34 -21.36 -29.89
C PHE A 117 -21.49 -21.60 -28.88
N GLY A 118 -22.01 -20.50 -28.31
CA GLY A 118 -22.96 -20.44 -27.19
C GLY A 118 -24.28 -21.18 -27.41
N ASP A 119 -24.59 -21.51 -28.66
CA ASP A 119 -25.70 -22.37 -29.07
C ASP A 119 -25.59 -23.82 -28.54
N ASP A 120 -24.36 -24.37 -28.50
CA ASP A 120 -24.10 -25.81 -28.31
C ASP A 120 -22.88 -26.13 -27.42
N CYS A 121 -22.09 -25.14 -26.97
CA CYS A 121 -20.94 -25.32 -26.05
C CYS A 121 -21.32 -25.65 -24.57
N LYS A 122 -22.44 -26.35 -24.40
CA LYS A 122 -22.94 -26.97 -23.17
C LYS A 122 -21.96 -28.03 -22.63
N GLU A 123 -22.02 -28.31 -21.33
CA GLU A 123 -21.31 -29.44 -20.70
C GLU A 123 -21.83 -30.83 -21.16
N LYS A 124 -21.00 -31.87 -20.95
CA LYS A 124 -21.27 -33.26 -21.32
C LYS A 124 -22.55 -33.85 -20.70
ZN ZN B . -19.28 -20.57 -24.10
ZN ZN C . -25.97 3.78 16.64
ZN ZN D . -9.54 19.97 3.56
ZN ZN E . 3.16 16.66 -5.16
ZN ZN F . -3.51 2.93 0.04
N LYS A 1 -12.84 -11.13 8.85
CA LYS A 1 -12.08 -9.96 8.30
C LYS A 1 -11.32 -9.22 9.42
N GLU A 2 -12.02 -8.48 10.29
CA GLU A 2 -11.50 -7.83 11.51
C GLU A 2 -10.31 -6.87 11.30
N ALA A 3 -10.26 -6.20 10.13
CA ALA A 3 -9.21 -5.22 9.81
C ALA A 3 -9.53 -3.84 10.43
N ALA A 4 -8.88 -3.52 11.55
CA ALA A 4 -8.99 -2.22 12.22
C ALA A 4 -8.46 -1.03 11.38
N PRO A 5 -7.24 -1.08 10.80
CA PRO A 5 -6.69 0.06 10.04
C PRO A 5 -7.24 0.15 8.61
N LYS A 6 -7.31 -0.97 7.89
CA LYS A 6 -7.56 -1.11 6.43
C LYS A 6 -6.49 -0.45 5.54
N CYS A 7 -6.23 0.83 5.73
CA CYS A 7 -5.30 1.70 5.01
C CYS A 7 -4.81 2.87 5.89
N ASN A 8 -3.69 3.49 5.54
CA ASN A 8 -3.39 4.87 5.98
C ASN A 8 -4.22 5.88 5.16
N ASN A 9 -4.12 5.77 3.83
CA ASN A 9 -4.86 6.56 2.83
C ASN A 9 -5.40 5.63 1.73
N CYS A 10 -6.39 6.08 0.95
CA CYS A 10 -7.29 5.26 0.11
C CYS A 10 -7.86 4.03 0.87
N SER A 11 -8.33 3.00 0.16
CA SER A 11 -9.22 1.95 0.72
C SER A 11 -8.99 0.55 0.13
N GLN A 12 -7.76 0.26 -0.32
CA GLN A 12 -7.37 -1.04 -0.90
C GLN A 12 -6.84 -2.02 0.16
N ARG A 13 -7.12 -3.32 -0.01
CA ARG A 13 -6.96 -4.35 1.03
C ARG A 13 -5.51 -4.68 1.44
N GLY A 14 -4.56 -4.52 0.52
CA GLY A 14 -3.21 -5.08 0.65
C GLY A 14 -2.22 -4.29 1.50
N HIS A 15 -2.54 -3.03 1.85
CA HIS A 15 -1.59 -2.10 2.48
C HIS A 15 -2.23 -1.20 3.55
N LEU A 16 -2.38 -1.75 4.75
CA LEU A 16 -2.76 -1.03 5.98
C LEU A 16 -1.75 0.04 6.39
N LYS A 17 -1.99 0.74 7.51
CA LYS A 17 -1.32 1.98 7.95
C LYS A 17 0.18 2.07 7.58
N LYS A 18 1.02 1.23 8.20
CA LYS A 18 2.48 1.17 8.00
C LYS A 18 2.91 0.64 6.62
N ASP A 19 2.04 -0.09 5.94
CA ASP A 19 2.30 -0.74 4.65
C ASP A 19 1.92 0.15 3.43
N CYS A 20 1.00 1.10 3.61
CA CYS A 20 0.47 1.97 2.55
C CYS A 20 1.54 2.80 1.79
N PRO A 21 2.54 3.43 2.45
CA PRO A 21 3.51 4.31 1.78
C PRO A 21 4.81 3.62 1.29
N HIS A 22 5.04 2.35 1.61
CA HIS A 22 6.33 1.66 1.43
C HIS A 22 6.22 0.29 0.74
N ILE A 23 7.31 -0.15 0.10
CA ILE A 23 7.44 -1.49 -0.54
C ILE A 23 8.03 -2.55 0.41
N ILE A 24 8.63 -2.13 1.53
CA ILE A 24 9.31 -3.00 2.50
C ILE A 24 8.36 -3.63 3.51
N CYS A 25 8.60 -4.88 3.88
CA CYS A 25 7.91 -5.59 4.97
C CYS A 25 8.56 -5.26 6.31
N SER A 26 7.92 -4.37 7.08
CA SER A 26 8.25 -4.03 8.49
C SER A 26 9.74 -3.84 8.80
N TYR A 27 10.40 -3.03 7.98
CA TYR A 27 11.82 -2.68 8.06
C TYR A 27 12.81 -3.88 8.01
N CYS A 28 12.45 -4.93 7.27
CA CYS A 28 13.32 -6.06 6.93
C CYS A 28 14.50 -5.66 6.00
N GLY A 29 14.40 -4.52 5.30
CA GLY A 29 15.48 -3.97 4.48
C GLY A 29 15.28 -2.53 4.04
N ALA A 30 16.15 -2.05 3.14
CA ALA A 30 16.15 -0.69 2.61
C ALA A 30 15.25 -0.57 1.37
N THR A 31 14.34 0.40 1.38
CA THR A 31 13.29 0.59 0.36
C THR A 31 13.81 0.78 -1.08
N ASP A 32 15.06 1.23 -1.24
CA ASP A 32 15.70 1.44 -2.54
C ASP A 32 16.33 0.17 -3.18
N ASP A 33 16.45 -0.94 -2.43
CA ASP A 33 17.22 -2.14 -2.82
C ASP A 33 16.57 -3.48 -2.43
N HIS A 34 15.40 -3.47 -1.77
CA HIS A 34 14.73 -4.66 -1.26
C HIS A 34 13.86 -5.37 -2.33
N TYR A 35 13.83 -6.70 -2.30
CA TYR A 35 12.99 -7.55 -3.16
C TYR A 35 12.75 -8.93 -2.51
N SER A 36 11.71 -9.64 -2.93
CA SER A 36 11.19 -10.86 -2.29
C SER A 36 12.17 -12.04 -2.23
N ARG A 37 13.09 -12.12 -3.20
CA ARG A 37 14.20 -13.10 -3.22
C ARG A 37 15.58 -12.51 -2.87
N HIS A 38 15.63 -11.24 -2.48
CA HIS A 38 16.83 -10.51 -2.03
C HIS A 38 16.82 -10.21 -0.51
N CYS A 39 15.62 -10.26 0.10
CA CYS A 39 15.29 -10.09 1.52
C CYS A 39 16.45 -10.15 2.55
N PRO A 40 17.16 -11.28 2.74
CA PRO A 40 18.14 -11.43 3.81
C PRO A 40 19.42 -10.57 3.69
N LYS A 41 19.73 -10.03 2.50
CA LYS A 41 20.95 -9.25 2.21
C LYS A 41 20.68 -7.74 2.20
N ALA A 42 20.10 -7.25 3.30
CA ALA A 42 19.77 -5.84 3.52
C ALA A 42 20.18 -5.36 4.94
N ILE A 43 19.21 -5.13 5.84
CA ILE A 43 19.42 -4.60 7.20
C ILE A 43 19.48 -5.75 8.25
N GLN A 44 19.80 -6.97 7.78
CA GLN A 44 20.21 -8.10 8.62
C GLN A 44 21.45 -8.81 8.07
N CYS A 45 22.22 -9.47 8.95
CA CYS A 45 23.38 -10.28 8.57
C CYS A 45 23.07 -11.79 8.61
N SER A 46 23.97 -12.60 8.07
CA SER A 46 23.79 -14.05 7.91
C SER A 46 23.54 -14.80 9.24
N LYS A 47 22.68 -15.82 9.17
CA LYS A 47 22.17 -16.60 10.32
C LYS A 47 21.44 -15.77 11.40
N CYS A 48 21.13 -14.50 11.12
CA CYS A 48 20.61 -13.51 12.08
C CYS A 48 19.49 -12.63 11.49
N ASP A 49 18.90 -11.78 12.34
CA ASP A 49 17.74 -10.92 12.02
C ASP A 49 18.06 -9.41 12.06
N GLU A 50 19.32 -9.01 12.25
CA GLU A 50 19.79 -7.62 12.26
C GLU A 50 21.28 -7.53 11.85
N VAL A 51 21.74 -6.42 11.23
CA VAL A 51 23.17 -6.11 11.01
C VAL A 51 23.85 -5.57 12.28
N GLY A 52 23.17 -5.74 13.42
CA GLY A 52 23.48 -5.20 14.74
C GLY A 52 24.70 -5.84 15.41
N HIS A 53 24.57 -6.14 16.71
CA HIS A 53 25.66 -6.62 17.55
C HIS A 53 26.85 -5.62 17.56
N TYR A 54 28.09 -6.13 17.68
CA TYR A 54 29.33 -5.35 17.55
C TYR A 54 29.92 -5.35 16.13
N ARG A 55 31.01 -4.59 15.98
CA ARG A 55 31.82 -4.29 14.77
C ARG A 55 31.76 -5.33 13.64
N SER A 56 31.60 -4.83 12.42
CA SER A 56 31.51 -5.61 11.17
C SER A 56 30.41 -6.67 11.18
N GLN A 57 29.22 -6.25 11.62
CA GLN A 57 27.98 -7.04 11.68
C GLN A 57 28.12 -8.42 12.37
N CYS A 58 28.83 -8.46 13.50
CA CYS A 58 29.25 -9.65 14.26
C CYS A 58 30.15 -10.65 13.48
N PRO A 59 30.74 -11.66 14.15
CA PRO A 59 31.62 -12.64 13.49
C PRO A 59 30.94 -13.41 12.36
N HIS A 60 31.54 -13.35 11.18
CA HIS A 60 31.19 -14.15 9.98
C HIS A 60 32.17 -15.33 9.77
N LYS A 61 32.81 -15.77 10.87
CA LYS A 61 33.85 -16.81 10.97
C LYS A 61 33.57 -17.73 12.16
N TRP A 62 34.16 -18.94 12.14
CA TRP A 62 34.05 -19.93 13.23
C TRP A 62 34.75 -19.47 14.51
N LYS A 63 34.17 -19.77 15.68
CA LYS A 63 34.62 -19.25 16.98
C LYS A 63 35.78 -20.07 17.57
N LYS A 64 36.81 -19.35 18.03
CA LYS A 64 37.88 -19.81 18.94
C LYS A 64 37.94 -18.87 20.16
N VAL A 65 38.21 -19.42 21.35
CA VAL A 65 38.13 -18.68 22.62
C VAL A 65 39.40 -17.88 22.92
N GLN A 66 39.22 -16.64 23.41
CA GLN A 66 40.27 -15.63 23.64
C GLN A 66 40.58 -15.37 25.12
N CYS A 67 39.86 -16.03 26.04
CA CYS A 67 39.77 -15.68 27.46
C CYS A 67 40.97 -16.07 28.34
N THR A 68 41.96 -16.78 27.78
CA THR A 68 43.15 -17.38 28.42
C THR A 68 42.95 -18.40 29.57
N LEU A 69 41.98 -18.20 30.46
CA LEU A 69 41.56 -19.20 31.46
C LEU A 69 40.59 -20.26 30.91
N CYS A 70 40.22 -20.15 29.63
CA CYS A 70 39.32 -21.05 28.92
C CYS A 70 40.07 -21.93 27.89
N LYS A 71 39.33 -22.83 27.22
CA LYS A 71 39.82 -24.07 26.58
C LYS A 71 40.26 -25.10 27.62
N SER A 72 39.91 -26.37 27.38
CA SER A 72 39.53 -27.29 28.46
C SER A 72 38.38 -26.73 29.33
N LYS A 73 38.05 -27.39 30.45
CA LYS A 73 36.95 -27.10 31.41
C LYS A 73 35.52 -27.17 30.85
N LYS A 74 35.36 -27.29 29.52
CA LYS A 74 34.17 -27.01 28.71
C LYS A 74 33.67 -25.56 28.87
N HIS A 75 33.80 -24.76 27.82
CA HIS A 75 33.50 -23.32 27.84
C HIS A 75 32.00 -23.00 27.82
N SER A 76 31.61 -21.89 28.44
CA SER A 76 30.25 -21.34 28.47
C SER A 76 30.27 -19.82 28.20
N LYS A 77 29.69 -19.42 27.07
CA LYS A 77 29.71 -18.03 26.61
C LYS A 77 28.90 -17.11 27.54
N GLU A 78 29.40 -15.91 27.81
CA GLU A 78 28.88 -14.92 28.78
C GLU A 78 28.82 -15.38 30.26
N ARG A 79 29.43 -16.53 30.60
CA ARG A 79 29.39 -17.16 31.93
C ARG A 79 30.77 -17.56 32.46
N CYS A 80 31.55 -18.26 31.64
CA CYS A 80 32.83 -18.93 31.93
C CYS A 80 32.74 -20.02 33.05
N PRO A 81 33.51 -21.13 32.93
CA PRO A 81 33.41 -22.26 33.86
C PRO A 81 33.98 -21.98 35.25
N SER A 82 34.95 -21.07 35.36
CA SER A 82 35.78 -20.85 36.56
C SER A 82 35.17 -19.92 37.62
N ILE A 83 33.97 -19.38 37.36
CA ILE A 83 33.24 -18.44 38.25
C ILE A 83 31.77 -18.84 38.42
N TRP A 84 31.10 -18.26 39.41
CA TRP A 84 29.75 -18.63 39.86
C TRP A 84 28.74 -17.47 39.77
N ARG A 85 27.45 -17.81 39.72
CA ARG A 85 26.30 -16.89 39.58
C ARG A 85 25.15 -17.25 40.53
N ALA A 86 24.29 -16.26 40.79
CA ALA A 86 22.92 -16.39 41.31
C ALA A 86 22.69 -17.11 42.67
N TYR A 87 23.74 -17.48 43.41
CA TYR A 87 23.60 -18.19 44.69
C TYR A 87 23.07 -17.28 45.81
N ILE A 88 22.10 -17.78 46.58
CA ILE A 88 21.50 -17.10 47.74
C ILE A 88 21.38 -18.00 48.99
N LEU A 89 21.82 -19.26 48.90
CA LEU A 89 21.85 -20.22 50.02
C LEU A 89 23.20 -20.06 50.76
N VAL A 90 23.14 -19.54 52.00
CA VAL A 90 24.33 -19.12 52.79
C VAL A 90 24.43 -19.79 54.17
N ASP A 91 23.54 -20.75 54.48
CA ASP A 91 23.59 -21.52 55.74
C ASP A 91 24.77 -22.51 55.81
N ASP A 92 25.34 -22.88 54.66
CA ASP A 92 26.58 -23.67 54.53
C ASP A 92 27.65 -22.84 53.79
N ASN A 93 28.92 -23.01 54.19
CA ASN A 93 30.08 -22.30 53.66
C ASN A 93 31.33 -23.21 53.58
N GLU A 94 32.25 -22.89 52.67
CA GLU A 94 33.51 -23.60 52.43
C GLU A 94 34.68 -22.63 52.25
N LYS A 95 35.87 -23.00 52.74
CA LYS A 95 37.13 -22.27 52.62
C LYS A 95 38.30 -23.17 52.19
N ALA A 96 39.34 -22.56 51.62
CA ALA A 96 40.60 -23.22 51.30
C ALA A 96 41.46 -23.50 52.56
N LYS A 97 42.66 -24.06 52.37
CA LYS A 97 43.67 -24.23 53.44
C LYS A 97 44.03 -22.88 54.08
N PRO A 98 44.42 -22.85 55.37
CA PRO A 98 44.65 -21.62 56.12
C PRO A 98 45.76 -20.74 55.52
N LYS A 99 45.63 -19.42 55.69
CA LYS A 99 46.45 -18.39 55.04
C LYS A 99 47.91 -18.34 55.53
N VAL A 100 48.75 -17.73 54.70
CA VAL A 100 50.15 -17.33 54.98
C VAL A 100 50.29 -15.82 54.77
N LEU A 101 51.21 -15.17 55.48
CA LEU A 101 51.38 -13.71 55.47
C LEU A 101 51.61 -13.15 54.04
N PRO A 102 51.06 -11.97 53.70
CA PRO A 102 51.19 -11.37 52.36
C PRO A 102 52.56 -10.69 52.13
N PHE A 103 53.32 -10.44 53.20
CA PHE A 103 54.65 -9.81 53.15
C PHE A 103 55.78 -10.81 53.46
N HIS A 104 56.97 -10.57 52.90
CA HIS A 104 58.11 -11.49 52.99
C HIS A 104 58.99 -11.28 54.25
N THR A 105 59.71 -12.32 54.67
CA THR A 105 60.59 -12.31 55.86
C THR A 105 62.03 -11.91 55.50
N ILE A 106 62.68 -11.17 56.39
CA ILE A 106 64.08 -10.69 56.26
C ILE A 106 65.07 -11.85 56.54
N TYR A 107 66.12 -11.95 55.72
CA TYR A 107 67.16 -12.99 55.79
C TYR A 107 68.52 -12.45 56.25
N CYS A 108 69.28 -13.26 56.98
CA CYS A 108 70.55 -12.89 57.63
C CYS A 108 71.72 -13.84 57.30
N TYR A 109 71.58 -14.76 56.33
CA TYR A 109 72.48 -15.90 56.12
C TYR A 109 73.94 -15.54 55.75
N ASN A 110 74.19 -14.29 55.33
CA ASN A 110 75.50 -13.82 54.84
C ASN A 110 76.64 -13.85 55.88
N CYS A 111 76.31 -13.90 57.19
CA CYS A 111 77.25 -14.09 58.29
C CYS A 111 77.16 -15.48 58.97
N GLY A 112 76.39 -16.40 58.39
CA GLY A 112 75.94 -17.66 58.99
C GLY A 112 74.69 -17.47 59.87
N GLY A 113 73.69 -18.33 59.67
CA GLY A 113 72.38 -18.28 60.34
C GLY A 113 71.42 -17.25 59.72
N LYS A 114 70.32 -17.72 59.10
CA LYS A 114 69.36 -16.89 58.35
C LYS A 114 68.49 -15.96 59.20
N GLY A 115 68.52 -16.10 60.53
CA GLY A 115 67.91 -15.16 61.47
C GLY A 115 68.13 -15.59 62.92
N HIS A 116 68.72 -14.73 63.76
CA HIS A 116 68.99 -15.01 65.17
C HIS A 116 68.83 -13.78 66.08
N PHE A 117 69.38 -12.64 65.65
CA PHE A 117 69.12 -11.30 66.17
C PHE A 117 68.82 -10.35 65.00
N GLY A 118 68.11 -10.89 64.00
CA GLY A 118 67.85 -10.29 62.68
C GLY A 118 67.17 -8.92 62.71
N ASP A 119 66.55 -8.57 63.83
CA ASP A 119 65.99 -7.24 64.12
C ASP A 119 67.04 -6.10 64.02
N ASP A 120 68.30 -6.38 64.38
CA ASP A 120 69.41 -5.42 64.43
C ASP A 120 70.67 -5.91 63.69
N CYS A 121 70.86 -7.22 63.55
CA CYS A 121 72.04 -7.84 62.93
C CYS A 121 72.04 -7.74 61.37
N LYS A 122 70.91 -7.33 60.76
CA LYS A 122 70.77 -7.18 59.30
C LYS A 122 71.67 -6.09 58.71
N GLU A 123 72.12 -6.27 57.47
CA GLU A 123 72.93 -5.31 56.71
C GLU A 123 72.19 -3.98 56.42
N LYS A 124 72.96 -2.90 56.21
CA LYS A 124 72.48 -1.56 55.86
C LYS A 124 73.29 -0.95 54.70
ZN ZN B . 73.60 -12.30 61.61
ZN ZN C . 35.44 -17.40 28.58
ZN ZN D . 24.66 -11.69 13.61
ZN ZN E . 11.82 -8.77 3.48
ZN ZN F . -3.94 2.68 0.49
N LYS A 1 -5.58 -11.37 10.60
CA LYS A 1 -6.83 -12.05 10.18
C LYS A 1 -7.81 -11.06 9.51
N GLU A 2 -8.42 -10.14 10.26
CA GLU A 2 -9.27 -9.06 9.77
C GLU A 2 -8.66 -7.68 10.06
N ALA A 3 -8.95 -6.69 9.22
CA ALA A 3 -8.25 -5.40 9.21
C ALA A 3 -8.87 -4.36 10.17
N ALA A 4 -8.17 -4.09 11.28
CA ALA A 4 -8.44 -2.93 12.15
C ALA A 4 -8.02 -1.59 11.49
N PRO A 5 -6.79 -1.42 10.97
CA PRO A 5 -6.37 -0.18 10.31
C PRO A 5 -6.86 -0.02 8.86
N LYS A 6 -7.06 -1.13 8.12
CA LYS A 6 -7.44 -1.24 6.70
C LYS A 6 -6.48 -0.57 5.68
N CYS A 7 -6.33 0.75 5.74
CA CYS A 7 -5.44 1.59 4.92
C CYS A 7 -5.15 2.92 5.63
N ASN A 8 -4.13 3.67 5.20
CA ASN A 8 -3.85 5.01 5.77
C ASN A 8 -4.93 6.05 5.45
N ASN A 9 -5.58 5.94 4.28
CA ASN A 9 -6.65 6.83 3.81
C ASN A 9 -7.50 6.19 2.69
N CYS A 10 -6.85 5.67 1.64
CA CYS A 10 -7.49 5.16 0.41
C CYS A 10 -7.84 3.65 0.47
N SER A 11 -8.73 3.33 1.40
CA SER A 11 -9.19 2.00 1.87
C SER A 11 -9.32 0.89 0.83
N GLN A 12 -8.21 0.19 0.66
CA GLN A 12 -8.08 -1.10 -0.01
C GLN A 12 -7.14 -2.00 0.83
N ARG A 13 -7.45 -3.30 0.90
CA ARG A 13 -6.80 -4.25 1.81
C ARG A 13 -5.38 -4.64 1.41
N GLY A 14 -4.61 -5.11 2.38
CA GLY A 14 -3.22 -5.57 2.23
C GLY A 14 -2.15 -4.49 2.46
N HIS A 15 -2.48 -3.21 2.29
CA HIS A 15 -1.58 -2.08 2.60
C HIS A 15 -2.24 -1.09 3.59
N LEU A 16 -2.21 -1.50 4.87
CA LEU A 16 -2.64 -0.73 6.05
C LEU A 16 -1.80 0.54 6.29
N LYS A 17 -2.10 1.30 7.35
CA LYS A 17 -1.51 2.62 7.71
C LYS A 17 -0.02 2.75 7.37
N LYS A 18 0.85 1.98 8.06
CA LYS A 18 2.32 1.99 7.88
C LYS A 18 2.81 1.28 6.62
N ASP A 19 1.96 0.46 5.99
CA ASP A 19 2.29 -0.34 4.79
C ASP A 19 1.89 0.36 3.47
N CYS A 20 1.08 1.42 3.52
CA CYS A 20 0.67 2.20 2.37
C CYS A 20 1.88 2.91 1.70
N PRO A 21 1.93 3.05 0.35
CA PRO A 21 3.16 3.40 -0.36
C PRO A 21 3.58 4.88 -0.27
N HIS A 22 4.77 5.18 -0.81
CA HIS A 22 5.30 6.54 -0.92
C HIS A 22 4.46 7.46 -1.83
N ILE A 23 4.51 8.76 -1.55
CA ILE A 23 3.70 9.80 -2.20
C ILE A 23 4.10 10.09 -3.66
N ILE A 24 5.41 10.06 -3.97
CA ILE A 24 6.05 10.44 -5.25
C ILE A 24 5.71 11.89 -5.67
N CYS A 25 4.49 12.12 -6.14
CA CYS A 25 3.86 13.39 -6.47
C CYS A 25 2.34 13.19 -6.38
N SER A 26 1.79 13.18 -5.17
CA SER A 26 0.36 12.93 -4.89
C SER A 26 -0.21 11.69 -5.56
N TYR A 27 0.49 10.58 -5.36
CA TYR A 27 0.23 9.25 -5.90
C TYR A 27 0.28 9.18 -7.45
N CYS A 28 1.29 9.85 -8.03
CA CYS A 28 1.66 9.74 -9.45
C CYS A 28 2.91 8.86 -9.66
N GLY A 29 3.22 8.58 -10.93
CA GLY A 29 4.55 8.17 -11.37
C GLY A 29 5.02 6.77 -10.93
N ALA A 30 6.30 6.51 -11.20
CA ALA A 30 7.03 5.31 -10.78
C ALA A 30 8.31 5.63 -9.98
N THR A 31 8.51 6.92 -9.67
CA THR A 31 9.82 7.59 -9.48
C THR A 31 10.80 7.43 -10.66
N ASP A 32 11.72 8.40 -10.79
CA ASP A 32 12.65 8.68 -11.90
C ASP A 32 11.97 8.98 -13.25
N ASP A 33 11.08 8.09 -13.71
CA ASP A 33 10.27 8.20 -14.92
C ASP A 33 8.88 8.79 -14.60
N HIS A 34 8.87 10.05 -14.20
CA HIS A 34 7.68 10.84 -13.88
C HIS A 34 7.91 12.32 -14.23
N TYR A 35 6.88 12.96 -14.81
CA TYR A 35 6.84 14.40 -15.11
C TYR A 35 5.40 14.91 -15.06
N SER A 36 5.23 16.21 -14.85
CA SER A 36 3.95 16.91 -14.67
C SER A 36 2.98 16.81 -15.87
N ARG A 37 3.49 16.53 -17.08
CA ARG A 37 2.70 16.26 -18.29
C ARG A 37 2.00 14.89 -18.26
N HIS A 38 2.56 13.92 -17.51
CA HIS A 38 2.16 12.51 -17.54
C HIS A 38 1.49 12.01 -16.24
N CYS A 39 1.92 12.53 -15.08
CA CYS A 39 1.35 12.34 -13.73
C CYS A 39 0.79 10.93 -13.41
N PRO A 40 -0.54 10.65 -13.43
CA PRO A 40 -1.09 9.43 -12.84
C PRO A 40 -0.90 8.15 -13.67
N LYS A 41 -0.59 8.27 -14.97
CA LYS A 41 -0.71 7.19 -15.95
C LYS A 41 0.30 6.04 -15.83
N ALA A 42 1.23 6.15 -14.87
CA ALA A 42 2.22 5.11 -14.54
C ALA A 42 1.66 3.93 -13.71
N ILE A 43 0.53 4.10 -13.02
CA ILE A 43 -0.01 3.17 -12.00
C ILE A 43 -1.34 2.58 -12.53
N GLN A 44 -1.24 1.83 -13.63
CA GLN A 44 -2.34 1.14 -14.33
C GLN A 44 -1.79 0.18 -15.41
N CYS A 45 -2.64 -0.74 -15.88
CA CYS A 45 -2.42 -1.58 -17.05
C CYS A 45 -3.67 -1.54 -17.97
N SER A 46 -3.55 -2.16 -19.15
CA SER A 46 -4.59 -2.24 -20.19
C SER A 46 -5.67 -3.29 -19.91
N LYS A 47 -5.29 -4.49 -19.44
CA LYS A 47 -6.21 -5.62 -19.15
C LYS A 47 -6.78 -5.56 -17.74
N CYS A 48 -6.05 -4.96 -16.79
CA CYS A 48 -6.49 -4.68 -15.42
C CYS A 48 -6.25 -3.20 -15.04
N ASP A 49 -7.31 -2.52 -14.63
CA ASP A 49 -7.36 -1.07 -14.46
C ASP A 49 -6.82 -0.58 -13.11
N GLU A 50 -6.27 0.64 -13.10
CA GLU A 50 -5.78 1.38 -11.91
C GLU A 50 -4.62 0.74 -11.11
N VAL A 51 -3.99 -0.32 -11.62
CA VAL A 51 -2.86 -1.02 -10.96
C VAL A 51 -1.70 -1.34 -11.92
N GLY A 52 -0.45 -1.13 -11.47
CA GLY A 52 0.77 -1.56 -12.17
C GLY A 52 1.24 -2.95 -11.72
N HIS A 53 2.08 -3.64 -12.51
CA HIS A 53 2.50 -5.01 -12.25
C HIS A 53 3.55 -5.14 -11.12
N TYR A 54 3.04 -5.12 -9.89
CA TYR A 54 3.73 -5.42 -8.64
C TYR A 54 2.87 -6.30 -7.72
N ARG A 55 3.51 -6.97 -6.75
CA ARG A 55 2.81 -7.68 -5.67
C ARG A 55 1.94 -6.69 -4.88
N SER A 56 0.79 -7.19 -4.40
CA SER A 56 -0.30 -6.42 -3.77
C SER A 56 -1.01 -5.36 -4.65
N GLN A 57 -0.57 -5.15 -5.89
CA GLN A 57 -1.26 -4.34 -6.89
C GLN A 57 -2.01 -5.21 -7.91
N CYS A 58 -1.32 -6.18 -8.55
CA CYS A 58 -1.86 -7.09 -9.57
C CYS A 58 -2.12 -8.58 -9.20
N PRO A 59 -2.08 -9.09 -7.94
CA PRO A 59 -2.34 -10.51 -7.65
C PRO A 59 -3.66 -11.10 -8.21
N HIS A 60 -4.66 -10.26 -8.49
CA HIS A 60 -5.97 -10.66 -9.04
C HIS A 60 -5.99 -10.91 -10.56
N LYS A 61 -4.89 -10.70 -11.29
CA LYS A 61 -4.79 -10.74 -12.77
C LYS A 61 -5.44 -11.97 -13.42
N TRP A 62 -5.25 -13.15 -12.84
CA TRP A 62 -5.47 -14.44 -13.50
C TRP A 62 -6.94 -14.88 -13.69
N LYS A 63 -7.92 -14.19 -13.05
CA LYS A 63 -9.33 -14.61 -13.05
C LYS A 63 -10.16 -14.08 -14.23
N LYS A 64 -9.62 -13.13 -15.01
CA LYS A 64 -10.28 -12.50 -16.16
C LYS A 64 -9.63 -12.94 -17.48
N VAL A 65 -10.37 -13.69 -18.29
CA VAL A 65 -9.95 -14.23 -19.58
C VAL A 65 -10.60 -13.44 -20.72
N GLN A 66 -9.80 -12.96 -21.67
CA GLN A 66 -10.18 -12.03 -22.75
C GLN A 66 -10.53 -12.74 -24.07
N CYS A 67 -10.53 -14.07 -24.08
CA CYS A 67 -10.67 -14.91 -25.29
C CYS A 67 -12.12 -15.17 -25.75
N THR A 68 -13.10 -14.93 -24.87
CA THR A 68 -14.53 -15.31 -24.94
C THR A 68 -14.88 -16.80 -25.11
N LEU A 69 -14.22 -17.50 -26.03
CA LEU A 69 -14.46 -18.91 -26.35
C LEU A 69 -13.70 -19.88 -25.43
N CYS A 70 -12.62 -19.43 -24.79
CA CYS A 70 -11.89 -20.22 -23.78
C CYS A 70 -12.55 -20.10 -22.41
N LYS A 71 -12.79 -21.23 -21.72
CA LYS A 71 -13.61 -21.34 -20.51
C LYS A 71 -12.85 -21.75 -19.24
N SER A 72 -11.54 -21.94 -19.33
CA SER A 72 -10.64 -22.34 -18.24
C SER A 72 -10.27 -21.19 -17.28
N LYS A 73 -9.65 -21.54 -16.15
CA LYS A 73 -9.25 -20.62 -15.07
C LYS A 73 -7.79 -20.12 -15.16
N LYS A 74 -7.10 -20.42 -16.26
CA LYS A 74 -5.72 -20.01 -16.58
C LYS A 74 -5.68 -19.33 -17.98
N HIS A 75 -4.59 -19.46 -18.72
CA HIS A 75 -4.45 -19.01 -20.11
C HIS A 75 -4.72 -17.50 -20.30
N SER A 76 -5.67 -17.12 -21.15
CA SER A 76 -5.84 -15.80 -21.80
C SER A 76 -4.65 -15.33 -22.67
N LYS A 77 -3.42 -15.42 -22.15
CA LYS A 77 -2.12 -15.21 -22.84
C LYS A 77 -2.04 -13.88 -23.60
N GLU A 78 -2.57 -12.81 -23.02
CA GLU A 78 -2.76 -11.49 -23.65
C GLU A 78 -3.59 -11.54 -24.95
N ARG A 79 -4.86 -11.99 -24.81
CA ARG A 79 -5.89 -12.08 -25.85
C ARG A 79 -5.53 -13.02 -27.03
N CYS A 80 -5.23 -14.27 -26.69
CA CYS A 80 -5.17 -15.42 -27.60
C CYS A 80 -4.29 -15.23 -28.87
N PRO A 81 -3.01 -14.86 -28.74
CA PRO A 81 -2.07 -14.73 -29.86
C PRO A 81 -1.67 -16.08 -30.46
N SER A 82 -1.05 -16.03 -31.63
CA SER A 82 -0.43 -17.20 -32.28
C SER A 82 0.99 -17.43 -31.74
N ILE A 83 1.29 -18.58 -31.13
CA ILE A 83 0.39 -19.67 -30.75
C ILE A 83 0.82 -20.25 -29.39
N TRP A 84 -0.17 -20.57 -28.55
CA TRP A 84 0.06 -21.11 -27.21
C TRP A 84 0.11 -22.65 -27.22
N ARG A 85 1.07 -23.22 -26.49
CA ARG A 85 1.29 -24.67 -26.33
C ARG A 85 1.86 -25.00 -24.95
N ALA A 86 1.39 -26.09 -24.37
CA ALA A 86 1.92 -26.72 -23.14
C ALA A 86 2.04 -28.24 -23.33
N TYR A 87 2.89 -28.89 -22.53
CA TYR A 87 3.24 -30.30 -22.65
C TYR A 87 3.30 -31.04 -21.31
N ILE A 88 2.95 -32.33 -21.31
CA ILE A 88 2.94 -33.22 -20.15
C ILE A 88 3.55 -34.60 -20.49
N LEU A 89 4.25 -35.19 -19.52
CA LEU A 89 4.86 -36.52 -19.60
C LEU A 89 4.97 -37.15 -18.19
N VAL A 90 4.72 -38.45 -18.07
CA VAL A 90 4.75 -39.22 -16.82
C VAL A 90 5.51 -40.54 -17.01
N ASP A 91 6.30 -40.95 -16.02
CA ASP A 91 7.07 -42.20 -16.04
C ASP A 91 6.18 -43.46 -15.95
N ASP A 92 6.56 -44.52 -16.67
CA ASP A 92 5.78 -45.77 -16.77
C ASP A 92 5.86 -46.67 -15.52
N ASN A 93 7.07 -46.84 -14.96
CA ASN A 93 7.37 -47.56 -13.72
C ASN A 93 7.05 -49.08 -13.66
N GLU A 94 6.61 -49.73 -14.75
CA GLU A 94 6.21 -51.16 -14.78
C GLU A 94 6.82 -52.02 -15.91
N LYS A 95 7.24 -51.38 -17.01
CA LYS A 95 7.86 -51.91 -18.25
C LYS A 95 6.94 -52.79 -19.11
N ALA A 96 7.17 -52.77 -20.43
CA ALA A 96 6.41 -53.53 -21.43
C ALA A 96 6.99 -54.93 -21.68
N LYS A 97 6.14 -55.84 -22.17
CA LYS A 97 6.44 -57.26 -22.48
C LYS A 97 5.55 -57.79 -23.63
N PRO A 98 6.02 -58.79 -24.41
CA PRO A 98 5.27 -59.32 -25.56
C PRO A 98 4.14 -60.31 -25.21
N LYS A 99 4.13 -60.83 -23.97
CA LYS A 99 3.20 -61.84 -23.41
C LYS A 99 3.17 -63.22 -24.11
N VAL A 100 3.89 -63.38 -25.23
CA VAL A 100 4.23 -64.65 -25.90
C VAL A 100 5.71 -64.67 -26.27
N LEU A 101 6.37 -65.83 -26.21
CA LEU A 101 7.81 -65.98 -26.40
C LEU A 101 8.19 -67.32 -27.05
N PRO A 102 8.45 -67.34 -28.37
CA PRO A 102 9.06 -68.48 -29.06
C PRO A 102 10.50 -68.74 -28.61
N PHE A 103 10.92 -70.00 -28.61
CA PHE A 103 12.29 -70.43 -28.25
C PHE A 103 12.90 -71.49 -29.19
N HIS A 104 12.08 -72.14 -30.01
CA HIS A 104 12.50 -73.01 -31.13
C HIS A 104 11.74 -72.60 -32.41
N THR A 105 12.43 -72.60 -33.54
CA THR A 105 12.00 -71.96 -34.80
C THR A 105 12.01 -72.90 -36.02
N ILE A 106 12.49 -74.15 -35.86
CA ILE A 106 12.55 -75.18 -36.91
C ILE A 106 12.19 -76.56 -36.32
N TYR A 107 11.48 -77.37 -37.11
CA TYR A 107 10.81 -78.59 -36.67
C TYR A 107 11.29 -79.81 -37.49
N CYS A 108 11.95 -80.77 -36.83
CA CYS A 108 12.71 -81.83 -37.49
C CYS A 108 11.92 -83.15 -37.66
N TYR A 109 10.88 -83.10 -38.51
CA TYR A 109 9.91 -84.17 -38.80
C TYR A 109 10.50 -85.60 -38.95
N ASN A 110 11.70 -85.74 -39.52
CA ASN A 110 12.24 -87.02 -39.97
C ASN A 110 13.12 -87.77 -38.94
N CYS A 111 13.55 -87.12 -37.85
CA CYS A 111 14.43 -87.69 -36.83
C CYS A 111 13.92 -87.48 -35.38
N GLY A 112 14.67 -87.99 -34.40
CA GLY A 112 14.33 -87.90 -32.97
C GLY A 112 14.17 -86.47 -32.46
N GLY A 113 13.39 -86.29 -31.39
CA GLY A 113 13.07 -84.99 -30.77
C GLY A 113 12.00 -84.17 -31.52
N LYS A 114 11.99 -84.23 -32.86
CA LYS A 114 10.98 -83.68 -33.78
C LYS A 114 10.55 -82.24 -33.44
N GLY A 115 11.53 -81.37 -33.23
CA GLY A 115 11.31 -79.98 -32.78
C GLY A 115 12.58 -79.17 -32.46
N HIS A 116 13.77 -79.59 -32.89
CA HIS A 116 15.04 -78.93 -32.58
C HIS A 116 16.02 -78.89 -33.76
N PHE A 117 16.77 -77.79 -33.87
CA PHE A 117 17.98 -77.58 -34.70
C PHE A 117 18.00 -78.29 -36.07
N GLY A 118 16.87 -78.31 -36.79
CA GLY A 118 16.63 -79.19 -37.95
C GLY A 118 17.62 -79.07 -39.12
N ASP A 119 18.34 -77.95 -39.20
CA ASP A 119 19.42 -77.72 -40.17
C ASP A 119 20.75 -78.41 -39.78
N ASP A 120 21.14 -78.32 -38.50
CA ASP A 120 22.47 -78.63 -37.97
C ASP A 120 22.55 -79.98 -37.24
N CYS A 121 21.41 -80.52 -36.77
CA CYS A 121 21.32 -81.80 -36.07
C CYS A 121 21.45 -83.04 -36.99
N LYS A 122 21.63 -82.81 -38.31
CA LYS A 122 21.89 -83.86 -39.32
C LYS A 122 23.28 -84.48 -39.15
N GLU A 123 23.45 -85.72 -39.61
CA GLU A 123 24.72 -86.46 -39.57
C GLU A 123 25.39 -86.57 -40.95
N LYS A 124 26.73 -86.66 -40.97
CA LYS A 124 27.56 -86.86 -42.17
C LYS A 124 27.58 -88.32 -42.64
ZN ZN B . 16.60 -83.36 -34.87
ZN ZN C . -7.64 -18.49 -26.05
ZN ZN D . -1.58 -5.13 -14.35
ZN ZN E . 2.31 14.26 -10.54
ZN ZN F . -3.52 3.12 0.05
N LYS A 1 -10.78 -9.58 14.47
CA LYS A 1 -10.82 -8.35 13.64
C LYS A 1 -9.40 -7.81 13.43
N GLU A 2 -8.86 -7.95 12.21
CA GLU A 2 -7.44 -7.68 11.90
C GLU A 2 -7.23 -6.33 11.18
N ALA A 3 -8.25 -5.82 10.48
CA ALA A 3 -8.20 -4.57 9.71
C ALA A 3 -8.80 -3.37 10.46
N ALA A 4 -8.45 -3.22 11.74
CA ALA A 4 -8.66 -2.00 12.51
C ALA A 4 -8.19 -0.71 11.78
N PRO A 5 -6.98 -0.66 11.18
CA PRO A 5 -6.52 0.51 10.41
C PRO A 5 -7.12 0.61 9.00
N LYS A 6 -7.43 -0.53 8.36
CA LYS A 6 -7.81 -0.72 6.93
C LYS A 6 -6.74 -0.25 5.93
N CYS A 7 -6.47 1.05 5.87
CA CYS A 7 -5.50 1.74 5.02
C CYS A 7 -5.16 3.14 5.58
N ASN A 8 -4.13 3.82 5.04
CA ASN A 8 -3.72 5.14 5.52
C ASN A 8 -4.70 6.29 5.15
N ASN A 9 -5.36 6.20 3.98
CA ASN A 9 -6.26 7.23 3.46
C ASN A 9 -7.28 6.65 2.45
N CYS A 10 -6.79 6.05 1.34
CA CYS A 10 -7.64 5.42 0.33
C CYS A 10 -8.18 4.06 0.79
N SER A 11 -9.48 3.80 0.68
CA SER A 11 -10.15 2.66 1.34
C SER A 11 -10.02 1.30 0.65
N GLN A 12 -8.83 0.99 0.16
CA GLN A 12 -8.46 -0.28 -0.47
C GLN A 12 -7.82 -1.25 0.53
N ARG A 13 -7.99 -2.55 0.31
CA ARG A 13 -7.51 -3.64 1.19
C ARG A 13 -6.00 -3.89 1.10
N GLY A 14 -5.50 -4.73 2.00
CA GLY A 14 -4.10 -5.20 2.04
C GLY A 14 -3.18 -4.23 2.78
N HIS A 15 -2.78 -3.13 2.12
CA HIS A 15 -1.83 -2.17 2.70
C HIS A 15 -2.46 -1.18 3.70
N LEU A 16 -2.56 -1.61 4.97
CA LEU A 16 -2.90 -0.79 6.14
C LEU A 16 -1.98 0.45 6.30
N LYS A 17 -2.27 1.29 7.31
CA LYS A 17 -1.63 2.60 7.60
C LYS A 17 -0.13 2.64 7.27
N LYS A 18 0.68 1.87 8.03
CA LYS A 18 2.15 1.79 7.89
C LYS A 18 2.65 0.93 6.72
N ASP A 19 1.76 0.26 6.01
CA ASP A 19 2.07 -0.53 4.80
C ASP A 19 1.96 0.31 3.51
N CYS A 20 0.98 1.23 3.46
CA CYS A 20 0.67 2.06 2.29
C CYS A 20 1.85 2.91 1.73
N PRO A 21 2.63 3.66 2.54
CA PRO A 21 3.52 4.71 2.03
C PRO A 21 4.78 4.21 1.31
N HIS A 22 4.96 2.91 1.11
CA HIS A 22 6.06 2.32 0.34
C HIS A 22 6.10 2.80 -1.14
N ILE A 23 4.95 3.19 -1.71
CA ILE A 23 4.79 3.57 -3.13
C ILE A 23 4.38 5.05 -3.36
N ILE A 24 4.47 5.90 -2.34
CA ILE A 24 4.26 7.37 -2.43
C ILE A 24 5.42 8.12 -1.74
N CYS A 25 5.77 9.31 -2.24
CA CYS A 25 6.58 10.28 -1.51
C CYS A 25 5.84 10.87 -0.29
N SER A 26 6.58 11.40 0.68
CA SER A 26 6.03 12.04 1.88
C SER A 26 5.29 13.35 1.56
N TYR A 27 3.95 13.33 1.60
CA TYR A 27 3.03 14.47 1.59
C TYR A 27 3.05 15.40 0.35
N CYS A 28 3.81 15.09 -0.71
CA CYS A 28 3.90 15.90 -1.93
C CYS A 28 3.17 15.30 -3.15
N GLY A 29 2.52 14.14 -3.00
CA GLY A 29 1.85 13.42 -4.09
C GLY A 29 0.62 12.58 -3.67
N ALA A 30 -0.28 12.37 -4.62
CA ALA A 30 -1.58 11.70 -4.42
C ALA A 30 -1.69 10.34 -5.16
N THR A 31 -0.55 9.73 -5.50
CA THR A 31 -0.34 8.39 -6.09
C THR A 31 -0.98 8.09 -7.48
N ASP A 32 -2.11 8.72 -7.84
CA ASP A 32 -2.83 8.53 -9.12
C ASP A 32 -2.28 9.41 -10.27
N ASP A 33 -1.66 10.54 -9.94
CA ASP A 33 -1.19 11.56 -10.91
C ASP A 33 0.26 12.03 -10.68
N HIS A 34 0.98 11.42 -9.73
CA HIS A 34 2.30 11.88 -9.28
C HIS A 34 3.46 11.26 -10.07
N TYR A 35 4.56 12.01 -10.22
CA TYR A 35 5.83 11.51 -10.77
C TYR A 35 7.04 12.21 -10.14
N SER A 36 8.03 11.42 -9.73
CA SER A 36 9.22 11.84 -8.96
C SER A 36 10.08 12.91 -9.66
N ARG A 37 10.03 12.96 -11.00
CA ARG A 37 10.78 13.91 -11.83
C ARG A 37 10.27 15.35 -11.72
N HIS A 38 9.02 15.55 -11.29
CA HIS A 38 8.37 16.87 -11.18
C HIS A 38 7.80 17.18 -9.78
N CYS A 39 7.57 16.16 -8.94
CA CYS A 39 7.07 16.22 -7.57
C CYS A 39 5.80 17.11 -7.36
N PRO A 40 5.82 18.30 -6.74
CA PRO A 40 4.60 18.98 -6.26
C PRO A 40 3.61 19.33 -7.38
N LYS A 41 2.56 18.51 -7.48
CA LYS A 41 1.45 18.61 -8.46
C LYS A 41 0.06 18.41 -7.83
N ALA A 42 0.02 17.87 -6.61
CA ALA A 42 -1.21 17.56 -5.86
C ALA A 42 -1.11 18.05 -4.40
N ILE A 43 -2.18 17.86 -3.62
CA ILE A 43 -2.33 18.24 -2.20
C ILE A 43 -2.29 19.76 -2.01
N GLN A 44 -1.10 20.37 -2.07
CA GLN A 44 -0.94 21.82 -2.26
C GLN A 44 -1.56 22.31 -3.59
N CYS A 45 -1.79 23.62 -3.69
CA CYS A 45 -2.05 24.31 -4.97
C CYS A 45 -0.83 25.18 -5.33
N SER A 46 -0.27 24.98 -6.52
CA SER A 46 0.71 25.87 -7.20
C SER A 46 1.80 26.49 -6.32
N LYS A 47 2.29 25.71 -5.35
CA LYS A 47 3.27 26.07 -4.32
C LYS A 47 2.89 27.29 -3.45
N CYS A 48 1.60 27.60 -3.29
CA CYS A 48 1.12 28.60 -2.32
C CYS A 48 1.03 28.01 -0.89
N ASP A 49 0.19 27.00 -0.67
CA ASP A 49 0.07 26.23 0.58
C ASP A 49 -0.46 24.80 0.32
N GLU A 50 -0.39 23.92 1.32
CA GLU A 50 -0.73 22.47 1.38
C GLU A 50 -2.17 22.06 0.97
N VAL A 51 -2.95 23.04 0.51
CA VAL A 51 -4.34 23.05 0.03
C VAL A 51 -4.59 24.38 -0.71
N GLY A 52 -3.89 25.43 -0.28
CA GLY A 52 -3.88 26.78 -0.86
C GLY A 52 -4.76 27.77 -0.09
N HIS A 53 -5.16 28.85 -0.77
CA HIS A 53 -6.02 29.93 -0.29
C HIS A 53 -7.50 29.53 -0.19
N TYR A 54 -7.76 28.55 0.70
CA TYR A 54 -9.04 27.95 1.06
C TYR A 54 -9.86 27.51 -0.17
N ARG A 55 -11.13 27.92 -0.27
CA ARG A 55 -12.00 27.78 -1.45
C ARG A 55 -12.06 26.35 -2.00
N SER A 56 -12.18 25.38 -1.09
CA SER A 56 -12.22 23.94 -1.36
C SER A 56 -11.06 23.42 -2.22
N GLN A 57 -9.86 23.56 -1.67
CA GLN A 57 -8.57 23.27 -2.33
C GLN A 57 -8.35 24.11 -3.62
N CYS A 58 -8.72 25.39 -3.55
CA CYS A 58 -8.64 26.44 -4.57
C CYS A 58 -9.51 26.22 -5.85
N PRO A 59 -9.94 27.31 -6.52
CA PRO A 59 -10.69 27.23 -7.77
C PRO A 59 -9.82 26.78 -8.96
N HIS A 60 -10.48 26.22 -9.99
CA HIS A 60 -9.83 25.72 -11.21
C HIS A 60 -9.37 26.82 -12.20
N LYS A 61 -9.84 28.07 -11.99
CA LYS A 61 -9.39 29.29 -12.69
C LYS A 61 -8.98 30.34 -11.67
N TRP A 62 -7.77 30.88 -11.79
CA TRP A 62 -7.19 31.82 -10.82
C TRP A 62 -6.17 32.80 -11.45
N LYS A 63 -5.77 33.80 -10.65
CA LYS A 63 -4.78 34.83 -10.98
C LYS A 63 -3.35 34.24 -11.08
N LYS A 64 -2.52 34.87 -11.92
CA LYS A 64 -1.07 34.64 -12.03
C LYS A 64 -0.32 35.01 -10.73
N VAL A 65 0.93 34.57 -10.59
CA VAL A 65 1.86 35.12 -9.58
C VAL A 65 2.00 36.65 -9.70
N GLN A 66 2.41 37.32 -8.62
CA GLN A 66 2.42 38.79 -8.55
C GLN A 66 3.38 39.46 -9.55
N CYS A 67 4.38 38.73 -10.04
CA CYS A 67 5.28 39.18 -11.09
C CYS A 67 4.73 38.89 -12.49
N THR A 68 4.82 39.88 -13.38
CA THR A 68 4.47 39.72 -14.80
C THR A 68 5.36 38.72 -15.55
N LEU A 69 6.63 38.60 -15.13
CA LEU A 69 7.68 37.83 -15.80
C LEU A 69 8.04 36.49 -15.13
N CYS A 70 7.17 35.96 -14.27
CA CYS A 70 7.31 34.66 -13.60
C CYS A 70 6.06 33.78 -13.80
N LYS A 71 6.19 32.46 -13.64
CA LYS A 71 5.07 31.51 -13.58
C LYS A 71 5.43 30.29 -12.72
N SER A 72 4.76 30.16 -11.57
CA SER A 72 4.75 28.97 -10.68
C SER A 72 6.10 28.46 -10.15
N LYS A 73 7.16 29.26 -10.29
CA LYS A 73 8.54 28.96 -9.86
C LYS A 73 9.22 30.23 -9.31
N LYS A 74 10.18 30.05 -8.40
CA LYS A 74 10.94 31.14 -7.78
C LYS A 74 12.14 31.59 -8.64
N HIS A 75 12.58 32.81 -8.41
CA HIS A 75 13.59 33.55 -9.18
C HIS A 75 14.58 34.26 -8.25
N SER A 76 15.57 34.94 -8.85
CA SER A 76 16.54 35.80 -8.16
C SER A 76 16.40 37.28 -8.53
N LYS A 77 17.03 38.16 -7.75
CA LYS A 77 17.13 39.62 -7.91
C LYS A 77 17.82 40.06 -9.20
N GLU A 78 18.57 39.18 -9.86
CA GLU A 78 19.10 39.39 -11.23
C GLU A 78 17.99 39.41 -12.30
N ARG A 79 16.85 38.74 -12.05
CA ARG A 79 15.64 38.77 -12.88
C ARG A 79 14.67 39.85 -12.38
N CYS A 80 14.25 39.78 -11.12
CA CYS A 80 13.51 40.83 -10.42
C CYS A 80 13.59 40.66 -8.87
N PRO A 81 13.43 41.75 -8.09
CA PRO A 81 13.80 41.78 -6.66
C PRO A 81 13.09 40.76 -5.77
N SER A 82 13.79 40.37 -4.70
CA SER A 82 13.30 39.48 -3.65
C SER A 82 14.01 39.79 -2.31
N ILE A 83 13.41 39.38 -1.18
CA ILE A 83 13.95 39.64 0.17
C ILE A 83 15.24 38.85 0.48
N TRP A 84 15.96 39.29 1.52
CA TRP A 84 17.29 38.78 1.90
C TRP A 84 17.41 38.51 3.42
N ARG A 85 18.40 37.70 3.80
CA ARG A 85 18.76 37.36 5.20
C ARG A 85 20.26 37.47 5.51
N ALA A 86 21.06 38.02 4.59
CA ALA A 86 22.53 38.11 4.67
C ALA A 86 23.27 36.76 4.78
N TYR A 87 22.58 35.64 4.50
CA TYR A 87 23.06 34.27 4.68
C TYR A 87 23.86 33.72 3.47
N ILE A 88 24.28 34.61 2.56
CA ILE A 88 25.03 34.38 1.31
C ILE A 88 24.25 33.54 0.28
N LEU A 89 23.77 34.22 -0.78
CA LEU A 89 23.17 33.59 -1.97
C LEU A 89 24.24 33.14 -2.98
N VAL A 90 23.88 32.19 -3.84
CA VAL A 90 24.75 31.67 -4.92
C VAL A 90 24.54 32.40 -6.25
N ASP A 91 25.60 32.47 -7.06
CA ASP A 91 25.59 33.04 -8.43
C ASP A 91 25.98 32.02 -9.52
N ASP A 92 26.33 30.79 -9.13
CA ASP A 92 26.71 29.70 -10.04
C ASP A 92 25.49 28.97 -10.63
N ASN A 93 25.56 28.58 -11.92
CA ASN A 93 24.49 27.87 -12.62
C ASN A 93 24.52 26.34 -12.43
N GLU A 94 25.64 25.77 -11.95
CA GLU A 94 25.83 24.33 -11.74
C GLU A 94 25.24 23.85 -10.38
N LYS A 95 23.96 24.12 -10.18
CA LYS A 95 23.19 23.77 -8.96
C LYS A 95 23.02 22.26 -8.76
N ALA A 96 22.81 21.85 -7.51
CA ALA A 96 22.59 20.47 -7.09
C ALA A 96 21.51 20.38 -5.99
N LYS A 97 20.98 19.18 -5.74
CA LYS A 97 19.97 18.90 -4.71
C LYS A 97 20.52 19.08 -3.28
N PRO A 98 19.67 19.29 -2.25
CA PRO A 98 20.12 19.59 -0.88
C PRO A 98 20.88 18.48 -0.15
N LYS A 99 20.83 17.23 -0.64
CA LYS A 99 21.47 15.99 -0.14
C LYS A 99 21.27 15.59 1.34
N VAL A 100 20.56 16.38 2.14
CA VAL A 100 20.09 16.02 3.49
C VAL A 100 18.79 15.22 3.39
N LEU A 101 18.72 14.10 4.12
CA LEU A 101 17.58 13.16 4.12
C LEU A 101 16.99 12.89 5.52
N PRO A 102 17.76 12.62 6.60
CA PRO A 102 17.18 12.28 7.91
C PRO A 102 16.57 13.49 8.64
N PHE A 103 15.67 13.20 9.58
CA PHE A 103 14.88 14.20 10.34
C PHE A 103 14.93 13.95 11.86
N HIS A 104 14.55 14.97 12.65
CA HIS A 104 14.45 14.94 14.12
C HIS A 104 13.06 15.38 14.65
N THR A 105 12.04 15.30 13.80
CA THR A 105 10.68 15.81 14.04
C THR A 105 9.74 14.85 14.77
N ILE A 106 10.18 13.60 15.03
CA ILE A 106 9.45 12.61 15.83
C ILE A 106 9.59 12.89 17.34
N TYR A 107 8.47 12.88 18.07
CA TYR A 107 8.40 13.18 19.51
C TYR A 107 7.40 12.27 20.25
N CYS A 108 7.43 12.34 21.58
CA CYS A 108 6.53 11.59 22.47
C CYS A 108 5.08 12.14 22.46
N TYR A 109 4.11 11.32 22.85
CA TYR A 109 2.69 11.68 23.05
C TYR A 109 2.10 11.06 24.34
N ASN A 110 2.97 10.76 25.32
CA ASN A 110 2.65 10.01 26.55
C ASN A 110 3.36 10.62 27.78
N CYS A 111 2.95 10.18 28.98
CA CYS A 111 3.53 10.49 30.31
C CYS A 111 3.86 11.98 30.61
N GLY A 112 3.19 12.91 29.94
CA GLY A 112 3.32 14.36 30.12
C GLY A 112 3.24 15.17 28.81
N GLY A 113 3.69 14.60 27.69
CA GLY A 113 3.61 15.22 26.36
C GLY A 113 4.88 15.04 25.50
N LYS A 114 5.00 15.89 24.47
CA LYS A 114 6.09 15.88 23.46
C LYS A 114 7.41 16.48 23.95
N GLY A 115 8.39 16.55 23.04
CA GLY A 115 9.68 17.22 23.25
C GLY A 115 10.73 16.36 23.96
N HIS A 116 10.42 15.81 25.14
CA HIS A 116 11.42 15.19 26.00
C HIS A 116 11.86 13.78 25.55
N PHE A 117 13.16 13.52 25.72
CA PHE A 117 13.88 12.23 25.66
C PHE A 117 13.48 11.23 24.55
N GLY A 118 12.88 11.69 23.45
CA GLY A 118 12.12 10.84 22.51
C GLY A 118 12.88 9.67 21.86
N ASP A 119 14.21 9.78 21.81
CA ASP A 119 15.12 8.71 21.37
C ASP A 119 15.04 7.45 22.25
N ASP A 120 15.01 7.62 23.57
CA ASP A 120 15.03 6.57 24.59
C ASP A 120 13.67 6.36 25.27
N CYS A 121 12.87 7.42 25.39
CA CYS A 121 11.55 7.39 26.01
C CYS A 121 10.55 6.63 25.11
N LYS A 122 10.05 5.50 25.64
CA LYS A 122 9.15 4.54 24.99
C LYS A 122 8.17 3.96 26.01
N GLU A 123 7.04 3.43 25.53
CA GLU A 123 6.05 2.75 26.39
C GLU A 123 6.53 1.35 26.80
N LYS A 124 6.46 1.05 28.11
CA LYS A 124 6.90 -0.21 28.74
C LYS A 124 6.06 -0.55 29.97
ZN ZN B . 7.33 10.55 27.34
ZN ZN C . 9.41 37.64 -9.71
ZN ZN D . -3.94 28.26 -4.62
ZN ZN E . 7.57 13.21 -4.76
ZN ZN F . -3.65 2.75 0.03
N LYS A 1 -13.87 -8.87 10.78
CA LYS A 1 -13.06 -7.66 10.52
C LYS A 1 -11.58 -7.94 10.78
N GLU A 2 -10.70 -7.51 9.87
CA GLU A 2 -9.31 -8.01 9.77
C GLU A 2 -8.22 -6.97 10.12
N ALA A 3 -8.60 -5.70 10.34
CA ALA A 3 -7.67 -4.61 10.65
C ALA A 3 -8.32 -3.49 11.50
N ALA A 4 -7.50 -2.83 12.34
CA ALA A 4 -7.82 -1.53 12.94
C ALA A 4 -7.59 -0.35 11.97
N PRO A 5 -6.38 -0.17 11.38
CA PRO A 5 -6.10 0.92 10.43
C PRO A 5 -6.75 0.71 9.04
N LYS A 6 -6.78 -0.55 8.58
CA LYS A 6 -7.16 -1.09 7.25
C LYS A 6 -6.47 -0.52 6.00
N CYS A 7 -6.09 0.76 5.99
CA CYS A 7 -5.31 1.44 4.94
C CYS A 7 -4.57 2.68 5.50
N ASN A 8 -3.83 3.39 4.65
CA ASN A 8 -3.72 4.85 4.71
C ASN A 8 -4.63 5.49 3.64
N ASN A 9 -5.22 6.66 3.91
CA ASN A 9 -5.86 7.58 2.95
C ASN A 9 -7.05 7.03 2.11
N CYS A 10 -6.81 6.11 1.17
CA CYS A 10 -7.78 5.64 0.15
C CYS A 10 -8.71 4.50 0.61
N SER A 11 -8.37 3.80 1.71
CA SER A 11 -9.28 2.98 2.52
C SER A 11 -10.07 1.86 1.82
N GLN A 12 -9.49 1.27 0.77
CA GLN A 12 -10.08 0.12 0.06
C GLN A 12 -9.05 -0.93 -0.42
N ARG A 13 -7.85 -0.94 0.16
CA ARG A 13 -6.74 -1.84 -0.21
C ARG A 13 -5.92 -2.25 1.01
N GLY A 14 -5.44 -3.50 1.04
CA GLY A 14 -4.97 -4.19 2.25
C GLY A 14 -3.70 -3.65 2.91
N HIS A 15 -2.95 -2.78 2.22
CA HIS A 15 -1.83 -2.05 2.81
C HIS A 15 -2.28 -1.00 3.85
N LEU A 16 -2.30 -1.41 5.14
CA LEU A 16 -2.55 -0.55 6.31
C LEU A 16 -1.61 0.68 6.38
N LYS A 17 -1.82 1.56 7.36
CA LYS A 17 -1.24 2.92 7.40
C LYS A 17 0.23 2.99 6.96
N LYS A 18 1.13 2.30 7.68
CA LYS A 18 2.57 2.23 7.41
C LYS A 18 2.98 1.25 6.30
N ASP A 19 2.05 0.42 5.81
CA ASP A 19 2.24 -0.48 4.65
C ASP A 19 1.99 0.26 3.32
N CYS A 20 1.09 1.24 3.31
CA CYS A 20 0.69 2.04 2.15
C CYS A 20 1.87 2.88 1.63
N PRO A 21 2.09 2.95 0.29
CA PRO A 21 3.28 3.56 -0.31
C PRO A 21 3.39 5.08 -0.13
N HIS A 22 4.63 5.57 -0.26
CA HIS A 22 5.00 6.98 -0.35
C HIS A 22 6.00 7.19 -1.52
N ILE A 23 6.30 8.44 -1.88
CA ILE A 23 7.16 8.74 -3.03
C ILE A 23 8.59 8.20 -2.90
N ILE A 24 9.22 7.89 -4.04
CA ILE A 24 10.48 7.11 -4.12
C ILE A 24 11.55 7.88 -4.90
N CYS A 25 12.78 7.87 -4.39
CA CYS A 25 13.98 8.36 -5.07
C CYS A 25 14.26 7.60 -6.39
N SER A 26 14.06 8.25 -7.55
CA SER A 26 14.27 7.74 -8.93
C SER A 26 13.68 6.35 -9.25
N TYR A 27 12.76 5.83 -8.44
CA TYR A 27 12.30 4.43 -8.48
C TYR A 27 13.46 3.40 -8.51
N CYS A 28 14.58 3.70 -7.85
CA CYS A 28 15.81 2.88 -7.86
C CYS A 28 15.94 1.92 -6.66
N GLY A 29 15.27 2.22 -5.54
CA GLY A 29 15.24 1.39 -4.33
C GLY A 29 14.11 1.78 -3.38
N ALA A 30 13.67 0.87 -2.50
CA ALA A 30 12.55 1.13 -1.60
C ALA A 30 12.83 2.27 -0.61
N THR A 31 11.97 3.29 -0.65
CA THR A 31 12.13 4.55 0.10
C THR A 31 12.20 4.39 1.62
N ASP A 32 11.60 3.33 2.16
CA ASP A 32 11.55 3.05 3.60
C ASP A 32 12.89 2.52 4.18
N ASP A 33 13.77 1.94 3.36
CA ASP A 33 14.94 1.18 3.82
C ASP A 33 16.25 1.38 3.01
N HIS A 34 16.20 1.87 1.77
CA HIS A 34 17.40 2.05 0.94
C HIS A 34 18.29 3.20 1.44
N TYR A 35 19.60 3.07 1.20
CA TYR A 35 20.63 4.08 1.51
C TYR A 35 21.75 4.01 0.46
N SER A 36 22.64 5.00 0.44
CA SER A 36 23.70 5.21 -0.58
C SER A 36 24.41 3.95 -1.08
N ARG A 37 24.80 3.04 -0.17
CA ARG A 37 25.53 1.79 -0.48
C ARG A 37 24.71 0.68 -1.16
N HIS A 38 23.37 0.77 -1.10
CA HIS A 38 22.42 -0.18 -1.69
C HIS A 38 21.36 0.47 -2.62
N CYS A 39 21.45 1.80 -2.79
CA CYS A 39 20.52 2.68 -3.48
C CYS A 39 19.92 2.13 -4.78
N PRO A 40 20.70 1.62 -5.77
CA PRO A 40 20.18 1.15 -7.06
C PRO A 40 19.53 -0.26 -7.07
N LYS A 41 19.53 -1.01 -5.95
CA LYS A 41 19.31 -2.47 -5.92
C LYS A 41 18.23 -2.96 -4.93
N ALA A 42 17.43 -2.06 -4.36
CA ALA A 42 16.53 -2.36 -3.23
C ALA A 42 15.08 -2.73 -3.61
N ILE A 43 14.83 -3.22 -4.84
CA ILE A 43 13.52 -3.62 -5.40
C ILE A 43 13.64 -5.06 -5.98
N GLN A 44 13.94 -6.04 -5.13
CA GLN A 44 14.20 -7.45 -5.52
C GLN A 44 13.71 -8.48 -4.50
N CYS A 45 13.34 -9.68 -4.98
CA CYS A 45 12.95 -10.82 -4.15
C CYS A 45 14.17 -11.51 -3.51
N SER A 46 13.92 -12.40 -2.55
CA SER A 46 14.95 -13.11 -1.78
C SER A 46 15.47 -14.38 -2.45
N LYS A 47 14.72 -14.94 -3.41
CA LYS A 47 15.02 -16.21 -4.10
C LYS A 47 15.02 -16.12 -5.64
N CYS A 48 14.58 -14.99 -6.20
CA CYS A 48 14.61 -14.71 -7.65
C CYS A 48 14.86 -13.20 -7.93
N ASP A 49 15.18 -12.86 -9.18
CA ASP A 49 15.51 -11.49 -9.57
C ASP A 49 14.27 -10.58 -9.68
N GLU A 50 14.35 -9.38 -9.07
CA GLU A 50 13.31 -8.32 -9.03
C GLU A 50 11.98 -8.69 -8.33
N VAL A 51 11.38 -7.74 -7.57
CA VAL A 51 9.93 -7.79 -7.26
C VAL A 51 9.10 -7.26 -8.44
N GLY A 52 9.72 -6.46 -9.33
CA GLY A 52 9.08 -5.72 -10.42
C GLY A 52 8.44 -6.57 -11.53
N HIS A 53 8.61 -7.90 -11.52
CA HIS A 53 7.93 -8.83 -12.42
C HIS A 53 6.55 -9.29 -11.88
N TYR A 54 6.25 -10.59 -11.91
CA TYR A 54 4.86 -11.09 -11.88
C TYR A 54 4.04 -10.71 -10.63
N ARG A 55 2.87 -10.10 -10.89
CA ARG A 55 1.93 -9.53 -9.91
C ARG A 55 2.60 -8.67 -8.82
N SER A 56 3.71 -8.02 -9.17
CA SER A 56 4.61 -7.14 -8.39
C SER A 56 5.12 -7.61 -7.01
N GLN A 57 4.67 -8.76 -6.52
CA GLN A 57 5.07 -9.40 -5.26
C GLN A 57 5.04 -10.95 -5.33
N CYS A 58 4.82 -11.53 -6.51
CA CYS A 58 4.57 -12.97 -6.72
C CYS A 58 3.34 -13.60 -5.99
N PRO A 59 2.23 -12.88 -5.67
CA PRO A 59 1.08 -13.46 -4.96
C PRO A 59 0.33 -14.49 -5.82
N HIS A 60 0.24 -15.74 -5.33
CA HIS A 60 -0.38 -16.91 -5.97
C HIS A 60 0.20 -17.30 -7.34
N LYS A 61 -0.15 -18.50 -7.84
CA LYS A 61 0.23 -18.98 -9.18
C LYS A 61 -0.53 -18.24 -10.28
N TRP A 62 -1.83 -18.04 -10.08
CA TRP A 62 -2.74 -17.28 -10.94
C TRP A 62 -3.93 -16.76 -10.13
N LYS A 63 -4.32 -15.49 -10.34
CA LYS A 63 -5.48 -14.85 -9.68
C LYS A 63 -6.10 -13.72 -10.52
N LYS A 64 -6.22 -13.94 -11.83
CA LYS A 64 -6.80 -12.99 -12.81
C LYS A 64 -8.31 -13.15 -12.97
N VAL A 65 -8.90 -12.23 -13.73
CA VAL A 65 -10.26 -12.29 -14.28
C VAL A 65 -10.19 -12.36 -15.82
N GLN A 66 -11.16 -13.00 -16.46
CA GLN A 66 -11.21 -13.26 -17.91
C GLN A 66 -11.45 -11.99 -18.75
N CYS A 67 -11.83 -10.89 -18.10
CA CYS A 67 -12.10 -9.59 -18.71
C CYS A 67 -11.06 -8.53 -18.33
N THR A 68 -11.10 -7.44 -19.07
CA THR A 68 -9.99 -6.48 -19.26
C THR A 68 -10.31 -5.08 -18.69
N LEU A 69 -11.54 -4.91 -18.20
CA LEU A 69 -12.05 -3.72 -17.50
C LEU A 69 -12.79 -4.04 -16.19
N CYS A 70 -12.95 -5.33 -15.87
CA CYS A 70 -13.68 -5.82 -14.69
C CYS A 70 -12.77 -5.89 -13.44
N LYS A 71 -13.38 -5.84 -12.24
CA LYS A 71 -12.69 -5.86 -10.94
C LYS A 71 -13.27 -6.83 -9.90
N SER A 72 -14.24 -7.65 -10.30
CA SER A 72 -14.85 -8.69 -9.47
C SER A 72 -15.31 -9.90 -10.29
N LYS A 73 -15.38 -11.08 -9.67
CA LYS A 73 -15.69 -12.37 -10.33
C LYS A 73 -17.19 -12.65 -10.52
N LYS A 74 -18.07 -12.10 -9.66
CA LYS A 74 -19.52 -12.35 -9.67
C LYS A 74 -20.27 -11.38 -10.60
N HIS A 75 -20.07 -11.54 -11.90
CA HIS A 75 -20.72 -10.75 -12.96
C HIS A 75 -21.12 -11.62 -14.17
N SER A 76 -21.80 -10.98 -15.12
CA SER A 76 -22.20 -11.55 -16.41
C SER A 76 -21.88 -10.60 -17.58
N LYS A 77 -21.89 -11.08 -18.82
CA LYS A 77 -21.71 -10.27 -20.04
C LYS A 77 -22.73 -9.15 -20.18
N GLU A 78 -23.97 -9.35 -19.70
CA GLU A 78 -25.02 -8.33 -19.63
C GLU A 78 -24.79 -7.30 -18.50
N ARG A 79 -24.01 -7.68 -17.46
CA ARG A 79 -23.76 -6.92 -16.23
C ARG A 79 -22.38 -6.24 -16.18
N CYS A 80 -21.47 -6.58 -17.09
CA CYS A 80 -20.13 -5.98 -17.22
C CYS A 80 -20.19 -4.43 -17.17
N PRO A 81 -19.36 -3.74 -16.37
CA PRO A 81 -19.58 -2.34 -16.00
C PRO A 81 -19.67 -1.31 -17.15
N SER A 82 -18.97 -1.54 -18.27
CA SER A 82 -18.92 -0.63 -19.45
C SER A 82 -19.56 -1.20 -20.72
N ILE A 83 -20.42 -2.22 -20.62
CA ILE A 83 -21.04 -2.85 -21.80
C ILE A 83 -21.98 -1.90 -22.55
N TRP A 84 -21.99 -1.97 -23.89
CA TRP A 84 -22.84 -1.15 -24.75
C TRP A 84 -24.33 -1.54 -24.67
N ARG A 85 -25.20 -0.52 -24.65
CA ARG A 85 -26.65 -0.62 -24.86
C ARG A 85 -27.22 0.66 -25.46
N ALA A 86 -28.25 0.55 -26.31
CA ALA A 86 -28.88 1.68 -27.00
C ALA A 86 -29.96 2.38 -26.15
N TYR A 87 -30.24 3.66 -26.47
CA TYR A 87 -31.23 4.51 -25.81
C TYR A 87 -32.04 5.34 -26.84
N ILE A 88 -33.31 5.64 -26.51
CA ILE A 88 -34.11 6.67 -27.21
C ILE A 88 -33.72 8.09 -26.75
N LEU A 89 -33.46 8.26 -25.44
CA LEU A 89 -33.00 9.49 -24.78
C LEU A 89 -33.86 10.75 -25.06
N VAL A 90 -35.15 10.56 -25.34
CA VAL A 90 -36.19 11.60 -25.54
C VAL A 90 -37.46 11.19 -24.79
N ASP A 91 -38.12 12.15 -24.14
CA ASP A 91 -39.25 11.92 -23.23
C ASP A 91 -40.33 13.02 -23.31
N ASP A 92 -41.51 12.72 -22.76
CA ASP A 92 -42.73 13.53 -22.77
C ASP A 92 -43.06 14.21 -21.42
N ASN A 93 -42.11 14.23 -20.47
CA ASN A 93 -42.26 14.89 -19.17
C ASN A 93 -42.11 16.43 -19.29
N GLU A 94 -42.37 17.15 -18.20
CA GLU A 94 -42.21 18.61 -18.14
C GLU A 94 -40.73 19.02 -18.38
N LYS A 95 -40.51 19.86 -19.40
CA LYS A 95 -39.19 20.29 -19.90
C LYS A 95 -39.23 21.73 -20.41
N ALA A 96 -38.10 22.44 -20.26
CA ALA A 96 -37.99 23.90 -20.40
C ALA A 96 -38.98 24.69 -19.49
N LYS A 97 -38.99 26.02 -19.61
CA LYS A 97 -39.92 26.94 -18.93
C LYS A 97 -40.24 28.19 -19.77
N PRO A 98 -41.33 28.93 -19.47
CA PRO A 98 -41.61 30.26 -20.02
C PRO A 98 -40.55 31.33 -19.65
N LYS A 99 -40.84 32.60 -19.99
CA LYS A 99 -39.98 33.78 -19.75
C LYS A 99 -39.80 34.17 -18.26
N VAL A 100 -40.24 33.32 -17.33
CA VAL A 100 -40.26 33.48 -15.87
C VAL A 100 -41.18 34.60 -15.38
N LEU A 101 -42.16 34.24 -14.54
CA LEU A 101 -43.13 35.18 -13.95
C LEU A 101 -42.48 36.09 -12.86
N PRO A 102 -42.99 37.32 -12.63
CA PRO A 102 -42.44 38.21 -11.61
C PRO A 102 -42.63 37.66 -10.17
N PHE A 103 -41.53 37.61 -9.41
CA PHE A 103 -41.55 37.33 -7.96
C PHE A 103 -41.76 38.60 -7.13
N HIS A 104 -41.31 39.75 -7.64
CA HIS A 104 -41.45 41.08 -7.05
C HIS A 104 -41.75 42.12 -8.14
N THR A 105 -42.26 43.28 -7.74
CA THR A 105 -42.61 44.40 -8.63
C THR A 105 -41.94 45.70 -8.18
N ILE A 106 -41.54 46.53 -9.15
CA ILE A 106 -40.89 47.83 -8.90
C ILE A 106 -41.91 48.97 -8.73
N TYR A 107 -41.48 50.06 -8.09
CA TYR A 107 -42.34 51.20 -7.72
C TYR A 107 -42.64 52.12 -8.91
N CYS A 108 -43.72 52.92 -8.80
CA CYS A 108 -44.05 53.98 -9.75
C CYS A 108 -44.70 55.19 -9.06
N TYR A 109 -44.34 56.40 -9.51
CA TYR A 109 -44.79 57.67 -8.95
C TYR A 109 -45.12 58.76 -9.99
N ASN A 110 -44.79 58.55 -11.28
CA ASN A 110 -44.69 59.64 -12.26
C ASN A 110 -46.00 59.95 -13.03
N CYS A 111 -46.72 58.94 -13.49
CA CYS A 111 -48.02 59.03 -14.20
C CYS A 111 -49.17 58.31 -13.47
N GLY A 112 -48.89 57.79 -12.27
CA GLY A 112 -49.81 57.03 -11.42
C GLY A 112 -49.08 56.40 -10.23
N GLY A 113 -49.79 55.56 -9.47
CA GLY A 113 -49.21 54.71 -8.43
C GLY A 113 -48.47 53.49 -8.99
N LYS A 114 -47.86 52.71 -8.08
CA LYS A 114 -47.20 51.42 -8.38
C LYS A 114 -48.14 50.45 -9.11
N GLY A 115 -47.60 49.70 -10.10
CA GLY A 115 -48.36 48.67 -10.81
C GLY A 115 -47.90 48.27 -12.22
N HIS A 116 -46.95 48.98 -12.83
CA HIS A 116 -46.41 48.64 -14.16
C HIS A 116 -44.88 48.77 -14.24
N PHE A 117 -44.32 48.74 -15.46
CA PHE A 117 -42.90 48.99 -15.77
C PHE A 117 -42.47 50.46 -15.57
N GLY A 118 -42.87 51.05 -14.44
CA GLY A 118 -42.66 52.44 -14.03
C GLY A 118 -41.20 52.93 -14.05
N ASP A 119 -40.23 52.02 -14.00
CA ASP A 119 -38.80 52.32 -14.18
C ASP A 119 -38.43 52.59 -15.67
N ASP A 120 -38.93 51.74 -16.57
CA ASP A 120 -38.65 51.79 -18.02
C ASP A 120 -39.63 52.70 -18.79
N CYS A 121 -40.72 53.15 -18.16
CA CYS A 121 -41.78 53.96 -18.76
C CYS A 121 -41.38 55.40 -19.15
N LYS A 122 -40.11 55.79 -18.91
CA LYS A 122 -39.53 57.10 -19.30
C LYS A 122 -39.72 57.38 -20.79
N GLU A 123 -40.02 58.64 -21.13
CA GLU A 123 -40.33 59.08 -22.51
C GLU A 123 -39.09 59.59 -23.27
N LYS A 124 -39.21 59.70 -24.60
CA LYS A 124 -38.20 60.24 -25.54
C LYS A 124 -38.84 61.19 -26.56
ZN ZN B . -45.25 55.16 -14.91
ZN ZN C . -16.62 -9.20 -17.71
ZN ZN D . 9.98 -12.48 -7.68
ZN ZN E . 17.69 6.21 -4.23
ZN ZN F . -3.68 2.76 0.27
N LYS A 1 -11.85 -11.03 11.74
CA LYS A 1 -11.17 -9.91 11.04
C LYS A 1 -9.65 -10.08 11.09
N GLU A 2 -8.95 -9.66 10.03
CA GLU A 2 -7.49 -9.62 9.90
C GLU A 2 -6.90 -8.19 9.87
N ALA A 3 -7.73 -7.14 9.93
CA ALA A 3 -7.31 -5.75 9.95
C ALA A 3 -8.19 -4.85 10.85
N ALA A 4 -7.55 -4.14 11.78
CA ALA A 4 -8.08 -2.94 12.44
C ALA A 4 -7.87 -1.64 11.62
N PRO A 5 -6.66 -1.34 11.10
CA PRO A 5 -6.38 -0.07 10.42
C PRO A 5 -6.92 0.01 8.97
N LYS A 6 -7.02 -1.13 8.27
CA LYS A 6 -7.36 -1.29 6.84
C LYS A 6 -6.36 -0.64 5.86
N CYS A 7 -6.21 0.69 5.90
CA CYS A 7 -5.34 1.52 5.06
C CYS A 7 -5.02 2.86 5.76
N ASN A 8 -4.10 3.67 5.20
CA ASN A 8 -3.79 5.01 5.70
C ASN A 8 -4.89 6.05 5.41
N ASN A 9 -5.50 6.00 4.21
CA ASN A 9 -6.43 7.01 3.71
C ASN A 9 -7.40 6.47 2.63
N CYS A 10 -6.89 5.92 1.53
CA CYS A 10 -7.70 5.57 0.34
C CYS A 10 -8.49 4.25 0.45
N SER A 11 -8.23 3.46 1.49
CA SER A 11 -9.10 2.40 2.04
C SER A 11 -9.75 1.43 1.03
N GLN A 12 -8.92 0.84 0.17
CA GLN A 12 -9.37 -0.05 -0.92
C GLN A 12 -8.44 -1.24 -1.23
N ARG A 13 -7.39 -1.44 -0.43
CA ARG A 13 -6.36 -2.49 -0.56
C ARG A 13 -5.80 -2.89 0.81
N GLY A 14 -5.25 -4.09 0.93
CA GLY A 14 -4.77 -4.66 2.20
C GLY A 14 -3.59 -3.95 2.87
N HIS A 15 -2.95 -2.98 2.19
CA HIS A 15 -1.88 -2.19 2.79
C HIS A 15 -2.39 -1.15 3.82
N LEU A 16 -2.37 -1.54 5.09
CA LEU A 16 -2.60 -0.71 6.28
C LEU A 16 -1.68 0.52 6.36
N LYS A 17 -1.90 1.38 7.38
CA LYS A 17 -1.25 2.69 7.57
C LYS A 17 0.21 2.77 7.08
N LYS A 18 1.08 1.99 7.70
CA LYS A 18 2.53 1.90 7.42
C LYS A 18 2.92 0.98 6.25
N ASP A 19 2.00 0.16 5.76
CA ASP A 19 2.16 -0.64 4.53
C ASP A 19 1.85 0.16 3.26
N CYS A 20 1.05 1.23 3.35
CA CYS A 20 0.68 2.07 2.22
C CYS A 20 1.88 2.75 1.53
N PRO A 21 2.77 3.48 2.25
CA PRO A 21 4.05 3.93 1.70
C PRO A 21 5.08 2.79 1.64
N HIS A 22 6.30 3.09 1.17
CA HIS A 22 7.44 2.16 1.05
C HIS A 22 8.10 1.77 2.39
N ILE A 23 7.32 1.69 3.47
CA ILE A 23 7.72 1.47 4.87
C ILE A 23 7.32 0.06 5.34
N ILE A 24 7.94 -0.43 6.40
CA ILE A 24 7.67 -1.76 7.01
C ILE A 24 6.18 -1.95 7.37
N CYS A 25 5.58 -3.06 6.92
CA CYS A 25 4.17 -3.37 7.19
C CYS A 25 3.93 -3.94 8.60
N SER A 26 4.99 -4.50 9.20
CA SER A 26 5.01 -5.15 10.50
C SER A 26 6.45 -5.14 11.09
N TYR A 27 6.75 -5.98 12.07
CA TYR A 27 8.08 -6.18 12.66
C TYR A 27 9.00 -7.04 11.76
N CYS A 28 9.07 -6.70 10.48
CA CYS A 28 9.90 -7.33 9.45
C CYS A 28 10.36 -6.29 8.39
N GLY A 29 11.52 -6.52 7.79
CA GLY A 29 12.25 -5.54 6.97
C GLY A 29 12.85 -4.38 7.78
N ALA A 30 13.50 -3.45 7.09
CA ALA A 30 14.01 -2.20 7.63
C ALA A 30 13.17 -1.01 7.16
N THR A 31 13.01 0.02 8.00
CA THR A 31 12.22 1.21 7.68
C THR A 31 12.82 2.08 6.55
N ASP A 32 14.04 1.74 6.06
CA ASP A 32 14.69 2.31 4.87
C ASP A 32 14.87 1.29 3.70
N ASP A 33 14.65 0.00 3.92
CA ASP A 33 14.72 -1.08 2.90
C ASP A 33 13.89 -2.30 3.33
N HIS A 34 12.73 -2.50 2.69
CA HIS A 34 11.71 -3.46 3.15
C HIS A 34 11.18 -4.40 2.06
N TYR A 35 11.30 -4.06 0.76
CA TYR A 35 10.94 -4.98 -0.32
C TYR A 35 11.83 -6.23 -0.34
N SER A 36 13.14 -6.04 -0.09
CA SER A 36 14.17 -7.06 -0.25
C SER A 36 14.10 -7.75 -1.64
N ARG A 37 14.56 -9.00 -1.76
CA ARG A 37 14.03 -10.00 -2.71
C ARG A 37 12.74 -10.62 -2.17
N HIS A 38 12.67 -10.88 -0.87
CA HIS A 38 11.50 -11.42 -0.16
C HIS A 38 11.24 -10.70 1.18
N CYS A 39 10.48 -9.60 1.14
CA CYS A 39 9.70 -8.97 2.22
C CYS A 39 10.03 -9.36 3.69
N PRO A 40 9.67 -10.55 4.20
CA PRO A 40 10.00 -11.01 5.56
C PRO A 40 11.51 -11.35 5.74
N LYS A 41 12.34 -10.30 5.79
CA LYS A 41 13.79 -10.33 5.96
C LYS A 41 14.25 -9.28 7.00
N ALA A 42 15.57 -9.11 7.16
CA ALA A 42 16.26 -8.18 8.08
C ALA A 42 16.06 -8.44 9.60
N ILE A 43 14.85 -8.76 10.04
CA ILE A 43 14.46 -8.92 11.46
C ILE A 43 13.65 -10.21 11.61
N GLN A 44 14.35 -11.29 11.97
CA GLN A 44 13.80 -12.63 12.17
C GLN A 44 14.45 -13.33 13.39
N CYS A 45 13.86 -14.44 13.83
CA CYS A 45 14.47 -15.30 14.84
C CYS A 45 15.68 -16.06 14.28
N SER A 46 16.52 -16.57 15.19
CA SER A 46 17.78 -17.25 14.87
C SER A 46 17.60 -18.64 14.26
N LYS A 47 16.42 -19.26 14.46
CA LYS A 47 16.10 -20.62 14.02
C LYS A 47 14.73 -20.78 13.34
N CYS A 48 13.97 -19.70 13.16
CA CYS A 48 12.69 -19.67 12.44
C CYS A 48 12.40 -18.30 11.81
N ASP A 49 11.42 -18.25 10.90
CA ASP A 49 11.08 -17.10 10.07
C ASP A 49 10.31 -15.99 10.82
N GLU A 50 10.74 -14.73 10.62
CA GLU A 50 10.30 -13.51 11.33
C GLU A 50 10.51 -13.53 12.87
N VAL A 51 10.58 -12.34 13.49
CA VAL A 51 10.22 -12.14 14.91
C VAL A 51 8.72 -11.82 15.05
N GLY A 52 8.13 -11.30 13.95
CA GLY A 52 6.76 -10.81 13.87
C GLY A 52 5.66 -11.86 14.11
N HIS A 53 5.96 -13.15 13.96
CA HIS A 53 4.93 -14.20 13.95
C HIS A 53 4.40 -14.64 15.33
N TYR A 54 5.09 -14.27 16.43
CA TYR A 54 4.63 -14.53 17.80
C TYR A 54 5.13 -13.45 18.78
N ARG A 55 4.22 -12.79 19.52
CA ARG A 55 4.46 -11.63 20.42
C ARG A 55 5.23 -10.44 19.77
N SER A 56 5.37 -10.44 18.44
CA SER A 56 6.34 -9.66 17.65
C SER A 56 7.80 -9.71 18.15
N GLN A 57 8.17 -10.78 18.88
CA GLN A 57 9.50 -10.97 19.48
C GLN A 57 9.97 -12.43 19.56
N CYS A 58 9.05 -13.38 19.82
CA CYS A 58 9.30 -14.83 19.95
C CYS A 58 10.57 -15.17 20.79
N PRO A 59 10.60 -14.86 22.10
CA PRO A 59 11.74 -15.12 22.96
C PRO A 59 11.96 -16.63 23.22
N HIS A 60 13.21 -17.03 23.44
CA HIS A 60 13.58 -18.40 23.85
C HIS A 60 13.30 -18.64 25.35
N LYS A 61 12.95 -19.87 25.72
CA LYS A 61 12.50 -20.24 27.07
C LYS A 61 13.63 -20.70 28.02
N TRP A 62 13.36 -20.59 29.32
CA TRP A 62 14.08 -21.25 30.43
C TRP A 62 13.08 -21.63 31.53
N LYS A 63 13.55 -22.09 32.69
CA LYS A 63 12.71 -22.39 33.87
C LYS A 63 11.79 -21.22 34.22
N LYS A 64 10.47 -21.47 34.21
CA LYS A 64 9.44 -20.44 34.40
C LYS A 64 9.35 -20.01 35.87
N VAL A 65 9.52 -18.70 36.11
CA VAL A 65 9.69 -18.11 37.46
C VAL A 65 8.36 -18.00 38.22
N GLN A 66 7.27 -17.67 37.52
CA GLN A 66 5.93 -17.33 38.04
C GLN A 66 5.84 -16.06 38.93
N CYS A 67 6.86 -15.80 39.77
CA CYS A 67 6.96 -14.65 40.67
C CYS A 67 7.40 -13.34 39.99
N THR A 68 7.65 -13.36 38.67
CA THR A 68 8.13 -12.28 37.79
C THR A 68 9.45 -11.57 38.14
N LEU A 69 9.62 -11.07 39.37
CA LEU A 69 10.80 -10.32 39.84
C LEU A 69 11.95 -11.21 40.35
N CYS A 70 11.67 -12.50 40.59
CA CYS A 70 12.65 -13.50 41.03
C CYS A 70 13.52 -14.03 39.85
N LYS A 71 14.59 -14.76 40.16
CA LYS A 71 15.50 -15.38 39.18
C LYS A 71 15.44 -16.91 39.13
N SER A 72 15.13 -17.56 40.26
CA SER A 72 14.99 -19.02 40.39
C SER A 72 13.57 -19.51 40.07
N LYS A 73 13.39 -20.83 40.03
CA LYS A 73 12.07 -21.49 39.84
C LYS A 73 11.08 -21.17 40.97
N LYS A 74 9.78 -21.42 40.71
CA LYS A 74 8.66 -21.06 41.60
C LYS A 74 8.80 -21.56 43.05
N HIS A 75 8.28 -20.77 43.99
CA HIS A 75 8.16 -21.10 45.42
C HIS A 75 6.92 -20.45 46.09
N SER A 76 5.95 -20.02 45.28
CA SER A 76 5.04 -18.91 45.61
C SER A 76 3.93 -19.25 46.62
N LYS A 77 3.33 -20.45 46.56
CA LYS A 77 2.11 -20.83 47.29
C LYS A 77 0.97 -19.78 47.19
N GLU A 78 0.86 -19.12 46.05
CA GLU A 78 -0.03 -17.98 45.77
C GLU A 78 0.14 -16.75 46.71
N ARG A 79 1.26 -16.66 47.42
CA ARG A 79 1.60 -15.64 48.45
C ARG A 79 2.91 -14.90 48.18
N CYS A 80 3.89 -15.54 47.53
CA CYS A 80 5.28 -15.10 47.42
C CYS A 80 5.90 -14.72 48.81
N PRO A 81 6.05 -15.69 49.73
CA PRO A 81 6.61 -15.46 51.06
C PRO A 81 8.12 -15.14 51.01
N SER A 82 8.67 -14.69 52.15
CA SER A 82 10.11 -14.60 52.37
C SER A 82 10.78 -15.99 52.51
N ILE A 83 12.10 -16.02 52.32
CA ILE A 83 12.93 -17.22 52.49
C ILE A 83 12.85 -17.78 53.92
N TRP A 84 13.00 -19.10 54.08
CA TRP A 84 12.86 -19.78 55.36
C TRP A 84 13.85 -19.26 56.43
N ARG A 85 13.35 -19.15 57.67
CA ARG A 85 13.95 -18.42 58.80
C ARG A 85 13.45 -18.98 60.14
N ALA A 86 14.21 -18.73 61.21
CA ALA A 86 13.88 -19.20 62.56
C ALA A 86 12.59 -18.56 63.13
N TYR A 87 11.95 -19.23 64.08
CA TYR A 87 10.75 -18.74 64.77
C TYR A 87 11.02 -17.47 65.60
N ILE A 88 10.06 -16.55 65.62
CA ILE A 88 10.17 -15.26 66.32
C ILE A 88 9.79 -15.41 67.81
N LEU A 89 10.50 -14.70 68.70
CA LEU A 89 10.23 -14.69 70.14
C LEU A 89 8.87 -14.03 70.46
N VAL A 90 8.22 -14.46 71.55
CA VAL A 90 6.92 -13.94 71.99
C VAL A 90 7.01 -12.46 72.40
N ASP A 91 6.04 -11.65 71.96
CA ASP A 91 5.97 -10.21 72.19
C ASP A 91 5.45 -9.84 73.58
N ASP A 92 5.90 -8.69 74.11
CA ASP A 92 5.51 -8.13 75.41
C ASP A 92 5.55 -6.59 75.40
N ASN A 93 4.79 -5.97 76.29
CA ASN A 93 4.58 -4.52 76.40
C ASN A 93 5.24 -3.92 77.65
N GLU A 94 5.52 -2.61 77.62
CA GLU A 94 6.05 -1.82 78.74
C GLU A 94 5.39 -0.43 78.85
N LYS A 95 5.56 0.22 80.01
CA LYS A 95 5.09 1.59 80.34
C LYS A 95 3.58 1.81 80.16
N ALA A 96 2.78 0.74 80.23
CA ALA A 96 1.31 0.78 80.12
C ALA A 96 0.63 1.24 81.42
N LYS A 97 -0.60 1.76 81.29
CA LYS A 97 -1.47 2.24 82.38
C LYS A 97 -2.94 1.83 82.13
N PRO A 98 -3.68 1.34 83.14
CA PRO A 98 -5.12 1.07 83.00
C PRO A 98 -5.93 2.36 82.84
N LYS A 99 -6.98 2.30 82.02
CA LYS A 99 -7.86 3.44 81.68
C LYS A 99 -9.33 3.09 81.93
N VAL A 100 -9.92 3.76 82.92
CA VAL A 100 -11.31 3.59 83.40
C VAL A 100 -12.11 4.91 83.36
N LEU A 101 -11.63 5.87 82.57
CA LEU A 101 -12.20 7.22 82.44
C LEU A 101 -13.53 7.23 81.65
N PRO A 102 -14.40 8.24 81.86
CA PRO A 102 -15.61 8.43 81.04
C PRO A 102 -15.28 8.70 79.57
N PHE A 103 -16.21 8.33 78.67
CA PHE A 103 -16.05 8.46 77.22
C PHE A 103 -16.62 9.78 76.67
N HIS A 104 -16.00 10.27 75.59
CA HIS A 104 -16.37 11.47 74.81
C HIS A 104 -16.40 12.82 75.56
N THR A 105 -16.07 12.86 76.85
CA THR A 105 -15.92 14.09 77.65
C THR A 105 -14.53 14.70 77.49
N ILE A 106 -14.45 16.03 77.30
CA ILE A 106 -13.22 16.78 76.98
C ILE A 106 -13.04 18.06 77.83
N TYR A 107 -13.76 18.17 78.94
CA TYR A 107 -13.80 19.34 79.83
C TYR A 107 -13.72 18.96 81.32
N CYS A 108 -13.27 19.91 82.14
CA CYS A 108 -12.76 19.65 83.50
C CYS A 108 -13.46 20.47 84.61
N TYR A 109 -14.59 21.13 84.30
CA TYR A 109 -15.31 22.01 85.24
C TYR A 109 -15.73 21.34 86.55
N ASN A 110 -16.11 20.05 86.50
CA ASN A 110 -16.50 19.26 87.69
C ASN A 110 -15.31 18.93 88.64
N CYS A 111 -14.07 19.13 88.19
CA CYS A 111 -12.84 19.03 88.99
C CYS A 111 -12.49 20.37 89.70
N GLY A 112 -13.22 21.44 89.42
CA GLY A 112 -13.03 22.80 89.95
C GLY A 112 -12.64 23.85 88.89
N GLY A 113 -12.37 23.42 87.65
CA GLY A 113 -12.11 24.32 86.52
C GLY A 113 -11.48 23.62 85.31
N LYS A 114 -11.77 24.13 84.11
CA LYS A 114 -11.31 23.63 82.80
C LYS A 114 -9.79 23.72 82.58
N GLY A 115 -9.09 24.55 83.36
CA GLY A 115 -7.72 25.01 83.09
C GLY A 115 -6.56 24.01 83.23
N HIS A 116 -6.77 22.77 83.71
CA HIS A 116 -5.68 21.78 83.86
C HIS A 116 -6.09 20.32 83.65
N PHE A 117 -5.10 19.53 83.18
CA PHE A 117 -5.02 18.06 83.14
C PHE A 117 -6.30 17.27 82.79
N GLY A 118 -7.19 17.85 82.00
CA GLY A 118 -8.51 17.30 81.65
C GLY A 118 -8.47 15.97 80.87
N ASP A 119 -7.28 15.58 80.39
CA ASP A 119 -7.02 14.30 79.71
C ASP A 119 -7.12 13.08 80.65
N ASP A 120 -6.75 13.22 81.94
CA ASP A 120 -6.52 12.07 82.84
C ASP A 120 -6.79 12.34 84.34
N CYS A 121 -6.66 13.58 84.85
CA CYS A 121 -6.65 13.83 86.30
C CYS A 121 -7.99 13.48 86.99
N LYS A 122 -7.88 12.82 88.15
CA LYS A 122 -9.02 12.31 88.94
C LYS A 122 -8.69 12.14 90.43
N GLU A 123 -7.44 11.86 90.78
CA GLU A 123 -7.01 11.63 92.17
C GLU A 123 -6.91 12.92 93.03
N LYS A 124 -6.87 12.74 94.36
CA LYS A 124 -6.79 13.79 95.39
C LYS A 124 -5.55 14.68 95.25
ZN ZN B . -8.79 18.76 86.93
ZN ZN C . 9.15 -15.13 44.63
ZN ZN D . 10.22 -17.42 16.12
ZN ZN E . 6.83 -6.95 5.47
ZN ZN F . -3.57 2.91 0.00
N LYS A 1 -4.91 -12.49 7.03
CA LYS A 1 -5.73 -12.21 8.25
C LYS A 1 -6.53 -10.91 8.08
N GLU A 2 -7.69 -10.80 8.74
CA GLU A 2 -8.61 -9.67 8.67
C GLU A 2 -7.98 -8.35 9.17
N ALA A 3 -8.47 -7.21 8.68
CA ALA A 3 -7.96 -5.87 9.00
C ALA A 3 -9.01 -5.00 9.71
N ALA A 4 -8.60 -4.38 10.82
CA ALA A 4 -9.24 -3.20 11.39
C ALA A 4 -8.92 -1.90 10.60
N PRO A 5 -7.64 -1.57 10.31
CA PRO A 5 -7.28 -0.32 9.63
C PRO A 5 -7.55 -0.30 8.12
N LYS A 6 -7.24 -1.42 7.43
CA LYS A 6 -7.23 -1.71 5.97
C LYS A 6 -6.47 -0.74 5.02
N CYS A 7 -6.42 0.56 5.29
CA CYS A 7 -5.61 1.57 4.59
C CYS A 7 -5.36 2.84 5.45
N ASN A 8 -4.38 3.67 5.06
CA ASN A 8 -4.11 4.97 5.68
C ASN A 8 -5.14 6.07 5.30
N ASN A 9 -5.56 6.08 4.03
CA ASN A 9 -6.40 7.13 3.42
C ASN A 9 -7.15 6.65 2.16
N CYS A 10 -6.58 5.71 1.39
CA CYS A 10 -7.27 5.00 0.31
C CYS A 10 -8.28 3.98 0.88
N SER A 11 -8.74 3.04 0.05
CA SER A 11 -9.55 1.89 0.47
C SER A 11 -9.09 0.58 -0.19
N GLN A 12 -9.42 -0.52 0.50
CA GLN A 12 -9.12 -1.91 0.12
C GLN A 12 -7.62 -2.22 -0.11
N ARG A 13 -7.34 -3.44 -0.58
CA ARG A 13 -6.01 -3.95 -1.03
C ARG A 13 -4.94 -4.05 0.05
N GLY A 14 -5.36 -4.24 1.31
CA GLY A 14 -4.55 -4.77 2.43
C GLY A 14 -3.42 -3.88 2.98
N HIS A 15 -2.99 -2.85 2.25
CA HIS A 15 -1.92 -1.94 2.66
C HIS A 15 -2.42 -0.87 3.63
N LEU A 16 -2.59 -1.31 4.88
CA LEU A 16 -3.00 -0.54 6.07
C LEU A 16 -2.08 0.66 6.37
N LYS A 17 -2.39 1.43 7.43
CA LYS A 17 -1.77 2.73 7.79
C LYS A 17 -0.26 2.80 7.52
N LYS A 18 0.52 1.97 8.22
CA LYS A 18 1.99 1.85 8.11
C LYS A 18 2.50 1.04 6.90
N ASP A 19 1.62 0.29 6.24
CA ASP A 19 1.92 -0.51 5.04
C ASP A 19 1.70 0.25 3.73
N CYS A 20 1.00 1.39 3.76
CA CYS A 20 0.87 2.30 2.62
C CYS A 20 2.21 2.92 2.18
N PRO A 21 3.00 3.58 3.07
CA PRO A 21 4.37 3.99 2.74
C PRO A 21 5.34 2.79 2.76
N HIS A 22 6.45 2.88 2.01
CA HIS A 22 7.45 1.81 1.89
C HIS A 22 8.89 2.22 2.29
N ILE A 23 9.11 3.47 2.71
CA ILE A 23 10.43 4.04 3.05
C ILE A 23 10.72 4.13 4.56
N ILE A 24 9.93 3.41 5.37
CA ILE A 24 9.87 3.55 6.84
C ILE A 24 10.54 2.34 7.52
N CYS A 25 11.38 2.56 8.54
CA CYS A 25 11.98 1.48 9.34
C CYS A 25 11.09 1.07 10.53
N SER A 26 11.04 -0.23 10.80
CA SER A 26 10.04 -0.89 11.66
C SER A 26 10.17 -0.55 13.15
N TYR A 27 9.02 -0.30 13.80
CA TYR A 27 8.88 0.24 15.16
C TYR A 27 9.70 1.53 15.44
N CYS A 28 10.20 2.20 14.39
CA CYS A 28 11.24 3.22 14.48
C CYS A 28 11.12 4.28 13.37
N GLY A 29 9.92 4.57 12.87
CA GLY A 29 9.76 5.53 11.77
C GLY A 29 8.34 6.09 11.60
N ALA A 30 8.27 7.29 11.03
CA ALA A 30 7.05 8.02 10.73
C ALA A 30 7.17 8.75 9.39
N THR A 31 6.10 8.77 8.61
CA THR A 31 6.10 9.27 7.22
C THR A 31 6.30 10.80 7.10
N ASP A 32 6.01 11.57 8.16
CA ASP A 32 6.17 13.04 8.18
C ASP A 32 6.77 13.62 9.49
N ASP A 33 7.36 12.78 10.35
CA ASP A 33 7.83 13.18 11.70
C ASP A 33 9.19 12.61 12.12
N HIS A 34 9.83 11.79 11.28
CA HIS A 34 11.06 11.05 11.58
C HIS A 34 12.31 11.62 10.90
N TYR A 35 13.47 11.46 11.54
CA TYR A 35 14.80 11.72 10.98
C TYR A 35 15.82 10.67 11.45
N SER A 36 16.79 10.34 10.60
CA SER A 36 17.78 9.27 10.79
C SER A 36 18.57 9.35 12.10
N ARG A 37 18.99 10.57 12.50
CA ARG A 37 19.73 10.81 13.76
C ARG A 37 18.84 10.83 15.00
N HIS A 38 17.52 10.91 14.84
CA HIS A 38 16.53 10.95 15.93
C HIS A 38 15.77 9.62 16.12
N CYS A 39 15.79 8.74 15.11
CA CYS A 39 15.30 7.35 15.04
C CYS A 39 14.18 6.96 16.04
N PRO A 40 14.44 6.49 17.29
CA PRO A 40 13.45 5.71 18.05
C PRO A 40 12.21 6.47 18.55
N LYS A 41 12.26 7.80 18.66
CA LYS A 41 11.20 8.64 19.25
C LYS A 41 10.00 8.90 18.31
N ALA A 42 10.01 8.36 17.09
CA ALA A 42 8.98 8.60 16.07
C ALA A 42 7.63 7.91 16.33
N ILE A 43 7.59 6.86 17.15
CA ILE A 43 6.37 6.13 17.57
C ILE A 43 6.38 5.99 19.10
N GLN A 44 5.21 6.13 19.74
CA GLN A 44 5.06 6.00 21.19
C GLN A 44 3.70 5.42 21.63
N CYS A 45 3.66 4.93 22.87
CA CYS A 45 2.46 4.55 23.59
C CYS A 45 1.55 5.77 23.92
N SER A 46 0.27 5.52 24.13
CA SER A 46 -0.73 6.51 24.56
C SER A 46 -0.50 7.07 25.97
N LYS A 47 0.30 6.39 26.81
CA LYS A 47 0.49 6.68 28.24
C LYS A 47 1.97 6.79 28.69
N CYS A 48 2.94 6.57 27.80
CA CYS A 48 4.37 6.86 28.03
C CYS A 48 5.09 7.24 26.73
N ASP A 49 6.21 7.97 26.83
CA ASP A 49 7.04 8.29 25.64
C ASP A 49 7.78 7.05 25.11
N GLU A 50 8.06 7.04 23.80
CA GLU A 50 8.57 5.87 23.06
C GLU A 50 7.63 4.63 23.12
N VAL A 51 7.96 3.56 22.40
CA VAL A 51 7.31 2.24 22.56
C VAL A 51 7.83 1.55 23.82
N GLY A 52 7.42 2.09 24.98
CA GLY A 52 8.06 1.95 26.28
C GLY A 52 7.89 0.60 27.00
N HIS A 53 7.22 0.62 28.16
CA HIS A 53 7.37 -0.35 29.25
C HIS A 53 6.90 -1.80 29.00
N TYR A 54 6.22 -2.08 27.88
CA TYR A 54 5.78 -3.43 27.51
C TYR A 54 6.20 -3.81 26.08
N ARG A 55 7.02 -4.87 25.96
CA ARG A 55 7.36 -5.64 24.75
C ARG A 55 7.69 -4.83 23.49
N SER A 56 8.14 -3.59 23.64
CA SER A 56 8.36 -2.61 22.56
C SER A 56 7.13 -2.38 21.66
N GLN A 57 5.93 -2.53 22.22
CA GLN A 57 4.65 -2.47 21.50
C GLN A 57 3.51 -1.84 22.33
N CYS A 58 3.49 -2.04 23.66
CA CYS A 58 2.43 -1.61 24.59
C CYS A 58 0.98 -1.91 24.10
N PRO A 59 0.61 -3.18 23.83
CA PRO A 59 -0.76 -3.56 23.46
C PRO A 59 -1.74 -3.47 24.63
N HIS A 60 -3.04 -3.61 24.34
CA HIS A 60 -4.13 -3.72 25.32
C HIS A 60 -5.10 -4.88 25.00
N LYS A 61 -5.84 -5.36 26.02
CA LYS A 61 -6.77 -6.50 25.93
C LYS A 61 -8.17 -6.07 25.46
N TRP A 62 -8.79 -6.89 24.61
CA TRP A 62 -10.16 -6.68 24.11
C TRP A 62 -11.24 -7.00 25.17
N LYS A 63 -12.44 -6.44 24.98
CA LYS A 63 -13.66 -6.68 25.79
C LYS A 63 -14.84 -7.14 24.92
N LYS A 64 -14.57 -8.01 23.95
CA LYS A 64 -15.56 -8.53 22.98
C LYS A 64 -16.56 -9.49 23.65
N VAL A 65 -17.77 -9.62 23.09
CA VAL A 65 -18.84 -10.47 23.64
C VAL A 65 -18.51 -11.97 23.47
N GLN A 66 -18.65 -12.74 24.56
CA GLN A 66 -18.27 -14.17 24.65
C GLN A 66 -19.48 -15.14 24.60
N CYS A 67 -20.69 -14.63 24.34
CA CYS A 67 -21.93 -15.42 24.40
C CYS A 67 -22.15 -16.42 23.25
N THR A 68 -21.43 -16.25 22.14
CA THR A 68 -21.62 -16.88 20.82
C THR A 68 -22.93 -16.59 20.08
N LEU A 69 -24.09 -16.69 20.75
CA LEU A 69 -25.42 -16.51 20.15
C LEU A 69 -25.92 -15.05 20.10
N CYS A 70 -25.11 -14.11 20.58
CA CYS A 70 -25.44 -12.67 20.64
C CYS A 70 -24.59 -11.83 19.68
N LYS A 71 -25.13 -10.66 19.32
CA LYS A 71 -24.41 -9.51 18.75
C LYS A 71 -24.47 -8.33 19.72
N SER A 72 -23.56 -7.37 19.56
CA SER A 72 -23.38 -6.25 20.50
C SER A 72 -24.45 -5.17 20.43
N LYS A 73 -25.17 -5.07 19.30
CA LYS A 73 -26.23 -4.09 19.09
C LYS A 73 -27.45 -4.35 20.01
N LYS A 74 -27.95 -3.28 20.64
CA LYS A 74 -29.13 -3.24 21.51
C LYS A 74 -29.16 -4.35 22.59
N HIS A 75 -27.98 -4.72 23.11
CA HIS A 75 -27.81 -5.88 23.98
C HIS A 75 -28.16 -5.57 25.44
N SER A 76 -28.96 -6.43 26.07
CA SER A 76 -29.35 -6.32 27.49
C SER A 76 -28.44 -7.13 28.40
N LYS A 77 -27.63 -6.44 29.20
CA LYS A 77 -26.64 -7.06 30.10
C LYS A 77 -27.31 -7.94 31.16
N GLU A 78 -26.75 -9.13 31.37
CA GLU A 78 -27.27 -10.21 32.22
C GLU A 78 -28.71 -10.68 31.90
N ARG A 79 -29.22 -10.40 30.70
CA ARG A 79 -30.55 -10.81 30.20
C ARG A 79 -30.51 -11.47 28.82
N CYS A 80 -29.69 -10.92 27.91
CA CYS A 80 -29.47 -11.33 26.52
C CYS A 80 -30.70 -11.20 25.57
N PRO A 81 -30.49 -10.92 24.27
CA PRO A 81 -31.56 -10.96 23.26
C PRO A 81 -32.06 -12.38 22.97
N SER A 82 -31.16 -13.36 23.04
CA SER A 82 -31.40 -14.79 22.79
C SER A 82 -30.95 -15.65 23.97
N ILE A 83 -31.59 -16.82 24.15
CA ILE A 83 -31.37 -17.72 25.29
C ILE A 83 -31.31 -19.22 24.92
N TRP A 84 -31.98 -19.64 23.84
CA TRP A 84 -32.28 -21.06 23.60
C TRP A 84 -31.29 -21.77 22.65
N ARG A 85 -30.53 -21.02 21.85
CA ARG A 85 -29.61 -21.54 20.82
C ARG A 85 -28.16 -21.74 21.32
N ALA A 86 -27.99 -21.96 22.63
CA ALA A 86 -26.69 -22.03 23.31
C ALA A 86 -26.04 -23.44 23.32
N TYR A 87 -26.75 -24.49 22.89
CA TYR A 87 -26.30 -25.89 23.03
C TYR A 87 -25.32 -26.35 21.94
N ILE A 88 -25.25 -25.66 20.80
CA ILE A 88 -24.38 -26.01 19.66
C ILE A 88 -22.98 -25.37 19.82
N LEU A 89 -21.93 -26.16 19.62
CA LEU A 89 -20.52 -25.79 19.88
C LEU A 89 -19.59 -25.96 18.64
N VAL A 90 -20.14 -26.25 17.46
CA VAL A 90 -19.37 -26.62 16.25
C VAL A 90 -18.85 -25.36 15.53
N ASP A 91 -17.53 -25.16 15.56
CA ASP A 91 -16.81 -24.12 14.81
C ASP A 91 -15.31 -24.51 14.61
N ASP A 92 -14.78 -24.30 13.41
CA ASP A 92 -13.38 -24.56 13.05
C ASP A 92 -12.89 -23.70 11.86
N ASN A 93 -11.58 -23.40 11.84
CA ASN A 93 -10.86 -22.70 10.76
C ASN A 93 -9.39 -23.12 10.67
N GLU A 94 -8.68 -22.69 9.62
CA GLU A 94 -7.24 -22.96 9.41
C GLU A 94 -6.35 -21.79 9.86
N LYS A 95 -5.19 -22.11 10.45
CA LYS A 95 -4.28 -21.14 11.10
C LYS A 95 -2.80 -21.40 10.78
N ALA A 96 -2.30 -22.60 11.11
CA ALA A 96 -0.91 -22.99 10.87
C ALA A 96 -0.60 -23.31 9.39
N LYS A 97 0.67 -23.21 9.00
CA LYS A 97 1.17 -23.43 7.63
C LYS A 97 2.60 -24.01 7.60
N PRO A 98 2.98 -24.88 6.64
CA PRO A 98 4.32 -25.48 6.58
C PRO A 98 5.45 -24.50 6.20
N LYS A 99 5.16 -23.51 5.34
CA LYS A 99 6.10 -22.51 4.82
C LYS A 99 5.46 -21.11 4.77
N VAL A 100 6.30 -20.07 4.74
CA VAL A 100 5.91 -18.65 4.75
C VAL A 100 6.42 -17.86 3.52
N LEU A 101 7.22 -18.48 2.65
CA LEU A 101 7.77 -17.84 1.44
C LEU A 101 6.65 -17.55 0.41
N PRO A 102 6.47 -16.29 -0.05
CA PRO A 102 5.36 -15.92 -0.93
C PRO A 102 5.60 -16.28 -2.41
N PHE A 103 4.49 -16.36 -3.15
CA PHE A 103 4.40 -16.56 -4.60
C PHE A 103 3.20 -15.77 -5.16
N HIS A 104 3.20 -15.45 -6.46
CA HIS A 104 2.21 -14.53 -7.04
C HIS A 104 0.79 -15.11 -7.17
N THR A 105 0.64 -16.44 -7.23
CA THR A 105 -0.65 -17.14 -7.40
C THR A 105 -1.36 -17.42 -6.06
N ILE A 106 -1.69 -16.34 -5.35
CA ILE A 106 -2.23 -16.34 -3.98
C ILE A 106 -3.68 -16.82 -3.84
N TYR A 107 -4.27 -17.42 -4.88
CA TYR A 107 -5.73 -17.39 -5.10
C TYR A 107 -6.52 -18.64 -4.66
N CYS A 108 -5.93 -19.60 -3.93
CA CYS A 108 -6.54 -20.90 -3.59
C CYS A 108 -6.97 -21.79 -4.78
N TYR A 109 -7.21 -23.08 -4.52
CA TYR A 109 -7.39 -24.09 -5.58
C TYR A 109 -8.71 -23.95 -6.37
N ASN A 110 -9.72 -23.22 -5.84
CA ASN A 110 -10.92 -22.87 -6.60
C ASN A 110 -10.61 -21.94 -7.79
N CYS A 111 -9.59 -21.09 -7.64
CA CYS A 111 -9.09 -20.15 -8.64
C CYS A 111 -7.84 -20.65 -9.39
N GLY A 112 -7.31 -21.83 -9.02
CA GLY A 112 -6.07 -22.41 -9.56
C GLY A 112 -4.77 -21.98 -8.87
N GLY A 113 -4.85 -21.26 -7.74
CA GLY A 113 -3.72 -20.84 -6.89
C GLY A 113 -3.64 -21.62 -5.56
N LYS A 114 -2.98 -21.02 -4.57
CA LYS A 114 -2.85 -21.50 -3.17
C LYS A 114 -2.93 -20.33 -2.17
N GLY A 115 -3.41 -20.58 -0.95
CA GLY A 115 -3.48 -19.59 0.15
C GLY A 115 -4.75 -18.73 0.20
N HIS A 116 -4.60 -17.51 0.75
CA HIS A 116 -5.64 -16.53 1.13
C HIS A 116 -6.84 -17.10 1.94
N PHE A 117 -7.95 -16.37 1.99
CA PHE A 117 -9.25 -16.79 2.55
C PHE A 117 -9.95 -17.92 1.76
N GLY A 118 -9.18 -18.88 1.23
CA GLY A 118 -9.64 -20.09 0.54
C GLY A 118 -10.71 -20.88 1.31
N ASP A 119 -10.66 -20.81 2.64
CA ASP A 119 -11.66 -21.35 3.57
C ASP A 119 -13.11 -20.86 3.30
N ASP A 120 -13.27 -19.59 2.94
CA ASP A 120 -14.54 -18.96 2.56
C ASP A 120 -14.73 -18.92 1.02
N CYS A 121 -13.63 -18.74 0.29
CA CYS A 121 -13.60 -18.62 -1.18
C CYS A 121 -13.91 -19.95 -1.92
N LYS A 122 -14.02 -21.07 -1.20
CA LYS A 122 -14.52 -22.36 -1.72
C LYS A 122 -16.06 -22.44 -1.84
N GLU A 123 -16.79 -21.44 -1.33
CA GLU A 123 -18.26 -21.31 -1.48
C GLU A 123 -18.64 -20.17 -2.43
N LYS A 124 -19.75 -20.35 -3.17
CA LYS A 124 -20.39 -19.37 -4.07
C LYS A 124 -21.90 -19.61 -4.16
ZN ZN B . -9.93 -18.12 -4.20
ZN ZN C . -25.31 -12.07 25.63
ZN ZN D . 3.21 2.13 27.46
ZN ZN E . 14.51 4.95 12.70
ZN ZN F . -3.15 3.43 0.18
#